data_4IJI
#
_entry.id   4IJI
#
_cell.length_a   54.763
_cell.length_b   190.002
_cell.length_c   83.600
_cell.angle_alpha   90.00
_cell.angle_beta   101.67
_cell.angle_gamma   90.00
#
_symmetry.space_group_name_H-M   'P 1 21 1'
#
loop_
_entity.id
_entity.type
_entity.pdbx_description
1 polymer 'Glutathione S-transferase-like protein YibF'
2 non-polymer L-gamma-glutamyl-S-(2-carboxyethyl)-L-cysteinylglycine
3 non-polymer 'BENZOIC ACID'
4 non-polymer 'ACRYLIC ACID'
5 water water
#
_entity_poly.entity_id   1
_entity_poly.type   'polypeptide(L)'
_entity_poly.pdbx_seq_one_letter_code
;(MSE)SLTLFHNPASPYVRKV(MSE)VLLHETGQLNRVALQASQLSPVAPDAALNQDNPLGKIPALRLDNGQVLYDSRVI
LDYLDQQHVGNPLIPRDGSARWRRLTLAALADGI(MSE)DASVLVRYELALRAPEKHWEQWLDGQRDKIRRALAVLEAEA
IAELASHFDIAAISVACALGYLDFRHPDLEWRQDHPQLAAWYFEISQRPS(MSE)LATRPPVEGHHHHHH
;
_entity_poly.pdbx_strand_id   A,B,C,D,E,F,G,H
#
loop_
_chem_comp.id
_chem_comp.type
_chem_comp.name
_chem_comp.formula
99T non-polymer L-gamma-glutamyl-S-(2-carboxyethyl)-L-cysteinylglycine 'C13 H21 N3 O8 S'
AKR non-polymer 'ACRYLIC ACID' 'C3 H4 O2'
BEZ non-polymer 'BENZOIC ACID' 'C7 H6 O2'
#
# COMPACT_ATOMS: atom_id res chain seq x y z
N SER A 2 1.49 7.71 -5.42
CA SER A 2 2.36 7.18 -4.38
C SER A 2 1.94 7.70 -2.99
N LEU A 3 2.75 7.39 -1.98
CA LEU A 3 2.69 8.07 -0.70
C LEU A 3 3.65 9.25 -0.74
N THR A 4 3.26 10.38 -0.16
CA THR A 4 4.14 11.55 -0.10
C THR A 4 4.23 12.04 1.35
N LEU A 5 5.46 12.16 1.84
CA LEU A 5 5.67 12.64 3.20
C LEU A 5 6.28 14.03 3.16
N PHE A 6 5.64 14.99 3.83
CA PHE A 6 6.25 16.29 4.03
C PHE A 6 7.39 16.13 5.03
N HIS A 7 8.56 16.62 4.66
CA HIS A 7 9.82 16.20 5.28
C HIS A 7 10.82 17.35 5.38
N ASN A 8 11.57 17.37 6.48
CA ASN A 8 12.90 17.97 6.47
C ASN A 8 13.84 17.17 7.37
N PRO A 9 15.16 17.35 7.24
CA PRO A 9 16.05 16.51 8.05
C PRO A 9 16.23 17.00 9.49
N ALA A 10 15.71 18.17 9.81
CA ALA A 10 15.84 18.69 11.18
C ALA A 10 14.78 18.15 12.14
N SER A 11 13.59 17.88 11.62
CA SER A 11 12.47 17.56 12.49
C SER A 11 12.58 16.18 13.12
N PRO A 12 12.52 16.10 14.46
CA PRO A 12 12.61 14.78 15.10
C PRO A 12 11.32 13.98 14.97
N TYR A 13 10.19 14.65 14.73
CA TYR A 13 8.94 13.93 14.50
C TYR A 13 8.96 13.29 13.11
N VAL A 14 9.49 14.01 12.13
CA VAL A 14 9.75 13.42 10.83
C VAL A 14 10.74 12.26 11.00
N ARG A 15 11.78 12.47 11.79
CA ARG A 15 12.76 11.41 11.96
C ARG A 15 12.17 10.09 12.47
N LYS A 16 11.22 10.17 13.41
CA LYS A 16 10.59 8.94 13.89
C LYS A 16 9.98 8.16 12.73
N VAL A 17 9.31 8.87 11.83
CA VAL A 17 8.72 8.25 10.65
C VAL A 17 9.79 7.63 9.75
N MSE A 18 10.87 8.36 9.52
CA MSE A 18 11.94 7.88 8.63
C MSE A 18 12.63 6.65 9.21
O MSE A 18 12.94 5.70 8.50
CB MSE A 18 12.94 9.00 8.33
CG MSE A 18 12.32 10.21 7.63
SE MSE A 18 11.55 9.75 5.90
CE MSE A 18 13.21 9.39 4.93
N VAL A 19 12.85 6.66 10.52
CA VAL A 19 13.47 5.53 11.20
C VAL A 19 12.56 4.31 11.10
N LEU A 20 11.26 4.48 11.32
CA LEU A 20 10.34 3.37 11.14
C LEU A 20 10.35 2.85 9.71
N LEU A 21 10.34 3.75 8.73
CA LEU A 21 10.40 3.32 7.33
C LEU A 21 11.64 2.49 7.04
N HIS A 22 12.78 2.94 7.56
N HIS A 22 12.77 2.93 7.57
CA HIS A 22 14.03 2.22 7.40
CA HIS A 22 14.04 2.22 7.38
C HIS A 22 13.94 0.85 8.05
C HIS A 22 14.03 0.87 8.08
N GLU A 23 13.58 0.85 9.34
CA GLU A 23 13.54 -0.38 10.12
C GLU A 23 12.63 -1.44 9.49
N THR A 24 11.53 -1.00 8.90
CA THR A 24 10.54 -1.92 8.33
C THR A 24 10.69 -2.18 6.83
N GLY A 25 11.69 -1.56 6.19
CA GLY A 25 11.94 -1.82 4.77
C GLY A 25 10.95 -1.19 3.81
N GLN A 26 10.48 0.02 4.13
CA GLN A 26 9.42 0.69 3.37
C GLN A 26 9.82 2.03 2.77
N LEU A 27 11.10 2.37 2.81
CA LEU A 27 11.52 3.67 2.32
C LEU A 27 11.14 3.92 0.87
N ASN A 28 11.22 2.88 0.05
CA ASN A 28 11.07 3.09 -1.39
C ASN A 28 9.61 3.25 -1.79
N ARG A 29 8.73 3.27 -0.81
CA ARG A 29 7.31 3.50 -1.09
C ARG A 29 6.92 4.96 -0.88
N VAL A 30 7.79 5.72 -0.22
CA VAL A 30 7.42 7.05 0.24
C VAL A 30 8.26 8.13 -0.44
N ALA A 31 7.60 8.99 -1.22
CA ALA A 31 8.26 10.16 -1.78
C ALA A 31 8.35 11.24 -0.71
N LEU A 32 9.40 12.04 -0.75
CA LEU A 32 9.60 13.12 0.20
C LEU A 32 9.31 14.45 -0.46
N GLN A 33 8.52 15.28 0.21
CA GLN A 33 8.35 16.66 -0.22
C GLN A 33 8.99 17.57 0.80
N ALA A 34 10.00 18.31 0.39
CA ALA A 34 10.74 19.19 1.30
C ALA A 34 9.83 20.28 1.84
N SER A 35 9.96 20.54 3.15
CA SER A 35 9.21 21.60 3.78
C SER A 35 10.14 22.37 4.71
N GLN A 36 10.23 23.68 4.49
CA GLN A 36 10.91 24.54 5.45
C GLN A 36 9.87 25.47 6.03
N LEU A 37 9.80 25.53 7.36
CA LEU A 37 8.63 26.15 7.98
C LEU A 37 8.88 26.50 9.44
N SER A 38 8.06 27.40 9.96
CA SER A 38 8.03 27.70 11.40
C SER A 38 6.69 28.36 11.66
N PRO A 39 6.32 28.56 12.95
CA PRO A 39 5.04 29.22 13.19
C PRO A 39 4.95 30.64 12.63
N VAL A 40 6.09 31.28 12.36
CA VAL A 40 6.07 32.63 11.81
C VAL A 40 6.49 32.65 10.32
N ALA A 41 6.72 31.47 9.75
CA ALA A 41 7.10 31.35 8.35
C ALA A 41 6.49 30.08 7.78
N PRO A 42 5.18 30.10 7.53
CA PRO A 42 4.55 28.84 7.17
C PRO A 42 4.84 28.40 5.74
N ASP A 43 4.63 27.12 5.50
CA ASP A 43 4.73 26.50 4.19
C ASP A 43 3.31 26.42 3.65
N ALA A 44 3.01 27.26 2.66
CA ALA A 44 1.63 27.32 2.17
C ALA A 44 1.18 26.04 1.49
N ALA A 45 2.13 25.31 0.89
CA ALA A 45 1.77 24.04 0.28
C ALA A 45 1.40 23.01 1.35
N LEU A 46 2.16 22.98 2.43
CA LEU A 46 1.85 22.10 3.53
C LEU A 46 0.49 22.42 4.15
N ASN A 47 0.19 23.71 4.31
CA ASN A 47 -1.05 24.12 4.99
C ASN A 47 -2.30 23.62 4.27
N GLN A 48 -2.22 23.43 2.97
CA GLN A 48 -3.36 22.91 2.21
C GLN A 48 -3.66 21.46 2.55
N ASP A 49 -2.64 20.74 3.04
CA ASP A 49 -2.82 19.35 3.44
C ASP A 49 -2.97 19.15 4.93
N ASN A 50 -2.13 19.84 5.72
CA ASN A 50 -2.28 19.84 7.16
C ASN A 50 -2.53 21.28 7.60
N PRO A 51 -3.77 21.60 7.96
CA PRO A 51 -4.05 23.00 8.31
C PRO A 51 -3.26 23.50 9.53
N LEU A 52 -2.76 22.58 10.35
CA LEU A 52 -1.96 22.99 11.51
C LEU A 52 -0.59 23.53 11.13
N GLY A 53 -0.17 23.32 9.88
CA GLY A 53 1.12 23.82 9.46
C GLY A 53 2.26 23.13 10.17
N LYS A 54 2.16 21.81 10.35
CA LYS A 54 3.25 21.06 10.97
C LYS A 54 3.63 19.84 10.15
N ILE A 55 4.90 19.44 10.25
CA ILE A 55 5.35 18.20 9.65
C ILE A 55 5.73 17.22 10.76
N PRO A 56 5.60 15.91 10.50
CA PRO A 56 5.22 15.26 9.24
C PRO A 56 3.72 15.32 8.94
N ALA A 57 3.43 15.21 7.66
CA ALA A 57 2.10 14.93 7.16
C ALA A 57 2.29 13.95 6.02
N LEU A 58 1.38 13.00 5.89
CA LEU A 58 1.51 11.94 4.90
C LEU A 58 0.30 11.96 3.97
N ARG A 59 0.56 12.20 2.69
CA ARG A 59 -0.51 12.16 1.70
C ARG A 59 -0.58 10.74 1.15
N LEU A 60 -1.76 10.12 1.28
CA LEU A 60 -1.97 8.77 0.78
C LEU A 60 -2.21 8.81 -0.75
N ASP A 61 -2.32 7.63 -1.36
CA ASP A 61 -2.48 7.56 -2.81
C ASP A 61 -3.70 8.33 -3.32
N ASN A 62 -4.78 8.32 -2.55
CA ASN A 62 -6.03 8.98 -2.95
C ASN A 62 -6.10 10.46 -2.58
N GLY A 63 -5.05 10.98 -1.96
CA GLY A 63 -5.02 12.37 -1.57
C GLY A 63 -5.51 12.64 -0.15
N GLN A 64 -5.98 11.61 0.55
CA GLN A 64 -6.29 11.78 1.97
C GLN A 64 -4.98 12.03 2.70
N VAL A 65 -5.02 12.89 3.71
CA VAL A 65 -3.80 13.27 4.41
C VAL A 65 -3.87 12.83 5.87
N LEU A 66 -2.81 12.17 6.32
CA LEU A 66 -2.70 11.79 7.74
C LEU A 66 -1.72 12.69 8.49
N TYR A 67 -2.06 12.99 9.74
CA TYR A 67 -1.16 13.70 10.67
C TYR A 67 -1.79 13.47 12.05
N ASP A 68 -1.09 13.68 13.17
CA ASP A 68 0.33 14.05 13.24
C ASP A 68 1.22 12.80 13.22
N SER A 69 2.44 12.91 13.72
CA SER A 69 3.39 11.81 13.59
C SER A 69 2.89 10.50 14.18
N ARG A 70 2.18 10.54 15.31
CA ARG A 70 1.74 9.27 15.90
C ARG A 70 0.74 8.55 15.01
N VAL A 71 -0.10 9.32 14.33
CA VAL A 71 -1.10 8.73 13.45
C VAL A 71 -0.39 8.13 12.24
N ILE A 72 0.58 8.85 11.72
CA ILE A 72 1.37 8.36 10.58
C ILE A 72 2.14 7.09 10.92
N LEU A 73 2.77 7.06 12.10
CA LEU A 73 3.49 5.85 12.56
C LEU A 73 2.56 4.65 12.69
N ASP A 74 1.38 4.88 13.24
CA ASP A 74 0.37 3.83 13.42
C ASP A 74 -0.02 3.24 12.07
N TYR A 75 -0.30 4.11 11.10
CA TYR A 75 -0.63 3.68 9.75
C TYR A 75 0.51 2.89 9.10
N LEU A 76 1.72 3.42 9.17
CA LEU A 76 2.83 2.79 8.45
C LEU A 76 3.23 1.47 9.07
N ASP A 77 3.01 1.33 10.38
CA ASP A 77 3.35 0.06 11.03
C ASP A 77 2.46 -1.08 10.58
N GLN A 78 1.33 -0.76 9.93
CA GLN A 78 0.46 -1.82 9.40
C GLN A 78 0.66 -2.06 7.92
N GLN A 79 1.63 -1.38 7.31
CA GLN A 79 1.86 -1.51 5.87
C GLN A 79 3.02 -2.43 5.51
N HIS A 80 3.60 -3.09 6.52
CA HIS A 80 4.66 -4.07 6.31
C HIS A 80 4.25 -5.34 7.03
N VAL A 81 4.91 -6.44 6.70
CA VAL A 81 4.49 -7.74 7.24
C VAL A 81 5.50 -8.30 8.23
N GLY A 82 6.41 -7.46 8.71
CA GLY A 82 7.37 -7.87 9.72
C GLY A 82 6.79 -7.71 11.11
N ASN A 83 7.60 -7.91 12.15
CA ASN A 83 7.11 -7.72 13.50
C ASN A 83 6.69 -6.27 13.69
N PRO A 84 5.49 -6.04 14.25
CA PRO A 84 5.03 -4.66 14.47
C PRO A 84 5.93 -3.92 15.43
N LEU A 85 6.10 -2.63 15.17
CA LEU A 85 6.87 -1.79 16.09
C LEU A 85 5.95 -1.13 17.11
N ILE A 86 4.65 -1.22 16.89
CA ILE A 86 3.67 -0.78 17.88
C ILE A 86 2.81 -1.99 18.25
N PRO A 87 2.86 -2.44 19.52
CA PRO A 87 2.06 -3.61 19.91
C PRO A 87 0.58 -3.34 19.66
N ARG A 88 -0.15 -4.29 19.07
CA ARG A 88 -1.52 -3.97 18.69
C ARG A 88 -2.55 -4.38 19.73
N ASP A 89 -2.12 -5.22 20.66
CA ASP A 89 -2.98 -5.68 21.74
C ASP A 89 -2.22 -5.60 23.07
N GLY A 90 -2.95 -5.62 24.17
CA GLY A 90 -2.34 -5.86 25.47
C GLY A 90 -1.63 -4.74 26.21
N SER A 91 -1.19 -5.06 27.42
N SER A 91 -1.18 -5.08 27.42
CA SER A 91 -0.53 -4.10 28.30
CA SER A 91 -0.52 -4.12 28.31
C SER A 91 0.72 -3.53 27.67
C SER A 91 0.72 -3.53 27.67
N ALA A 92 1.42 -4.34 26.86
CA ALA A 92 2.63 -3.86 26.22
C ALA A 92 2.32 -2.67 25.34
N ARG A 93 1.16 -2.68 24.70
CA ARG A 93 0.79 -1.55 23.85
C ARG A 93 0.84 -0.24 24.63
N TRP A 94 0.20 -0.23 25.79
CA TRP A 94 0.08 1.03 26.51
C TRP A 94 1.36 1.43 27.25
N ARG A 95 2.16 0.46 27.67
CA ARG A 95 3.48 0.79 28.20
C ARG A 95 4.39 1.36 27.13
N ARG A 96 4.46 0.70 25.96
CA ARG A 96 5.35 1.20 24.93
C ARG A 96 4.87 2.56 24.42
N LEU A 97 3.55 2.74 24.32
CA LEU A 97 3.04 4.03 23.85
C LEU A 97 3.21 5.15 24.87
N THR A 98 3.18 4.80 26.16
CA THR A 98 3.47 5.77 27.20
C THR A 98 4.93 6.21 27.14
N LEU A 99 5.84 5.26 26.96
CA LEU A 99 7.25 5.63 26.82
C LEU A 99 7.46 6.52 25.60
N ALA A 100 6.77 6.19 24.51
CA ALA A 100 6.83 7.02 23.32
C ALA A 100 6.29 8.42 23.63
N ALA A 101 5.23 8.49 24.42
CA ALA A 101 4.67 9.77 24.81
C ALA A 101 5.61 10.59 25.69
N LEU A 102 6.34 9.91 26.57
CA LEU A 102 7.37 10.58 27.35
C LEU A 102 8.36 11.26 26.39
N ALA A 103 8.83 10.51 25.41
CA ALA A 103 9.79 11.03 24.44
C ALA A 103 9.18 12.18 23.66
N ASP A 104 7.93 12.04 23.24
CA ASP A 104 7.28 13.12 22.50
C ASP A 104 7.18 14.39 23.35
N GLY A 105 6.98 14.23 24.66
CA GLY A 105 6.97 15.36 25.58
C GLY A 105 8.31 16.06 25.64
N ILE A 106 9.40 15.29 25.62
CA ILE A 106 10.73 15.91 25.60
C ILE A 106 10.89 16.69 24.31
N MSE A 107 10.47 16.10 23.19
CA MSE A 107 10.56 16.77 21.89
C MSE A 107 9.72 18.03 21.85
O MSE A 107 10.18 19.06 21.38
CB MSE A 107 10.10 15.85 20.76
CG MSE A 107 11.14 14.81 20.40
SE MSE A 107 10.62 13.68 18.92
CE MSE A 107 10.14 12.04 19.86
N ASP A 108 8.48 17.94 22.35
CA ASP A 108 7.60 19.11 22.34
C ASP A 108 8.23 20.29 23.10
N ALA A 109 8.76 20.01 24.27
CA ALA A 109 9.40 21.04 25.08
C ALA A 109 10.65 21.56 24.39
N SER A 110 11.40 20.65 23.76
CA SER A 110 12.66 21.02 23.10
C SER A 110 12.41 21.94 21.91
N VAL A 111 11.33 21.66 21.17
CA VAL A 111 10.95 22.47 20.04
C VAL A 111 10.49 23.86 20.47
N LEU A 112 9.66 23.94 21.50
CA LEU A 112 9.25 25.25 22.00
C LEU A 112 10.44 26.08 22.47
N VAL A 113 11.41 25.43 23.09
CA VAL A 113 12.63 26.11 23.51
C VAL A 113 13.48 26.56 22.31
N ARG A 114 13.60 25.72 21.30
CA ARG A 114 14.25 26.13 20.06
C ARG A 114 13.60 27.39 19.48
N TYR A 115 12.28 27.43 19.43
CA TYR A 115 11.60 28.57 18.82
C TYR A 115 11.81 29.83 19.68
N GLU A 116 11.77 29.66 21.01
CA GLU A 116 12.02 30.79 21.91
C GLU A 116 13.40 31.37 21.68
N LEU A 117 14.42 30.50 21.67
CA LEU A 117 15.80 30.97 21.62
C LEU A 117 16.23 31.42 20.22
N ALA A 118 15.78 30.73 19.19
CA ALA A 118 16.24 31.01 17.83
C ALA A 118 15.38 32.03 17.08
N LEU A 119 14.09 32.11 17.41
CA LEU A 119 13.19 32.97 16.64
C LEU A 119 12.72 34.21 17.38
N ARG A 120 12.38 34.07 18.65
CA ARG A 120 11.90 35.21 19.43
C ARG A 120 13.05 36.15 19.80
N ALA A 121 12.78 37.46 19.79
CA ALA A 121 13.80 38.47 20.12
C ALA A 121 14.35 38.22 21.52
N PRO A 122 15.68 38.32 21.69
CA PRO A 122 16.36 38.01 22.95
C PRO A 122 15.81 38.76 24.17
N GLU A 123 15.42 40.01 24.00
CA GLU A 123 14.89 40.79 25.10
C GLU A 123 13.50 40.31 25.53
N LYS A 124 12.88 39.47 24.70
CA LYS A 124 11.58 38.87 25.01
C LYS A 124 11.68 37.43 25.51
N HIS A 125 12.89 36.91 25.67
CA HIS A 125 13.06 35.56 26.22
C HIS A 125 12.52 35.49 27.65
N TRP A 126 11.73 34.45 27.92
CA TRP A 126 11.07 34.29 29.20
C TRP A 126 11.86 33.27 30.02
N GLU A 127 12.82 33.77 30.80
CA GLU A 127 13.76 32.91 31.51
C GLU A 127 13.11 31.91 32.45
N GLN A 128 12.08 32.34 33.18
CA GLN A 128 11.42 31.47 34.14
C GLN A 128 10.75 30.30 33.43
N TRP A 129 10.14 30.55 32.29
CA TRP A 129 9.57 29.46 31.49
C TRP A 129 10.66 28.56 30.90
N LEU A 130 11.73 29.17 30.41
CA LEU A 130 12.86 28.39 29.87
C LEU A 130 13.42 27.45 30.92
N ASP A 131 13.60 27.96 32.13
CA ASP A 131 13.98 27.14 33.28
C ASP A 131 13.01 25.99 33.49
N GLY A 132 11.72 26.28 33.46
CA GLY A 132 10.70 25.26 33.61
C GLY A 132 10.81 24.15 32.60
N GLN A 133 11.03 24.52 31.34
CA GLN A 133 11.14 23.53 30.26
C GLN A 133 12.40 22.70 30.43
N ARG A 134 13.50 23.34 30.79
CA ARG A 134 14.75 22.65 31.09
C ARG A 134 14.53 21.58 32.17
N ASP A 135 13.83 21.96 33.23
CA ASP A 135 13.52 21.05 34.31
C ASP A 135 12.61 19.91 33.87
N LYS A 136 11.59 20.22 33.08
CA LYS A 136 10.67 19.18 32.60
C LYS A 136 11.39 18.12 31.77
N ILE A 137 12.33 18.58 30.96
CA ILE A 137 13.11 17.66 30.15
C ILE A 137 13.99 16.81 31.04
N ARG A 138 14.65 17.44 32.00
CA ARG A 138 15.54 16.69 32.90
C ARG A 138 14.80 15.64 33.71
N ARG A 139 13.59 15.98 34.19
CA ARG A 139 12.82 15.01 34.97
C ARG A 139 12.42 13.80 34.12
N ALA A 140 12.07 14.06 32.88
CA ALA A 140 11.71 12.98 31.98
C ALA A 140 12.89 12.05 31.73
N LEU A 141 14.06 12.63 31.52
CA LEU A 141 15.27 11.85 31.33
C LEU A 141 15.58 11.03 32.57
N ALA A 142 15.37 11.62 33.74
CA ALA A 142 15.64 10.90 34.98
C ALA A 142 14.73 9.69 35.12
N VAL A 143 13.48 9.81 34.68
CA VAL A 143 12.57 8.66 34.70
C VAL A 143 13.04 7.56 33.76
N LEU A 144 13.48 7.94 32.57
CA LEU A 144 14.02 6.95 31.64
C LEU A 144 15.21 6.22 32.26
N GLU A 145 16.13 6.98 32.84
CA GLU A 145 17.34 6.41 33.44
C GLU A 145 17.00 5.46 34.57
N ALA A 146 16.00 5.82 35.36
CA ALA A 146 15.67 5.08 36.57
C ALA A 146 14.77 3.88 36.30
N GLU A 147 13.94 3.97 35.27
CA GLU A 147 12.84 3.01 35.08
C GLU A 147 12.80 2.25 33.76
N ALA A 148 13.43 2.76 32.71
CA ALA A 148 13.11 2.29 31.36
C ALA A 148 14.27 1.73 30.53
N ILE A 149 15.48 1.70 31.08
CA ILE A 149 16.65 1.29 30.30
C ILE A 149 16.52 -0.12 29.71
N ALA A 150 16.23 -1.12 30.56
CA ALA A 150 16.07 -2.48 30.07
C ALA A 150 14.94 -2.54 29.04
N GLU A 151 13.86 -1.82 29.32
CA GLU A 151 12.71 -1.80 28.40
C GLU A 151 13.09 -1.26 27.02
N LEU A 152 13.87 -0.18 27.00
CA LEU A 152 14.28 0.41 25.72
C LEU A 152 15.18 -0.54 24.93
N ALA A 153 16.14 -1.14 25.62
CA ALA A 153 17.08 -2.04 24.96
C ALA A 153 16.44 -3.33 24.47
N SER A 154 15.29 -3.71 25.03
CA SER A 154 14.65 -4.99 24.71
C SER A 154 14.11 -5.09 23.27
N HIS A 155 13.69 -3.96 22.70
CA HIS A 155 13.12 -3.97 21.35
C HIS A 155 13.27 -2.57 20.78
N PHE A 156 13.84 -2.44 19.58
CA PHE A 156 13.93 -1.14 18.96
C PHE A 156 12.59 -0.85 18.25
N ASP A 157 11.62 -0.40 19.04
CA ASP A 157 10.24 -0.28 18.58
C ASP A 157 9.79 1.17 18.68
N ILE A 158 8.48 1.39 18.72
CA ILE A 158 7.96 2.74 18.83
C ILE A 158 8.52 3.53 20.01
N ALA A 159 8.71 2.89 21.15
CA ALA A 159 9.26 3.59 22.32
C ALA A 159 10.72 3.94 22.14
N ALA A 160 11.51 2.96 21.72
CA ALA A 160 12.94 3.15 21.53
C ALA A 160 13.20 4.18 20.44
N ILE A 161 12.50 4.05 19.31
CA ILE A 161 12.65 5.00 18.23
C ILE A 161 12.33 6.43 18.70
N SER A 162 11.22 6.59 19.42
CA SER A 162 10.82 7.92 19.86
C SER A 162 11.85 8.52 20.84
N VAL A 163 12.29 7.75 21.82
CA VAL A 163 13.32 8.24 22.73
C VAL A 163 14.59 8.61 21.96
N ALA A 164 15.02 7.74 21.06
CA ALA A 164 16.23 8.00 20.29
C ALA A 164 16.16 9.29 19.52
N CYS A 165 15.01 9.56 18.91
CA CYS A 165 14.85 10.78 18.14
C CYS A 165 14.84 12.02 19.03
N ALA A 166 14.30 11.89 20.25
CA ALA A 166 14.31 12.99 21.20
C ALA A 166 15.74 13.31 21.62
N LEU A 167 16.53 12.28 21.89
CA LEU A 167 17.92 12.50 22.29
C LEU A 167 18.72 13.11 21.15
N GLY A 168 18.52 12.63 19.94
CA GLY A 168 19.20 13.18 18.77
C GLY A 168 18.89 14.67 18.62
N TYR A 169 17.66 15.03 18.95
CA TYR A 169 17.21 16.42 18.79
C TYR A 169 17.81 17.32 19.84
N LEU A 170 17.94 16.80 21.07
CA LEU A 170 18.65 17.53 22.13
C LEU A 170 20.08 17.84 21.71
N ASP A 171 20.78 16.85 21.16
CA ASP A 171 22.17 17.06 20.72
C ASP A 171 22.25 18.09 19.59
N PHE A 172 21.26 18.06 18.71
CA PHE A 172 21.22 18.87 17.50
C PHE A 172 20.90 20.34 17.80
N ARG A 173 19.79 20.61 18.47
CA ARG A 173 19.34 21.97 18.71
C ARG A 173 19.84 22.53 20.04
N HIS A 174 20.11 21.67 21.00
CA HIS A 174 20.47 22.12 22.33
C HIS A 174 21.76 21.47 22.85
N PRO A 175 22.87 21.62 22.10
CA PRO A 175 24.09 20.88 22.47
C PRO A 175 24.64 21.31 23.82
N ASP A 176 24.32 22.52 24.26
CA ASP A 176 24.86 23.01 25.52
C ASP A 176 24.05 22.55 26.74
N LEU A 177 22.92 21.89 26.49
CA LEU A 177 22.16 21.28 27.58
C LEU A 177 22.69 19.87 27.84
N GLU A 178 23.47 19.73 28.90
CA GLU A 178 24.04 18.43 29.24
C GLU A 178 22.95 17.44 29.65
N TRP A 179 22.98 16.25 29.05
CA TRP A 179 22.09 15.18 29.51
C TRP A 179 22.82 13.88 29.79
N ARG A 180 24.01 13.71 29.23
CA ARG A 180 24.72 12.45 29.42
C ARG A 180 25.24 12.25 30.84
N GLN A 181 25.72 13.33 31.47
CA GLN A 181 26.37 13.23 32.77
C GLN A 181 25.51 12.53 33.82
N ASP A 182 24.25 12.95 33.92
CA ASP A 182 23.34 12.45 34.96
C ASP A 182 22.58 11.21 34.53
N HIS A 183 22.67 10.86 33.24
CA HIS A 183 21.98 9.70 32.71
C HIS A 183 22.91 8.76 31.93
N PRO A 184 23.88 8.14 32.62
CA PRO A 184 24.88 7.32 31.95
C PRO A 184 24.33 6.06 31.26
N GLN A 185 23.33 5.41 31.85
CA GLN A 185 22.79 4.20 31.21
C GLN A 185 22.07 4.56 29.92
N LEU A 186 21.31 5.65 29.97
CA LEU A 186 20.63 6.15 28.78
C LEU A 186 21.64 6.59 27.73
N ALA A 187 22.73 7.23 28.16
CA ALA A 187 23.76 7.65 27.22
C ALA A 187 24.41 6.45 26.52
N ALA A 188 24.64 5.38 27.28
CA ALA A 188 25.27 4.20 26.72
C ALA A 188 24.35 3.52 25.72
N TRP A 189 23.08 3.38 26.07
CA TRP A 189 22.08 2.84 25.18
C TRP A 189 22.04 3.68 23.92
N TYR A 190 22.00 5.00 24.08
CA TYR A 190 21.89 5.88 22.91
C TYR A 190 23.11 5.74 22.00
N PHE A 191 24.29 5.62 22.59
CA PHE A 191 25.50 5.46 21.80
C PHE A 191 25.42 4.18 20.96
N GLU A 192 24.86 3.12 21.54
CA GLU A 192 24.74 1.84 20.84
C GLU A 192 23.72 1.90 19.70
N ILE A 193 22.52 2.39 19.98
CA ILE A 193 21.49 2.40 18.93
C ILE A 193 21.72 3.47 17.86
N SER A 194 22.58 4.44 18.15
CA SER A 194 22.95 5.42 17.14
C SER A 194 23.68 4.79 15.97
N GLN A 195 24.21 3.58 16.19
CA GLN A 195 24.95 2.87 15.16
C GLN A 195 24.06 2.03 14.26
N ARG A 196 22.77 1.96 14.59
CA ARG A 196 21.82 1.29 13.70
C ARG A 196 21.74 2.04 12.37
N PRO A 197 21.72 1.29 11.26
CA PRO A 197 21.62 1.92 9.94
C PRO A 197 20.48 2.95 9.84
N SER A 198 19.34 2.67 10.48
CA SER A 198 18.19 3.56 10.42
C SER A 198 18.48 4.89 11.09
N MSE A 199 19.32 4.86 12.13
CA MSE A 199 19.70 6.09 12.82
C MSE A 199 20.76 6.87 12.06
O MSE A 199 20.64 8.07 11.87
CB MSE A 199 20.14 5.79 14.25
CG MSE A 199 19.00 5.30 15.12
SE MSE A 199 17.68 6.71 15.53
CE MSE A 199 18.77 7.81 16.69
N LEU A 200 21.77 6.16 11.58
CA LEU A 200 22.82 6.79 10.80
C LEU A 200 22.27 7.48 9.55
N ALA A 201 21.27 6.87 8.93
CA ALA A 201 20.67 7.39 7.70
C ALA A 201 19.75 8.59 7.88
N THR A 202 19.40 8.91 9.12
CA THR A 202 18.38 9.92 9.39
C THR A 202 18.88 11.04 10.30
N ARG A 203 20.19 11.15 10.44
CA ARG A 203 20.79 12.20 11.26
C ARG A 203 20.44 13.59 10.74
N PRO A 204 20.27 14.56 11.65
CA PRO A 204 20.00 15.96 11.28
C PRO A 204 21.26 16.61 10.66
N PRO A 205 21.09 17.76 9.96
CA PRO A 205 22.22 18.37 9.23
C PRO A 205 23.26 19.05 10.12
N SER B 2 -2.97 -6.50 4.64
CA SER B 2 -1.68 -6.77 4.03
C SER B 2 -1.84 -7.29 2.61
N LEU B 3 -0.76 -7.27 1.84
CA LEU B 3 -0.70 -7.96 0.55
C LEU B 3 -0.31 -9.42 0.79
N THR B 4 -0.90 -10.33 0.02
CA THR B 4 -0.61 -11.77 0.16
C THR B 4 -0.37 -12.35 -1.23
N LEU B 5 0.81 -12.95 -1.42
CA LEU B 5 1.19 -13.53 -2.72
C LEU B 5 1.18 -15.05 -2.62
N PHE B 6 0.38 -15.70 -3.48
CA PHE B 6 0.46 -17.15 -3.59
C PHE B 6 1.76 -17.50 -4.30
N HIS B 7 2.54 -18.38 -3.69
CA HIS B 7 3.98 -18.47 -3.98
C HIS B 7 4.46 -19.90 -3.90
N ASN B 8 5.43 -20.26 -4.74
CA ASN B 8 6.36 -21.35 -4.44
C ASN B 8 7.68 -21.03 -5.12
N PRO B 9 8.78 -21.66 -4.69
CA PRO B 9 10.06 -21.22 -5.24
C PRO B 9 10.42 -21.88 -6.57
N ALA B 10 9.55 -22.77 -7.04
CA ALA B 10 9.78 -23.42 -8.33
C ALA B 10 9.32 -22.55 -9.51
N SER B 11 8.24 -21.80 -9.29
CA SER B 11 7.58 -21.08 -10.39
C SER B 11 8.37 -19.88 -10.91
N PRO B 12 8.65 -19.86 -12.21
CA PRO B 12 9.43 -18.74 -12.72
C PRO B 12 8.57 -17.49 -12.90
N TYR B 13 7.25 -17.67 -12.94
CA TYR B 13 6.35 -16.53 -13.01
C TYR B 13 6.28 -15.85 -11.64
N VAL B 14 6.21 -16.67 -10.61
CA VAL B 14 6.34 -16.18 -9.24
C VAL B 14 7.69 -15.50 -9.07
N ARG B 15 8.73 -16.10 -9.62
CA ARG B 15 10.07 -15.51 -9.48
C ARG B 15 10.15 -14.12 -10.06
N LYS B 16 9.52 -13.87 -11.20
CA LYS B 16 9.53 -12.50 -11.77
C LYS B 16 9.04 -11.48 -10.74
N VAL B 17 7.92 -11.82 -10.10
CA VAL B 17 7.36 -10.97 -9.07
C VAL B 17 8.33 -10.78 -7.91
N MSE B 18 8.90 -11.87 -7.43
CA MSE B 18 9.86 -11.78 -6.32
C MSE B 18 11.10 -10.96 -6.65
O MSE B 18 11.58 -10.18 -5.83
CB MSE B 18 10.25 -13.20 -5.85
CG MSE B 18 9.06 -14.02 -5.35
SE MSE B 18 8.13 -13.23 -3.82
CE MSE B 18 9.54 -13.43 -2.49
N VAL B 19 11.59 -11.13 -7.87
CA VAL B 19 12.75 -10.36 -8.32
C VAL B 19 12.41 -8.87 -8.38
N LEU B 20 11.23 -8.54 -8.90
CA LEU B 20 10.83 -7.14 -8.94
C LEU B 20 10.69 -6.56 -7.53
N LEU B 21 10.07 -7.32 -6.62
CA LEU B 21 9.97 -6.88 -5.22
C LEU B 21 11.35 -6.59 -4.64
N HIS B 22 12.30 -7.48 -4.88
N HIS B 22 12.31 -7.46 -4.92
CA HIS B 22 13.66 -7.28 -4.39
CA HIS B 22 13.66 -7.26 -4.37
C HIS B 22 14.28 -6.03 -4.99
C HIS B 22 14.33 -6.04 -5.00
N GLU B 23 14.19 -5.92 -6.31
CA GLU B 23 14.83 -4.84 -7.06
C GLU B 23 14.32 -3.47 -6.64
N THR B 24 13.05 -3.40 -6.26
CA THR B 24 12.39 -2.14 -5.97
C THR B 24 12.23 -1.89 -4.46
N GLY B 25 12.74 -2.80 -3.64
CA GLY B 25 12.76 -2.60 -2.19
C GLY B 25 11.39 -2.73 -1.52
N GLN B 26 10.58 -3.68 -2.00
CA GLN B 26 9.21 -3.85 -1.54
C GLN B 26 8.91 -5.21 -0.96
N LEU B 27 9.93 -6.00 -0.69
CA LEU B 27 9.68 -7.34 -0.17
C LEU B 27 8.90 -7.37 1.13
N ASN B 28 9.17 -6.42 2.03
CA ASN B 28 8.54 -6.48 3.34
C ASN B 28 7.09 -6.03 3.34
N ARG B 29 6.57 -5.72 2.16
CA ARG B 29 5.14 -5.43 2.07
C ARG B 29 4.28 -6.66 1.76
N VAL B 30 4.92 -7.76 1.36
CA VAL B 30 4.18 -8.90 0.82
C VAL B 30 4.35 -10.17 1.65
N ALA B 31 3.24 -10.69 2.17
CA ALA B 31 3.26 -11.98 2.86
C ALA B 31 3.14 -13.07 1.82
N LEU B 32 3.84 -14.17 2.04
CA LEU B 32 3.81 -15.30 1.12
C LEU B 32 2.87 -16.39 1.62
N GLN B 33 2.02 -16.89 0.74
CA GLN B 33 1.21 -18.07 1.06
C GLN B 33 1.66 -19.21 0.16
N ALA B 34 2.15 -20.27 0.78
CA ALA B 34 2.70 -21.41 0.05
C ALA B 34 1.63 -22.13 -0.76
N SER B 35 1.99 -22.49 -1.99
CA SER B 35 1.09 -23.21 -2.88
C SER B 35 1.81 -24.34 -3.60
N GLN B 36 1.28 -25.54 -3.48
CA GLN B 36 1.75 -26.66 -4.27
C GLN B 36 0.59 -27.06 -5.16
N LEU B 37 0.86 -27.20 -6.45
CA LEU B 37 -0.23 -27.33 -7.41
C LEU B 37 0.22 -27.82 -8.77
N SER B 38 -0.74 -28.37 -9.53
CA SER B 38 -0.57 -28.69 -10.95
C SER B 38 -1.96 -28.77 -11.56
N PRO B 39 -2.07 -28.91 -12.89
CA PRO B 39 -3.42 -29.00 -13.45
C PRO B 39 -4.19 -30.24 -13.02
N VAL B 40 -3.50 -31.28 -12.56
CA VAL B 40 -4.18 -32.51 -12.12
C VAL B 40 -4.19 -32.62 -10.60
N ALA B 41 -3.59 -31.66 -9.91
CA ALA B 41 -3.63 -31.62 -8.45
C ALA B 41 -3.80 -30.19 -7.99
N PRO B 42 -5.03 -29.68 -8.07
CA PRO B 42 -5.21 -28.24 -7.79
C PRO B 42 -5.03 -27.86 -6.32
N ASP B 43 -4.75 -26.59 -6.12
CA ASP B 43 -4.69 -25.99 -4.80
C ASP B 43 -6.03 -25.31 -4.58
N ALA B 44 -6.89 -25.92 -3.77
CA ALA B 44 -8.26 -25.43 -3.64
C ALA B 44 -8.31 -24.10 -2.91
N ALA B 45 -7.32 -23.84 -2.06
CA ALA B 45 -7.21 -22.54 -1.43
C ALA B 45 -6.92 -21.49 -2.51
N LEU B 46 -5.88 -21.74 -3.31
CA LEU B 46 -5.55 -20.83 -4.41
C LEU B 46 -6.75 -20.60 -5.35
N ASN B 47 -7.51 -21.66 -5.65
CA ASN B 47 -8.63 -21.52 -6.57
C ASN B 47 -9.69 -20.51 -6.12
N GLN B 48 -9.77 -20.28 -4.82
CA GLN B 48 -10.73 -19.33 -4.27
C GLN B 48 -10.31 -17.89 -4.51
N ASP B 49 -9.04 -17.71 -4.89
CA ASP B 49 -8.50 -16.38 -5.20
C ASP B 49 -8.28 -16.20 -6.71
N ASN B 50 -7.62 -17.19 -7.33
CA ASN B 50 -7.49 -17.21 -8.79
C ASN B 50 -8.13 -18.46 -9.32
N PRO B 51 -9.30 -18.31 -9.97
CA PRO B 51 -10.04 -19.49 -10.43
C PRO B 51 -9.28 -20.28 -11.48
N LEU B 52 -8.31 -19.65 -12.15
CA LEU B 52 -7.49 -20.38 -13.12
C LEU B 52 -6.59 -21.40 -12.47
N GLY B 53 -6.43 -21.33 -11.16
CA GLY B 53 -5.59 -22.28 -10.46
C GLY B 53 -4.14 -22.15 -10.88
N LYS B 54 -3.68 -20.90 -11.01
CA LYS B 54 -2.28 -20.64 -11.31
C LYS B 54 -1.65 -19.64 -10.36
N ILE B 55 -0.34 -19.78 -10.17
CA ILE B 55 0.43 -18.82 -9.37
C ILE B 55 1.40 -18.11 -10.31
N PRO B 56 1.73 -16.83 -10.04
CA PRO B 56 1.31 -16.05 -8.87
C PRO B 56 -0.11 -15.50 -8.91
N ALA B 57 -0.62 -15.20 -7.73
CA ALA B 57 -1.85 -14.44 -7.55
C ALA B 57 -1.61 -13.55 -6.34
N LEU B 58 -2.02 -12.30 -6.41
CA LEU B 58 -1.74 -11.32 -5.36
C LEU B 58 -3.06 -10.80 -4.78
N ARG B 59 -3.28 -11.09 -3.50
CA ARG B 59 -4.48 -10.62 -2.81
C ARG B 59 -4.16 -9.27 -2.19
N LEU B 60 -4.89 -8.24 -2.62
CA LEU B 60 -4.66 -6.89 -2.09
C LEU B 60 -5.31 -6.73 -0.70
N ASP B 61 -5.11 -5.57 -0.08
CA ASP B 61 -5.62 -5.32 1.27
C ASP B 61 -7.14 -5.46 1.36
N ASN B 62 -7.83 -5.03 0.32
CA ASN B 62 -9.30 -5.05 0.26
C ASN B 62 -9.84 -6.42 -0.11
N GLY B 63 -8.96 -7.38 -0.35
CA GLY B 63 -9.38 -8.70 -0.74
C GLY B 63 -9.47 -8.90 -2.24
N GLN B 64 -9.28 -7.82 -3.01
CA GLN B 64 -9.30 -7.97 -4.48
C GLN B 64 -8.05 -8.74 -4.88
N VAL B 65 -8.15 -9.57 -5.92
CA VAL B 65 -7.03 -10.42 -6.33
C VAL B 65 -6.54 -10.01 -7.73
N LEU B 66 -5.23 -9.88 -7.86
CA LEU B 66 -4.60 -9.62 -9.16
C LEU B 66 -3.91 -10.88 -9.68
N TYR B 67 -4.04 -11.09 -10.99
CA TYR B 67 -3.32 -12.14 -11.72
C TYR B 67 -3.47 -11.75 -13.19
N ASP B 68 -2.69 -12.30 -14.12
CA ASP B 68 -1.58 -13.18 -13.85
C ASP B 68 -0.30 -12.39 -13.54
N SER B 69 0.86 -12.99 -13.75
CA SER B 69 2.12 -12.33 -13.38
C SER B 69 2.32 -10.96 -14.01
N ARG B 70 1.95 -10.78 -15.27
CA ARG B 70 2.16 -9.48 -15.92
C ARG B 70 1.34 -8.38 -15.28
N VAL B 71 0.13 -8.72 -14.86
CA VAL B 71 -0.72 -7.75 -14.20
C VAL B 71 -0.15 -7.39 -12.82
N ILE B 72 0.30 -8.41 -12.10
CA ILE B 72 0.89 -8.19 -10.77
C ILE B 72 2.14 -7.32 -10.88
N LEU B 73 2.99 -7.60 -11.88
CA LEU B 73 4.21 -6.83 -12.08
C LEU B 73 3.89 -5.37 -12.39
N ASP B 74 2.87 -5.17 -13.22
CA ASP B 74 2.43 -3.82 -13.59
C ASP B 74 1.97 -3.04 -12.38
N TYR B 75 1.18 -3.69 -11.52
CA TYR B 75 0.75 -3.08 -10.26
C TYR B 75 1.94 -2.76 -9.35
N LEU B 76 2.81 -3.74 -9.13
CA LEU B 76 3.90 -3.54 -8.19
C LEU B 76 4.90 -2.50 -8.65
N ASP B 77 5.06 -2.34 -9.95
CA ASP B 77 5.99 -1.34 -10.47
C ASP B 77 5.51 0.08 -10.21
N GLN B 78 4.25 0.22 -9.84
CA GLN B 78 3.68 1.55 -9.58
C GLN B 78 3.47 1.79 -8.08
N GLN B 79 4.02 0.92 -7.25
CA GLN B 79 3.90 1.03 -5.78
C GLN B 79 5.19 1.46 -5.11
N HIS B 80 6.24 1.68 -5.90
CA HIS B 80 7.50 2.20 -5.38
C HIS B 80 7.84 3.51 -6.08
N VAL B 81 8.76 4.28 -5.50
CA VAL B 81 9.07 5.60 -6.03
C VAL B 81 10.44 5.65 -6.72
N GLY B 82 11.01 4.49 -7.00
CA GLY B 82 12.24 4.41 -7.78
C GLY B 82 11.99 4.46 -9.28
N ASN B 83 13.05 4.22 -10.04
CA ASN B 83 12.93 4.20 -11.49
C ASN B 83 12.02 3.06 -11.91
N PRO B 84 11.08 3.35 -12.81
CA PRO B 84 10.15 2.31 -13.26
C PRO B 84 10.88 1.19 -13.98
N LEU B 85 10.50 -0.05 -13.68
CA LEU B 85 11.04 -1.20 -14.40
C LEU B 85 10.19 -1.55 -15.61
N ILE B 86 9.02 -0.91 -15.74
CA ILE B 86 8.23 -1.02 -16.97
C ILE B 86 8.06 0.38 -17.57
N PRO B 87 8.57 0.61 -18.80
CA PRO B 87 8.50 1.96 -19.35
C PRO B 87 7.06 2.41 -19.58
N ARG B 88 6.76 3.69 -19.33
CA ARG B 88 5.41 4.25 -19.47
C ARG B 88 5.37 5.57 -20.24
N ASP B 89 6.46 5.89 -20.93
N ASP B 89 6.48 5.99 -20.84
CA ASP B 89 6.69 7.24 -21.46
CA ASP B 89 6.50 7.27 -21.54
C ASP B 89 7.26 7.21 -22.89
C ASP B 89 7.21 7.22 -22.88
N GLY B 90 6.81 6.26 -23.71
CA GLY B 90 7.33 6.14 -25.06
C GLY B 90 7.41 4.75 -25.68
N SER B 91 8.06 4.69 -26.83
CA SER B 91 8.18 3.49 -27.64
C SER B 91 8.98 2.38 -26.98
N ALA B 92 9.81 2.74 -26.00
CA ALA B 92 10.59 1.73 -25.29
C ALA B 92 9.63 0.78 -24.61
N ARG B 93 8.45 1.29 -24.24
CA ARG B 93 7.46 0.46 -23.55
C ARG B 93 7.19 -0.82 -24.33
N TRP B 94 6.92 -0.69 -25.61
CA TRP B 94 6.47 -1.85 -26.35
C TRP B 94 7.62 -2.77 -26.78
N ARG B 95 8.82 -2.21 -26.89
CA ARG B 95 9.99 -3.05 -27.12
C ARG B 95 10.31 -3.89 -25.87
N ARG B 96 10.35 -3.26 -24.69
CA ARG B 96 10.65 -4.00 -23.48
C ARG B 96 9.57 -5.04 -23.18
N LEU B 97 8.32 -4.68 -23.43
CA LEU B 97 7.22 -5.62 -23.18
C LEU B 97 7.20 -6.80 -24.15
N THR B 98 7.64 -6.58 -25.39
CA THR B 98 7.74 -7.67 -26.36
C THR B 98 8.85 -8.62 -25.96
N LEU B 99 9.97 -8.07 -25.49
CA LEU B 99 11.04 -8.94 -24.99
C LEU B 99 10.58 -9.75 -23.79
N ALA B 100 9.80 -9.12 -22.93
CA ALA B 100 9.24 -9.80 -21.78
C ALA B 100 8.30 -10.92 -22.22
N ALA B 101 7.51 -10.67 -23.27
CA ALA B 101 6.61 -11.70 -23.79
C ALA B 101 7.37 -12.83 -24.44
N LEU B 102 8.50 -12.52 -25.09
CA LEU B 102 9.35 -13.59 -25.63
C LEU B 102 9.77 -14.52 -24.49
N ALA B 103 10.21 -13.93 -23.39
CA ALA B 103 10.62 -14.69 -22.23
C ALA B 103 9.47 -15.51 -21.65
N ASP B 104 8.30 -14.89 -21.55
CA ASP B 104 7.11 -15.60 -21.05
C ASP B 104 6.78 -16.79 -21.94
N GLY B 105 6.97 -16.63 -23.25
CA GLY B 105 6.74 -17.73 -24.18
C GLY B 105 7.72 -18.88 -23.97
N ILE B 106 8.96 -18.55 -23.64
CA ILE B 106 9.91 -19.59 -23.30
C ILE B 106 9.45 -20.31 -22.04
N MSE B 107 9.00 -19.56 -21.05
CA MSE B 107 8.48 -20.16 -19.81
C MSE B 107 7.26 -21.02 -20.08
O MSE B 107 7.16 -22.12 -19.55
CB MSE B 107 8.14 -19.08 -18.79
CG MSE B 107 9.33 -18.49 -18.14
SE MSE B 107 8.83 -17.13 -16.85
CE MSE B 107 9.51 -15.59 -17.83
N ASP B 108 6.33 -20.53 -20.90
CA ASP B 108 5.09 -21.26 -21.17
C ASP B 108 5.41 -22.62 -21.79
N ALA B 109 6.31 -22.62 -22.77
CA ALA B 109 6.70 -23.84 -23.46
C ALA B 109 7.43 -24.76 -22.49
N SER B 110 8.26 -24.17 -21.65
CA SER B 110 9.05 -24.93 -20.70
C SER B 110 8.17 -25.63 -19.68
N VAL B 111 7.12 -24.94 -19.25
CA VAL B 111 6.19 -25.48 -18.27
C VAL B 111 5.36 -26.60 -18.88
N LEU B 112 4.92 -26.43 -20.12
CA LEU B 112 4.18 -27.51 -20.79
C LEU B 112 5.05 -28.76 -20.95
N VAL B 113 6.31 -28.57 -21.31
CA VAL B 113 7.24 -29.70 -21.43
C VAL B 113 7.45 -30.41 -20.10
N ARG B 114 7.69 -29.64 -19.05
CA ARG B 114 7.79 -30.18 -17.69
C ARG B 114 6.56 -31.02 -17.33
N TYR B 115 5.38 -30.48 -17.56
CA TYR B 115 4.16 -31.20 -17.21
C TYR B 115 4.03 -32.50 -18.01
N GLU B 116 4.38 -32.45 -19.29
CA GLU B 116 4.30 -33.64 -20.14
C GLU B 116 5.21 -34.74 -19.59
N LEU B 117 6.46 -34.37 -19.31
CA LEU B 117 7.47 -35.34 -18.93
C LEU B 117 7.27 -35.86 -17.52
N ALA B 118 6.92 -34.98 -16.60
CA ALA B 118 6.85 -35.34 -15.19
C ALA B 118 5.50 -35.88 -14.74
N LEU B 119 4.43 -35.43 -15.39
CA LEU B 119 3.09 -35.80 -14.96
C LEU B 119 2.40 -36.82 -15.87
N ARG B 120 2.51 -36.66 -17.19
CA ARG B 120 1.81 -37.57 -18.08
C ARG B 120 2.53 -38.93 -18.18
N ALA B 121 1.75 -40.00 -18.29
CA ALA B 121 2.33 -41.34 -18.47
C ALA B 121 3.23 -41.39 -19.69
N PRO B 122 4.40 -42.03 -19.55
CA PRO B 122 5.44 -42.09 -20.59
C PRO B 122 4.92 -42.66 -21.92
N GLU B 123 4.03 -43.64 -21.89
CA GLU B 123 3.53 -44.20 -23.14
C GLU B 123 2.61 -43.22 -23.88
N LYS B 124 2.18 -42.17 -23.17
CA LYS B 124 1.31 -41.15 -23.76
C LYS B 124 2.09 -39.89 -24.14
N HIS B 125 3.41 -39.94 -23.99
CA HIS B 125 4.23 -38.80 -24.39
C HIS B 125 4.17 -38.58 -25.89
N TRP B 126 3.99 -37.31 -26.26
CA TRP B 126 3.85 -36.89 -27.64
C TRP B 126 5.19 -36.29 -28.07
N GLU B 127 6.05 -37.11 -28.65
CA GLU B 127 7.43 -36.69 -28.93
C GLU B 127 7.52 -35.56 -29.92
N GLN B 128 6.68 -35.61 -30.94
CA GLN B 128 6.69 -34.57 -31.97
C GLN B 128 6.35 -33.21 -31.38
N TRP B 129 5.42 -33.19 -30.43
CA TRP B 129 5.04 -31.94 -29.78
C TRP B 129 6.12 -31.46 -28.83
N LEU B 130 6.73 -32.40 -28.10
CA LEU B 130 7.87 -32.08 -27.24
C LEU B 130 9.01 -31.45 -28.03
N ASP B 131 9.34 -32.03 -29.18
CA ASP B 131 10.40 -31.47 -30.04
C ASP B 131 9.97 -30.12 -30.58
N GLY B 132 8.67 -29.97 -30.83
CA GLY B 132 8.13 -28.71 -31.29
C GLY B 132 8.38 -27.61 -30.27
N GLN B 133 8.01 -27.89 -29.02
CA GLN B 133 8.18 -26.94 -27.93
C GLN B 133 9.64 -26.58 -27.69
N ARG B 134 10.52 -27.57 -27.75
CA ARG B 134 11.94 -27.35 -27.61
C ARG B 134 12.50 -26.47 -28.73
N ASP B 135 11.94 -26.60 -29.93
CA ASP B 135 12.35 -25.75 -31.05
C ASP B 135 11.89 -24.31 -30.86
N LYS B 136 10.68 -24.14 -30.34
CA LYS B 136 10.17 -22.82 -29.98
C LYS B 136 11.14 -22.17 -29.01
N ILE B 137 11.59 -22.94 -28.02
CA ILE B 137 12.51 -22.39 -27.03
C ILE B 137 13.84 -21.99 -27.69
N ARG B 138 14.41 -22.89 -28.50
N ARG B 138 14.41 -22.89 -28.50
CA ARG B 138 15.70 -22.61 -29.12
CA ARG B 138 15.70 -22.60 -29.13
C ARG B 138 15.63 -21.44 -30.10
C ARG B 138 15.62 -21.42 -30.09
N ARG B 139 14.52 -21.32 -30.83
CA ARG B 139 14.35 -20.19 -31.75
C ARG B 139 14.26 -18.86 -31.01
N ALA B 140 13.56 -18.86 -29.88
CA ALA B 140 13.49 -17.67 -29.04
C ALA B 140 14.86 -17.28 -28.49
N LEU B 141 15.61 -18.27 -28.04
CA LEU B 141 16.97 -18.02 -27.54
C LEU B 141 17.86 -17.46 -28.64
N ALA B 142 17.70 -17.94 -29.86
CA ALA B 142 18.50 -17.45 -30.99
C ALA B 142 18.17 -16.00 -31.27
N VAL B 143 16.90 -15.64 -31.17
CA VAL B 143 16.51 -14.24 -31.36
C VAL B 143 17.13 -13.32 -30.31
N LEU B 144 17.11 -13.76 -29.05
CA LEU B 144 17.72 -12.96 -27.98
C LEU B 144 19.20 -12.75 -28.28
N GLU B 145 19.87 -13.83 -28.65
CA GLU B 145 21.32 -13.77 -28.89
C GLU B 145 21.64 -12.83 -30.05
N ALA B 146 20.82 -12.91 -31.10
CA ALA B 146 21.07 -12.14 -32.32
C ALA B 146 20.68 -10.67 -32.22
N GLU B 147 19.66 -10.36 -31.42
CA GLU B 147 19.03 -9.05 -31.50
C GLU B 147 18.88 -8.30 -30.19
N ALA B 148 19.01 -9.00 -29.07
CA ALA B 148 18.58 -8.42 -27.80
C ALA B 148 19.63 -8.24 -26.70
N ILE B 149 20.84 -8.72 -26.95
CA ILE B 149 21.89 -8.69 -25.92
C ILE B 149 22.12 -7.30 -25.33
N ALA B 150 22.41 -6.33 -26.21
CA ALA B 150 22.69 -4.97 -25.77
C ALA B 150 21.50 -4.38 -25.01
N GLU B 151 20.30 -4.70 -25.49
CA GLU B 151 19.08 -4.20 -24.88
C GLU B 151 18.85 -4.78 -23.48
N LEU B 152 19.12 -6.06 -23.31
CA LEU B 152 18.95 -6.67 -21.99
C LEU B 152 19.92 -6.10 -20.99
N ALA B 153 21.17 -5.92 -21.41
CA ALA B 153 22.22 -5.43 -20.52
C ALA B 153 22.01 -3.97 -20.11
N SER B 154 21.32 -3.21 -20.94
CA SER B 154 21.14 -1.76 -20.72
C SER B 154 20.38 -1.44 -19.44
N HIS B 155 19.41 -2.26 -19.09
CA HIS B 155 18.59 -2.02 -17.90
C HIS B 155 18.03 -3.33 -17.39
N PHE B 156 18.22 -3.62 -16.11
CA PHE B 156 17.62 -4.80 -15.50
C PHE B 156 16.17 -4.47 -15.18
N ASP B 157 15.35 -4.51 -16.22
CA ASP B 157 13.96 -4.06 -16.12
C ASP B 157 13.02 -5.24 -16.38
N ILE B 158 11.77 -4.95 -16.75
CA ILE B 158 10.79 -6.00 -17.01
C ILE B 158 11.28 -7.05 -18.01
N ALA B 159 11.98 -6.59 -19.05
CA ALA B 159 12.48 -7.50 -20.08
C ALA B 159 13.57 -8.39 -19.53
N ALA B 160 14.55 -7.78 -18.87
CA ALA B 160 15.67 -8.52 -18.33
C ALA B 160 15.24 -9.50 -17.24
N ILE B 161 14.39 -9.05 -16.33
CA ILE B 161 13.89 -9.90 -15.26
C ILE B 161 13.16 -11.11 -15.85
N SER B 162 12.34 -10.85 -16.85
CA SER B 162 11.59 -11.95 -17.45
C SER B 162 12.51 -12.97 -18.13
N VAL B 163 13.46 -12.49 -18.94
CA VAL B 163 14.43 -13.39 -19.57
C VAL B 163 15.25 -14.17 -18.54
N ALA B 164 15.73 -13.46 -17.53
CA ALA B 164 16.53 -14.11 -16.49
C ALA B 164 15.74 -15.23 -15.82
N CYS B 165 14.48 -14.99 -15.53
CA CYS B 165 13.66 -16.01 -14.89
C CYS B 165 13.43 -17.20 -15.81
N ALA B 166 13.32 -16.94 -17.12
CA ALA B 166 13.13 -18.01 -18.08
C ALA B 166 14.36 -18.91 -18.15
N LEU B 167 15.54 -18.29 -18.17
CA LEU B 167 16.79 -19.03 -18.23
C LEU B 167 17.02 -19.83 -16.96
N GLY B 168 16.72 -19.24 -15.80
CA GLY B 168 16.82 -20.00 -14.56
C GLY B 168 15.92 -21.24 -14.55
N TYR B 169 14.76 -21.11 -15.17
CA TYR B 169 13.82 -22.24 -15.19
C TYR B 169 14.29 -23.34 -16.14
N LEU B 170 14.93 -22.96 -17.25
CA LEU B 170 15.57 -23.94 -18.11
C LEU B 170 16.63 -24.73 -17.35
N ASP B 171 17.50 -24.02 -16.61
CA ASP B 171 18.51 -24.72 -15.82
C ASP B 171 17.90 -25.68 -14.80
N PHE B 172 16.81 -25.24 -14.18
CA PHE B 172 16.13 -25.97 -13.11
C PHE B 172 15.40 -27.21 -13.60
N ARG B 173 14.56 -27.07 -14.62
CA ARG B 173 13.71 -28.19 -15.07
C ARG B 173 14.24 -28.94 -16.27
N HIS B 174 15.00 -28.26 -17.12
CA HIS B 174 15.46 -28.85 -18.37
C HIS B 174 16.95 -28.74 -18.59
N PRO B 175 17.77 -29.24 -17.64
CA PRO B 175 19.22 -29.12 -17.83
C PRO B 175 19.71 -29.81 -19.10
N ASP B 176 18.90 -30.73 -19.64
CA ASP B 176 19.22 -31.44 -20.88
C ASP B 176 19.29 -30.58 -22.14
N LEU B 177 18.63 -29.43 -22.13
CA LEU B 177 18.51 -28.61 -23.35
C LEU B 177 19.81 -27.94 -23.83
N GLU B 178 20.76 -27.77 -22.91
CA GLU B 178 21.99 -27.00 -23.13
C GLU B 178 21.80 -25.74 -23.98
N TRP B 179 21.60 -24.61 -23.34
CA TRP B 179 21.28 -23.38 -24.06
C TRP B 179 22.46 -22.41 -24.19
N ARG B 180 23.54 -22.67 -23.46
CA ARG B 180 24.64 -21.72 -23.36
C ARG B 180 25.64 -21.67 -24.52
N GLN B 181 25.92 -22.80 -25.16
CA GLN B 181 27.01 -22.83 -26.13
C GLN B 181 26.64 -22.13 -27.45
N ASP B 182 25.41 -22.29 -27.90
CA ASP B 182 24.94 -21.58 -29.10
C ASP B 182 24.56 -20.14 -28.81
N HIS B 183 24.50 -19.79 -27.52
CA HIS B 183 24.11 -18.43 -27.15
C HIS B 183 25.07 -17.85 -26.13
N PRO B 184 26.33 -17.66 -26.53
CA PRO B 184 27.36 -17.26 -25.56
C PRO B 184 27.16 -15.88 -24.92
N GLN B 185 26.71 -14.89 -25.69
CA GLN B 185 26.51 -13.56 -25.13
C GLN B 185 25.39 -13.61 -24.10
N LEU B 186 24.33 -14.35 -24.41
CA LEU B 186 23.23 -14.51 -23.47
C LEU B 186 23.73 -15.22 -22.23
N ALA B 187 24.57 -16.24 -22.42
CA ALA B 187 25.14 -16.97 -21.29
C ALA B 187 25.95 -16.05 -20.39
N ALA B 188 26.75 -15.19 -21.01
CA ALA B 188 27.64 -14.31 -20.25
C ALA B 188 26.80 -13.30 -19.47
N TRP B 189 25.81 -12.73 -20.13
CA TRP B 189 24.91 -11.78 -19.47
C TRP B 189 24.20 -12.46 -18.31
N TYR B 190 23.68 -13.67 -18.55
CA TYR B 190 23.01 -14.40 -17.48
C TYR B 190 23.91 -14.67 -16.28
N PHE B 191 25.15 -15.07 -16.52
CA PHE B 191 26.07 -15.31 -15.41
C PHE B 191 26.22 -14.05 -14.57
N GLU B 192 26.34 -12.91 -15.24
CA GLU B 192 26.51 -11.63 -14.55
C GLU B 192 25.28 -11.24 -13.73
N ILE B 193 24.10 -11.28 -14.34
CA ILE B 193 22.91 -10.85 -13.60
C ILE B 193 22.44 -11.87 -12.55
N SER B 194 22.93 -13.11 -12.67
CA SER B 194 22.65 -14.12 -11.66
C SER B 194 23.23 -13.78 -10.29
N GLN B 195 24.22 -12.90 -10.25
CA GLN B 195 24.83 -12.55 -8.98
C GLN B 195 24.18 -11.35 -8.29
N ARG B 196 23.12 -10.81 -8.89
CA ARG B 196 22.36 -9.73 -8.25
C ARG B 196 21.65 -10.29 -7.03
N PRO B 197 21.49 -9.47 -5.97
CA PRO B 197 20.77 -9.93 -4.79
C PRO B 197 19.38 -10.50 -5.09
N SER B 198 18.63 -9.84 -5.99
CA SER B 198 17.29 -10.28 -6.34
C SER B 198 17.24 -11.69 -6.92
N MSE B 199 18.25 -12.05 -7.70
CA MSE B 199 18.31 -13.37 -8.31
C MSE B 199 18.78 -14.42 -7.32
O MSE B 199 18.21 -15.51 -7.24
CB MSE B 199 19.20 -13.36 -9.55
CG MSE B 199 18.63 -12.52 -10.69
SE MSE B 199 17.07 -13.32 -11.51
CE MSE B 199 17.91 -14.86 -12.31
N LEU B 200 19.82 -14.09 -6.57
CA LEU B 200 20.32 -15.02 -5.56
C LEU B 200 19.27 -15.38 -4.51
N ALA B 201 18.42 -14.42 -4.17
CA ALA B 201 17.42 -14.64 -3.12
C ALA B 201 16.18 -15.41 -3.58
N THR B 202 16.09 -15.69 -4.88
CA THR B 202 14.86 -16.23 -5.45
C THR B 202 15.09 -17.49 -6.29
N ARG B 203 16.22 -18.14 -6.06
CA ARG B 203 16.57 -19.37 -6.76
C ARG B 203 15.61 -20.52 -6.45
N PRO B 204 15.36 -21.38 -7.44
CA PRO B 204 14.52 -22.56 -7.22
C PRO B 204 15.26 -23.61 -6.38
N PRO B 205 14.52 -24.59 -5.85
CA PRO B 205 15.18 -25.62 -5.04
C PRO B 205 15.78 -26.73 -5.89
N LEU C 3 0.76 -0.74 -40.86
CA LEU C 3 0.90 -1.83 -39.90
C LEU C 3 0.51 -3.16 -40.51
N THR C 4 1.20 -4.22 -40.12
CA THR C 4 0.84 -5.56 -40.58
C THR C 4 0.53 -6.46 -39.38
N LEU C 5 -0.63 -7.11 -39.42
CA LEU C 5 -0.99 -8.06 -38.38
C LEU C 5 -0.90 -9.50 -38.91
N PHE C 6 -0.08 -10.30 -38.26
CA PHE C 6 -0.06 -11.74 -38.54
C PHE C 6 -1.31 -12.32 -37.93
N HIS C 7 -2.15 -12.88 -38.79
CA HIS C 7 -3.57 -13.01 -38.53
C HIS C 7 -4.05 -14.41 -38.83
N ASN C 8 -5.06 -14.83 -38.09
CA ASN C 8 -5.74 -16.08 -38.32
C ASN C 8 -7.17 -15.85 -37.84
N PRO C 9 -8.16 -16.19 -38.68
CA PRO C 9 -9.56 -15.85 -38.39
C PRO C 9 -10.20 -16.72 -37.30
N ALA C 10 -9.53 -17.80 -36.89
CA ALA C 10 -10.05 -18.66 -35.83
C ALA C 10 -9.50 -18.34 -34.44
N SER C 11 -8.32 -17.72 -34.38
CA SER C 11 -7.65 -17.50 -33.10
C SER C 11 -8.37 -16.49 -32.24
N PRO C 12 -8.67 -16.85 -30.98
CA PRO C 12 -9.38 -15.88 -30.12
C PRO C 12 -8.44 -14.79 -29.63
N TYR C 13 -7.14 -15.07 -29.63
CA TYR C 13 -6.16 -14.04 -29.30
C TYR C 13 -6.08 -12.99 -30.39
N VAL C 14 -6.08 -13.45 -31.64
CA VAL C 14 -6.15 -12.52 -32.78
C VAL C 14 -7.47 -11.78 -32.73
N ARG C 15 -8.54 -12.48 -32.35
CA ARG C 15 -9.86 -11.83 -32.34
C ARG C 15 -9.91 -10.63 -31.40
N LYS C 16 -9.26 -10.72 -30.25
CA LYS C 16 -9.20 -9.58 -29.34
C LYS C 16 -8.67 -8.33 -30.04
N VAL C 17 -7.60 -8.52 -30.80
CA VAL C 17 -6.98 -7.42 -31.52
C VAL C 17 -7.94 -6.84 -32.58
N MSE C 18 -8.56 -7.74 -33.35
CA MSE C 18 -9.50 -7.30 -34.37
C MSE C 18 -10.68 -6.54 -33.76
O MSE C 18 -11.11 -5.52 -34.29
CB MSE C 18 -10.00 -8.49 -35.20
CG MSE C 18 -8.86 -9.23 -35.89
SE MSE C 18 -7.95 -8.11 -37.20
CE MSE C 18 -9.43 -7.83 -38.45
N VAL C 19 -11.21 -7.04 -32.64
CA VAL C 19 -12.32 -6.36 -31.98
C VAL C 19 -11.90 -4.98 -31.50
N LEU C 20 -10.71 -4.86 -30.94
CA LEU C 20 -10.25 -3.56 -30.47
C LEU C 20 -10.07 -2.61 -31.66
N LEU C 21 -9.51 -3.12 -32.75
CA LEU C 21 -9.35 -2.31 -33.96
C LEU C 21 -10.71 -1.79 -34.46
N HIS C 22 -11.70 -2.66 -34.52
CA HIS C 22 -13.05 -2.28 -34.96
C HIS C 22 -13.62 -1.22 -34.02
N GLU C 23 -13.55 -1.50 -32.72
CA GLU C 23 -14.14 -0.61 -31.71
C GLU C 23 -13.53 0.79 -31.69
N THR C 24 -12.24 0.89 -32.02
CA THR C 24 -11.51 2.16 -31.93
C THR C 24 -11.30 2.82 -33.29
N GLY C 25 -11.91 2.23 -34.31
CA GLY C 25 -11.89 2.81 -35.64
C GLY C 25 -10.55 2.76 -36.37
N GLN C 26 -9.74 1.74 -36.09
CA GLN C 26 -8.40 1.64 -36.66
C GLN C 26 -8.23 0.50 -37.67
N LEU C 27 -9.33 -0.14 -38.05
CA LEU C 27 -9.27 -1.33 -38.90
C LEU C 27 -8.52 -1.10 -40.21
N ASN C 28 -8.61 0.12 -40.75
CA ASN C 28 -8.03 0.45 -42.05
C ASN C 28 -6.52 0.66 -42.04
N ARG C 29 -5.94 0.78 -40.85
CA ARG C 29 -4.51 1.04 -40.73
C ARG C 29 -3.73 -0.26 -40.80
N VAL C 30 -4.45 -1.37 -40.74
CA VAL C 30 -3.81 -2.67 -40.55
C VAL C 30 -4.00 -3.62 -41.72
N ALA C 31 -2.88 -4.06 -42.30
CA ALA C 31 -2.91 -5.09 -43.34
C ALA C 31 -2.87 -6.44 -42.64
N LEU C 32 -3.55 -7.43 -43.22
CA LEU C 32 -3.68 -8.73 -42.57
C LEU C 32 -2.90 -9.80 -43.33
N GLN C 33 -1.96 -10.45 -42.65
CA GLN C 33 -1.13 -11.49 -43.27
C GLN C 33 -1.52 -12.87 -42.73
N ALA C 34 -2.11 -13.69 -43.58
CA ALA C 34 -2.62 -15.00 -43.18
C ALA C 34 -1.53 -15.93 -42.66
N SER C 35 -1.86 -16.67 -41.60
CA SER C 35 -1.07 -17.81 -41.17
C SER C 35 -1.96 -18.93 -40.64
N GLN C 36 -1.68 -20.15 -41.07
CA GLN C 36 -2.30 -21.34 -40.50
C GLN C 36 -1.19 -22.13 -39.81
N LEU C 37 -1.50 -22.72 -38.66
CA LEU C 37 -0.46 -23.31 -37.81
C LEU C 37 -0.93 -24.03 -36.55
N SER C 38 0.01 -24.71 -35.90
CA SER C 38 -0.18 -25.36 -34.61
C SER C 38 1.23 -25.67 -34.10
N PRO C 39 1.34 -26.23 -32.87
CA PRO C 39 2.69 -26.58 -32.38
C PRO C 39 3.38 -27.70 -33.15
N VAL C 40 2.64 -28.45 -33.94
CA VAL C 40 3.24 -29.53 -34.74
C VAL C 40 3.20 -29.26 -36.24
N ASN C 50 8.83 -12.06 -38.80
CA ASN C 50 8.27 -12.82 -37.67
C ASN C 50 8.92 -14.20 -37.51
N PRO C 51 10.25 -14.23 -37.24
CA PRO C 51 11.00 -15.48 -37.11
C PRO C 51 10.45 -16.44 -36.07
N LEU C 52 9.70 -15.93 -35.09
CA LEU C 52 9.19 -16.77 -34.01
C LEU C 52 7.77 -17.29 -34.26
N GLY C 53 7.17 -16.85 -35.36
CA GLY C 53 5.84 -17.31 -35.74
C GLY C 53 4.77 -16.97 -34.72
N LYS C 54 4.92 -15.83 -34.05
CA LYS C 54 3.95 -15.40 -33.06
C LYS C 54 2.64 -14.98 -33.74
N ILE C 55 1.52 -15.41 -33.18
CA ILE C 55 0.19 -15.05 -33.71
C ILE C 55 -0.85 -14.77 -32.60
N PRO C 56 -1.35 -13.54 -32.51
CA PRO C 56 -1.03 -12.39 -33.37
C PRO C 56 0.37 -11.85 -33.16
N ALA C 57 0.89 -11.21 -34.19
CA ALA C 57 2.08 -10.40 -34.08
C ALA C 57 1.86 -9.19 -34.94
N LEU C 58 2.32 -8.04 -34.49
CA LEU C 58 2.10 -6.77 -35.17
C LEU C 58 3.42 -6.19 -35.64
N ARG C 59 3.60 -6.11 -36.96
CA ARG C 59 4.80 -5.51 -37.53
C ARG C 59 4.59 -4.00 -37.74
N LEU C 60 5.42 -3.22 -37.09
CA LEU C 60 5.37 -1.78 -37.21
C LEU C 60 6.05 -1.37 -38.51
N ASP C 61 5.78 -0.14 -38.96
CA ASP C 61 6.35 0.34 -40.22
C ASP C 61 7.88 0.17 -40.26
N ASN C 62 8.52 0.32 -39.12
CA ASN C 62 9.98 0.25 -39.00
C ASN C 62 10.56 -1.15 -39.02
N GLY C 63 9.69 -2.17 -39.08
CA GLY C 63 10.15 -3.54 -39.11
C GLY C 63 10.12 -4.23 -37.75
N GLN C 64 9.97 -3.43 -36.70
CA GLN C 64 9.89 -3.98 -35.35
C GLN C 64 8.58 -4.75 -35.20
N VAL C 65 8.64 -5.89 -34.52
CA VAL C 65 7.46 -6.73 -34.34
C VAL C 65 7.06 -6.77 -32.87
N LEU C 66 5.77 -6.52 -32.60
CA LEU C 66 5.24 -6.61 -31.25
C LEU C 66 4.42 -7.89 -31.07
N TYR C 67 4.53 -8.49 -29.90
CA TYR C 67 3.71 -9.64 -29.50
C TYR C 67 3.86 -9.71 -27.98
N ASP C 68 3.04 -10.46 -27.23
CA ASP C 68 1.89 -11.20 -27.70
C ASP C 68 0.64 -10.30 -27.77
N SER C 69 -0.55 -10.92 -27.79
CA SER C 69 -1.78 -10.14 -27.95
C SER C 69 -1.94 -9.02 -26.92
N ARG C 70 -1.54 -9.26 -25.68
CA ARG C 70 -1.73 -8.23 -24.66
C ARG C 70 -0.81 -7.04 -24.90
N VAL C 71 0.40 -7.30 -25.40
CA VAL C 71 1.29 -6.20 -25.76
C VAL C 71 0.72 -5.40 -26.94
N ILE C 72 0.20 -6.12 -27.92
CA ILE C 72 -0.38 -5.50 -29.12
C ILE C 72 -1.59 -4.65 -28.75
N LEU C 73 -2.44 -5.16 -27.86
CA LEU C 73 -3.63 -4.43 -27.43
C LEU C 73 -3.24 -3.15 -26.71
N ASP C 74 -2.25 -3.26 -25.84
CA ASP C 74 -1.75 -2.11 -25.08
C ASP C 74 -1.24 -1.02 -26.03
N TYR C 75 -0.45 -1.42 -27.02
CA TYR C 75 0.05 -0.50 -28.04
C TYR C 75 -1.09 0.15 -28.82
N LEU C 76 -2.01 -0.66 -29.31
CA LEU C 76 -3.06 -0.15 -30.18
C LEU C 76 -4.01 0.80 -29.46
N ASP C 77 -4.16 0.62 -28.15
CA ASP C 77 -5.07 1.47 -27.40
C ASP C 77 -4.52 2.89 -27.24
N GLN C 78 -3.25 3.08 -27.58
CA GLN C 78 -2.68 4.43 -27.52
C GLN C 78 -2.53 5.06 -28.90
N GLN C 79 -3.06 4.42 -29.93
CA GLN C 79 -2.95 4.94 -31.29
C GLN C 79 -4.22 5.66 -31.77
N HIS C 80 -5.29 5.60 -30.96
CA HIS C 80 -6.54 6.29 -31.28
C HIS C 80 -6.82 7.43 -30.30
N VAL C 81 -7.78 8.29 -30.65
CA VAL C 81 -8.06 9.49 -29.85
C VAL C 81 -9.35 9.37 -29.04
N GLY C 82 -10.02 8.22 -29.13
CA GLY C 82 -11.22 8.00 -28.36
C GLY C 82 -10.88 7.61 -26.93
N ASN C 83 -11.90 7.32 -26.12
CA ASN C 83 -11.62 6.96 -24.74
C ASN C 83 -10.88 5.63 -24.65
N PRO C 84 -9.89 5.55 -23.76
CA PRO C 84 -9.05 4.34 -23.67
C PRO C 84 -9.84 3.10 -23.26
N LEU C 85 -9.51 1.96 -23.87
CA LEU C 85 -10.12 0.68 -23.48
C LEU C 85 -9.29 -0.02 -22.42
N ILE C 86 -8.11 0.52 -22.12
CA ILE C 86 -7.28 0.08 -21.00
C ILE C 86 -7.04 1.27 -20.10
N PRO C 87 -7.52 1.22 -18.85
CA PRO C 87 -7.32 2.38 -17.98
C PRO C 87 -5.83 2.66 -17.83
N ARG C 88 -5.44 3.92 -17.90
CA ARG C 88 -4.03 4.28 -17.93
C ARG C 88 -3.42 4.33 -16.52
N ASP C 89 -4.27 4.31 -15.50
CA ASP C 89 -3.79 4.39 -14.12
C ASP C 89 -4.91 4.09 -13.14
N GLY C 90 -4.56 3.99 -11.86
CA GLY C 90 -5.54 3.79 -10.81
C GLY C 90 -6.01 2.35 -10.63
N SER C 91 -6.81 2.13 -9.58
CA SER C 91 -7.28 0.79 -9.25
C SER C 91 -8.00 0.13 -10.42
N ALA C 92 -8.73 0.92 -11.20
CA ALA C 92 -9.47 0.38 -12.33
C ALA C 92 -8.54 -0.36 -13.31
N ARG C 93 -7.34 0.16 -13.49
CA ARG C 93 -6.39 -0.49 -14.39
C ARG C 93 -6.19 -1.95 -14.06
N TRP C 94 -5.85 -2.24 -12.80
CA TRP C 94 -5.53 -3.63 -12.46
C TRP C 94 -6.75 -4.51 -12.36
N ARG C 95 -7.91 -3.92 -12.05
CA ARG C 95 -9.13 -4.70 -12.04
C ARG C 95 -9.51 -5.12 -13.46
N ARG C 96 -9.53 -4.16 -14.39
CA ARG C 96 -9.84 -4.49 -15.79
C ARG C 96 -8.80 -5.46 -16.39
N LEU C 97 -7.52 -5.26 -16.08
CA LEU C 97 -6.49 -6.14 -16.62
C LEU C 97 -6.56 -7.54 -16.02
N THR C 98 -7.00 -7.66 -14.76
CA THR C 98 -7.16 -8.99 -14.15
C THR C 98 -8.32 -9.73 -14.81
N LEU C 99 -9.41 -9.02 -15.04
CA LEU C 99 -10.52 -9.63 -15.76
C LEU C 99 -10.10 -10.05 -17.18
N ALA C 100 -9.26 -9.25 -17.85
CA ALA C 100 -8.75 -9.67 -19.16
C ALA C 100 -7.86 -10.90 -19.02
N ALA C 101 -7.06 -10.94 -17.98
CA ALA C 101 -6.18 -12.09 -17.77
C ALA C 101 -6.99 -13.36 -17.46
N LEU C 102 -8.12 -13.20 -16.77
N LEU C 102 -8.11 -13.18 -16.79
CA LEU C 102 -9.02 -14.32 -16.55
CA LEU C 102 -9.02 -14.30 -16.54
C LEU C 102 -9.46 -14.88 -17.89
C LEU C 102 -9.51 -14.88 -17.87
N ALA C 103 -9.86 -13.99 -18.79
CA ALA C 103 -10.32 -14.38 -20.13
C ALA C 103 -9.20 -15.06 -20.88
N ASP C 104 -8.00 -14.48 -20.83
CA ASP C 104 -6.87 -15.12 -21.50
C ASP C 104 -6.65 -16.51 -20.95
N GLY C 105 -6.84 -16.69 -19.63
CA GLY C 105 -6.68 -17.99 -19.02
C GLY C 105 -7.72 -19.00 -19.47
N ILE C 106 -8.94 -18.52 -19.68
CA ILE C 106 -9.99 -19.35 -20.27
C ILE C 106 -9.54 -19.78 -21.68
N MSE C 107 -9.07 -18.84 -22.48
CA MSE C 107 -8.51 -19.17 -23.82
C MSE C 107 -7.37 -20.18 -23.75
O MSE C 107 -7.35 -21.15 -24.52
CB MSE C 107 -8.03 -17.92 -24.54
CG MSE C 107 -9.15 -16.98 -24.94
SE MSE C 107 -8.38 -15.39 -25.77
CE MSE C 107 -9.98 -14.31 -25.82
N ASP C 108 -6.39 -19.97 -22.85
CA ASP C 108 -5.26 -20.89 -22.75
C ASP C 108 -5.70 -22.34 -22.52
N ALA C 109 -6.60 -22.52 -21.55
CA ALA C 109 -7.11 -23.85 -21.23
C ALA C 109 -7.90 -24.41 -22.39
N SER C 110 -8.71 -23.56 -23.02
CA SER C 110 -9.53 -23.96 -24.18
C SER C 110 -8.65 -24.42 -25.33
N VAL C 111 -7.58 -23.69 -25.59
CA VAL C 111 -6.67 -24.06 -26.66
C VAL C 111 -5.92 -25.35 -26.35
N LEU C 112 -5.48 -25.54 -25.11
CA LEU C 112 -4.82 -26.80 -24.73
C LEU C 112 -5.74 -27.99 -24.95
N VAL C 113 -7.00 -27.84 -24.58
CA VAL C 113 -7.95 -28.94 -24.79
C VAL C 113 -8.18 -29.20 -26.28
N ARG C 114 -8.36 -28.13 -27.05
CA ARG C 114 -8.57 -28.25 -28.49
C ARG C 114 -7.37 -28.92 -29.16
N TYR C 115 -6.17 -28.49 -28.81
CA TYR C 115 -4.98 -29.06 -29.44
C TYR C 115 -4.87 -30.54 -29.14
N GLU C 116 -5.23 -30.92 -27.92
CA GLU C 116 -5.11 -32.32 -27.55
C GLU C 116 -6.10 -33.14 -28.36
N LEU C 117 -7.35 -32.71 -28.39
CA LEU C 117 -8.39 -33.48 -29.09
C LEU C 117 -8.18 -33.52 -30.59
N ALA C 118 -7.70 -32.41 -31.15
CA ALA C 118 -7.58 -32.29 -32.61
C ALA C 118 -6.26 -32.80 -33.18
N LEU C 119 -5.20 -32.78 -32.39
CA LEU C 119 -3.87 -33.04 -32.93
C LEU C 119 -3.12 -34.19 -32.27
N ARG C 120 -3.46 -34.51 -31.02
CA ARG C 120 -2.82 -35.62 -30.33
C ARG C 120 -3.56 -36.93 -30.62
N ALA C 121 -2.82 -38.02 -30.86
CA ALA C 121 -3.46 -39.31 -31.14
C ALA C 121 -4.31 -39.71 -29.94
N PRO C 122 -5.50 -40.29 -30.19
CA PRO C 122 -6.44 -40.57 -29.08
C PRO C 122 -5.87 -41.46 -27.99
N GLU C 123 -5.03 -42.44 -28.35
CA GLU C 123 -4.43 -43.33 -27.35
C GLU C 123 -3.58 -42.57 -26.35
N LYS C 124 -3.12 -41.37 -26.74
CA LYS C 124 -2.25 -40.57 -25.88
C LYS C 124 -2.99 -39.48 -25.09
N HIS C 125 -4.30 -39.39 -25.28
CA HIS C 125 -5.11 -38.46 -24.50
C HIS C 125 -5.07 -38.81 -23.01
N TRP C 126 -5.13 -37.80 -22.15
CA TRP C 126 -5.12 -38.02 -20.71
C TRP C 126 -6.33 -37.33 -20.13
N GLU C 127 -7.33 -38.11 -19.73
CA GLU C 127 -8.61 -37.55 -19.31
C GLU C 127 -8.49 -36.62 -18.10
N GLN C 128 -7.67 -37.01 -17.13
CA GLN C 128 -7.47 -36.21 -15.92
C GLN C 128 -6.88 -34.84 -16.26
N TRP C 129 -6.01 -34.80 -17.26
CA TRP C 129 -5.44 -33.55 -17.74
C TRP C 129 -6.49 -32.69 -18.43
N LEU C 130 -7.24 -33.29 -19.35
CA LEU C 130 -8.29 -32.56 -20.05
C LEU C 130 -9.32 -32.02 -19.07
N ASP C 131 -9.70 -32.84 -18.10
CA ASP C 131 -10.67 -32.41 -17.10
C ASP C 131 -10.13 -31.31 -16.21
N GLY C 132 -8.83 -31.37 -15.89
CA GLY C 132 -8.24 -30.32 -15.09
C GLY C 132 -8.28 -28.99 -15.82
N GLN C 133 -8.04 -29.02 -17.13
CA GLN C 133 -8.11 -27.80 -17.91
C GLN C 133 -9.55 -27.31 -18.03
N ARG C 134 -10.49 -28.23 -18.26
CA ARG C 134 -11.89 -27.84 -18.31
C ARG C 134 -12.34 -27.23 -16.99
N ASP C 135 -11.81 -27.75 -15.88
CA ASP C 135 -12.19 -27.22 -14.57
C ASP C 135 -11.73 -25.77 -14.38
N LYS C 136 -10.59 -25.41 -14.97
CA LYS C 136 -10.13 -24.02 -14.93
C LYS C 136 -11.16 -23.13 -15.62
N ILE C 137 -11.67 -23.60 -16.77
CA ILE C 137 -12.68 -22.85 -17.50
C ILE C 137 -13.95 -22.72 -16.66
N ARG C 138 -14.41 -23.84 -16.10
CA ARG C 138 -15.62 -23.83 -15.28
C ARG C 138 -15.49 -22.91 -14.08
N ARG C 139 -14.35 -22.93 -13.40
CA ARG C 139 -14.19 -22.08 -12.22
C ARG C 139 -14.13 -20.61 -12.61
N ALA C 140 -13.48 -20.34 -13.73
CA ALA C 140 -13.37 -18.98 -14.22
C ALA C 140 -14.75 -18.43 -14.57
N LEU C 141 -15.55 -19.25 -15.23
CA LEU C 141 -16.90 -18.84 -15.58
C LEU C 141 -17.71 -18.56 -14.32
N ALA C 142 -17.54 -19.38 -13.29
CA ALA C 142 -18.28 -19.21 -12.03
C ALA C 142 -17.93 -17.86 -11.38
N VAL C 143 -16.66 -17.48 -11.46
CA VAL C 143 -16.22 -16.22 -10.89
C VAL C 143 -16.83 -15.05 -11.67
N LEU C 144 -16.78 -15.11 -13.00
CA LEU C 144 -17.40 -14.05 -13.81
C LEU C 144 -18.88 -13.89 -13.45
N GLU C 145 -19.57 -15.02 -13.36
CA GLU C 145 -21.00 -15.03 -13.03
C GLU C 145 -21.28 -14.39 -11.68
N ALA C 146 -20.47 -14.74 -10.69
CA ALA C 146 -20.73 -14.33 -9.31
C ALA C 146 -20.24 -12.91 -8.99
N GLU C 147 -19.25 -12.42 -9.74
CA GLU C 147 -18.50 -11.24 -9.32
C GLU C 147 -18.36 -10.12 -10.34
N ALA C 148 -18.48 -10.44 -11.63
CA ALA C 148 -18.01 -9.51 -12.64
C ALA C 148 -19.01 -9.02 -13.69
N ILE C 149 -20.26 -9.47 -13.63
CA ILE C 149 -21.18 -9.17 -14.72
C ILE C 149 -21.47 -7.68 -14.88
N ALA C 150 -21.85 -7.00 -13.79
CA ALA C 150 -22.09 -5.57 -13.86
C ALA C 150 -20.84 -4.81 -14.31
N GLU C 151 -19.68 -5.26 -13.85
CA GLU C 151 -18.41 -4.67 -14.27
C GLU C 151 -18.18 -4.83 -15.79
N LEU C 152 -18.44 -6.01 -16.31
CA LEU C 152 -18.26 -6.21 -17.75
C LEU C 152 -19.20 -5.31 -18.53
N ALA C 153 -20.46 -5.27 -18.11
CA ALA C 153 -21.48 -4.49 -18.79
C ALA C 153 -21.19 -3.00 -18.80
N SER C 154 -20.44 -2.54 -17.80
CA SER C 154 -20.19 -1.10 -17.62
C SER C 154 -19.44 -0.44 -18.77
N HIS C 155 -18.57 -1.18 -19.44
CA HIS C 155 -17.74 -0.58 -20.47
C HIS C 155 -17.20 -1.68 -21.38
N PHE C 156 -17.41 -1.55 -22.69
CA PHE C 156 -16.89 -2.57 -23.61
C PHE C 156 -15.41 -2.32 -23.86
N ASP C 157 -14.59 -2.72 -22.90
CA ASP C 157 -13.17 -2.36 -22.88
C ASP C 157 -12.30 -3.60 -22.95
N ILE C 158 -11.05 -3.49 -22.48
CA ILE C 158 -10.12 -4.61 -22.54
C ILE C 158 -10.66 -5.86 -21.84
N ALA C 159 -11.34 -5.68 -20.71
CA ALA C 159 -11.87 -6.81 -19.96
C ALA C 159 -13.04 -7.44 -20.72
N ALA C 160 -13.97 -6.60 -21.18
CA ALA C 160 -15.16 -7.08 -21.89
C ALA C 160 -14.80 -7.74 -23.22
N ILE C 161 -13.90 -7.09 -23.97
CA ILE C 161 -13.44 -7.65 -25.23
C ILE C 161 -12.79 -9.02 -25.03
N SER C 162 -11.90 -9.11 -24.04
CA SER C 162 -11.22 -10.37 -23.80
C SER C 162 -12.18 -11.48 -23.39
N VAL C 163 -13.08 -11.19 -22.45
CA VAL C 163 -14.05 -12.19 -22.04
C VAL C 163 -14.93 -12.62 -23.23
N ALA C 164 -15.38 -11.65 -24.03
CA ALA C 164 -16.26 -11.96 -25.16
C ALA C 164 -15.57 -12.92 -26.14
N CYS C 165 -14.30 -12.66 -26.40
CA CYS C 165 -13.56 -13.49 -27.34
C CYS C 165 -13.33 -14.88 -26.77
N ALA C 166 -13.15 -14.97 -25.45
CA ALA C 166 -13.03 -16.27 -24.81
C ALA C 166 -14.31 -17.08 -24.92
N LEU C 167 -15.44 -16.43 -24.69
CA LEU C 167 -16.75 -17.10 -24.77
C LEU C 167 -17.05 -17.52 -26.20
N GLY C 168 -16.69 -16.66 -27.16
CA GLY C 168 -16.83 -16.99 -28.57
C GLY C 168 -16.06 -18.26 -28.93
N TYR C 169 -14.89 -18.42 -28.35
CA TYR C 169 -14.07 -19.58 -28.64
C TYR C 169 -14.66 -20.84 -28.02
N LEU C 170 -15.29 -20.70 -26.85
CA LEU C 170 -15.99 -21.84 -26.24
C LEU C 170 -17.12 -22.31 -27.15
N ASP C 171 -17.90 -21.37 -27.69
CA ASP C 171 -18.97 -21.76 -28.63
C ASP C 171 -18.42 -22.42 -29.89
N PHE C 172 -17.25 -21.97 -30.33
CA PHE C 172 -16.63 -22.45 -31.56
C PHE C 172 -16.02 -23.85 -31.42
N ARG C 173 -15.28 -24.07 -30.34
CA ARG C 173 -14.53 -25.32 -30.19
C ARG C 173 -14.99 -26.25 -29.09
N HIS C 174 -15.73 -25.73 -28.11
CA HIS C 174 -16.12 -26.54 -26.94
C HIS C 174 -17.61 -26.49 -26.61
N PRO C 175 -18.48 -26.77 -27.59
CA PRO C 175 -19.91 -26.80 -27.26
C PRO C 175 -20.26 -27.80 -26.15
N ASP C 176 -19.46 -28.85 -26.01
CA ASP C 176 -19.70 -29.87 -24.98
C ASP C 176 -19.60 -29.38 -23.54
N LEU C 177 -18.92 -28.25 -23.32
CA LEU C 177 -18.76 -27.71 -21.97
C LEU C 177 -20.07 -27.19 -21.40
N GLU C 178 -21.00 -26.86 -22.30
CA GLU C 178 -22.30 -26.30 -21.94
C GLU C 178 -22.09 -25.11 -21.01
N TRP C 179 -21.22 -24.18 -21.43
CA TRP C 179 -20.76 -23.14 -20.53
C TRP C 179 -21.86 -22.27 -19.95
N ARG C 180 -22.93 -22.08 -20.70
CA ARG C 180 -24.00 -21.21 -20.24
C ARG C 180 -24.79 -21.78 -19.08
N GLN C 181 -24.77 -23.10 -18.92
CA GLN C 181 -25.69 -23.76 -18.00
C GLN C 181 -25.71 -23.25 -16.56
N ASP C 182 -24.55 -23.14 -15.95
CA ASP C 182 -24.52 -22.67 -14.56
C ASP C 182 -24.33 -21.15 -14.48
N HIS C 183 -24.42 -20.49 -15.62
CA HIS C 183 -24.04 -19.06 -15.71
C HIS C 183 -25.01 -18.21 -16.53
N PRO C 184 -26.25 -18.04 -16.05
CA PRO C 184 -27.26 -17.30 -16.82
C PRO C 184 -27.00 -15.81 -17.04
N GLN C 185 -26.38 -15.14 -16.07
CA GLN C 185 -26.12 -13.72 -16.20
C GLN C 185 -25.03 -13.47 -17.24
N LEU C 186 -23.98 -14.30 -17.21
CA LEU C 186 -22.93 -14.22 -18.21
C LEU C 186 -23.51 -14.50 -19.59
N ALA C 187 -24.39 -15.49 -19.68
CA ALA C 187 -25.05 -15.80 -20.95
C ALA C 187 -25.83 -14.60 -21.49
N ALA C 188 -26.58 -13.94 -20.61
CA ALA C 188 -27.37 -12.76 -20.98
C ALA C 188 -26.48 -11.60 -21.45
N TRP C 189 -25.39 -11.35 -20.74
CA TRP C 189 -24.46 -10.30 -21.13
C TRP C 189 -23.85 -10.62 -22.50
N TYR C 190 -23.41 -11.86 -22.68
CA TYR C 190 -22.76 -12.26 -23.93
C TYR C 190 -23.75 -12.24 -25.10
N PHE C 191 -24.98 -12.62 -24.82
CA PHE C 191 -26.04 -12.54 -25.82
C PHE C 191 -26.14 -11.10 -26.36
N GLU C 192 -26.05 -10.13 -25.46
CA GLU C 192 -26.12 -8.72 -25.84
C GLU C 192 -24.91 -8.23 -26.63
N ILE C 193 -23.71 -8.41 -26.08
CA ILE C 193 -22.54 -7.84 -26.75
C ILE C 193 -22.14 -8.60 -28.02
N SER C 194 -22.65 -9.82 -28.20
CA SER C 194 -22.46 -10.55 -29.46
C SER C 194 -23.07 -9.78 -30.62
N GLN C 195 -24.06 -8.94 -30.32
CA GLN C 195 -24.74 -8.16 -31.35
C GLN C 195 -24.00 -6.88 -31.73
N ARG C 196 -22.90 -6.58 -31.04
CA ARG C 196 -22.08 -5.43 -31.44
C ARG C 196 -21.45 -5.71 -32.79
N PRO C 197 -21.40 -4.68 -33.65
CA PRO C 197 -20.77 -4.80 -34.97
C PRO C 197 -19.36 -5.40 -34.94
N SER C 198 -18.56 -5.03 -33.95
CA SER C 198 -17.18 -5.52 -33.85
C SER C 198 -17.14 -7.03 -33.65
N MSE C 199 -18.16 -7.56 -32.99
CA MSE C 199 -18.24 -8.98 -32.70
C MSE C 199 -18.78 -9.76 -33.89
O MSE C 199 -18.24 -10.80 -34.27
CB MSE C 199 -19.08 -9.23 -31.45
CG MSE C 199 -18.43 -8.72 -30.17
SE MSE C 199 -16.80 -9.73 -29.66
CE MSE C 199 -17.66 -11.45 -29.28
N LEU C 200 -19.85 -9.22 -34.49
CA LEU C 200 -20.42 -9.81 -35.71
C LEU C 200 -19.38 -9.93 -36.83
N ALA C 201 -18.47 -8.97 -36.89
CA ALA C 201 -17.48 -8.91 -37.97
C ALA C 201 -16.27 -9.83 -37.76
N THR C 202 -16.15 -10.41 -36.58
CA THR C 202 -14.93 -11.16 -36.23
C THR C 202 -15.16 -12.59 -35.79
N ARG C 203 -16.34 -13.13 -36.09
CA ARG C 203 -16.66 -14.52 -35.72
C ARG C 203 -15.75 -15.52 -36.40
N PRO C 204 -15.42 -16.62 -35.71
CA PRO C 204 -14.53 -17.61 -36.34
C PRO C 204 -15.28 -18.37 -37.43
N PRO C 205 -14.57 -18.71 -38.52
CA PRO C 205 -15.24 -19.42 -39.61
C PRO C 205 -15.49 -20.88 -39.27
N VAL C 206 -16.73 -21.33 -39.46
CA VAL C 206 -17.09 -22.71 -39.16
C VAL C 206 -17.04 -23.57 -40.42
N LEU D 3 0.49 12.99 -9.20
CA LEU D 3 1.38 13.79 -10.02
C LEU D 3 2.66 14.18 -9.28
N THR D 4 3.76 14.32 -10.00
CA THR D 4 5.00 14.80 -9.40
C THR D 4 5.57 15.94 -10.23
N LEU D 5 5.86 17.06 -9.58
CA LEU D 5 6.47 18.20 -10.23
C LEU D 5 7.90 18.36 -9.75
N PHE D 6 8.87 18.32 -10.67
CA PHE D 6 10.25 18.63 -10.28
C PHE D 6 10.34 20.12 -10.01
N HIS D 7 10.85 20.46 -8.83
CA HIS D 7 10.59 21.75 -8.21
C HIS D 7 11.81 22.33 -7.49
N ASN D 8 11.96 23.65 -7.58
CA ASN D 8 12.69 24.40 -6.56
C ASN D 8 12.09 25.80 -6.45
N PRO D 9 12.22 26.44 -5.27
CA PRO D 9 11.54 27.73 -5.09
C PRO D 9 12.26 28.91 -5.73
N ALA D 10 13.44 28.70 -6.32
CA ALA D 10 14.13 29.80 -7.02
C ALA D 10 13.65 29.99 -8.45
N SER D 11 13.23 28.92 -9.09
CA SER D 11 12.94 28.98 -10.52
C SER D 11 11.64 29.71 -10.85
N PRO D 12 11.71 30.70 -11.75
CA PRO D 12 10.48 31.44 -12.04
C PRO D 12 9.57 30.67 -12.98
N TYR D 13 10.14 29.73 -13.74
CA TYR D 13 9.32 28.85 -14.57
C TYR D 13 8.53 27.87 -13.71
N VAL D 14 9.18 27.31 -12.69
CA VAL D 14 8.48 26.55 -11.68
C VAL D 14 7.44 27.42 -10.99
N ARG D 15 7.81 28.67 -10.68
CA ARG D 15 6.87 29.54 -10.00
C ARG D 15 5.58 29.74 -10.80
N LYS D 16 5.69 29.86 -12.12
CA LYS D 16 4.48 29.98 -12.95
C LYS D 16 3.54 28.81 -12.69
N VAL D 17 4.09 27.60 -12.70
CA VAL D 17 3.30 26.40 -12.45
C VAL D 17 2.69 26.40 -11.05
N MSE D 18 3.51 26.74 -10.06
CA MSE D 18 3.03 26.80 -8.67
C MSE D 18 1.92 27.81 -8.50
O MSE D 18 0.93 27.53 -7.83
CB MSE D 18 4.20 27.09 -7.73
CG MSE D 18 5.27 26.01 -7.76
SE MSE D 18 4.56 24.35 -6.99
CE MSE D 18 4.13 25.03 -5.22
N VAL D 19 2.06 28.98 -9.12
CA VAL D 19 1.03 30.00 -9.03
C VAL D 19 -0.26 29.50 -9.66
N LEU D 20 -0.17 28.89 -10.84
CA LEU D 20 -1.37 28.35 -11.48
C LEU D 20 -2.03 27.26 -10.63
N LEU D 21 -1.22 26.39 -10.03
CA LEU D 21 -1.74 25.35 -9.15
C LEU D 21 -2.52 25.94 -7.97
N HIS D 22 -1.94 26.96 -7.34
CA HIS D 22 -2.64 27.65 -6.25
C HIS D 22 -3.94 28.28 -6.75
N GLU D 23 -3.85 29.05 -7.82
CA GLU D 23 -4.98 29.81 -8.33
C GLU D 23 -6.15 28.91 -8.72
N THR D 24 -5.85 27.71 -9.20
CA THR D 24 -6.89 26.80 -9.70
C THR D 24 -7.26 25.69 -8.71
N GLY D 25 -6.68 25.74 -7.51
CA GLY D 25 -7.04 24.82 -6.44
C GLY D 25 -6.55 23.40 -6.63
N GLN D 26 -5.42 23.25 -7.33
CA GLN D 26 -4.93 21.92 -7.71
C GLN D 26 -3.64 21.51 -7.00
N LEU D 27 -3.10 22.41 -6.18
CA LEU D 27 -1.75 22.19 -5.64
C LEU D 27 -1.65 20.90 -4.82
N ASN D 28 -2.69 20.60 -4.04
CA ASN D 28 -2.65 19.43 -3.18
C ASN D 28 -2.74 18.09 -3.93
N ARG D 29 -2.81 18.15 -5.27
CA ARG D 29 -2.77 16.95 -6.12
C ARG D 29 -1.34 16.59 -6.52
N VAL D 30 -0.43 17.54 -6.35
CA VAL D 30 0.92 17.44 -6.91
C VAL D 30 1.99 17.33 -5.83
N ALA D 31 2.79 16.28 -5.92
CA ALA D 31 3.95 16.11 -5.05
C ALA D 31 5.10 16.90 -5.64
N LEU D 32 5.80 17.64 -4.80
CA LEU D 32 6.93 18.44 -5.27
C LEU D 32 8.22 17.69 -4.99
N GLN D 33 8.94 17.35 -6.04
CA GLN D 33 10.23 16.69 -5.90
C GLN D 33 11.37 17.68 -6.04
N ALA D 34 12.14 17.86 -4.96
CA ALA D 34 13.18 18.88 -4.92
C ALA D 34 14.28 18.58 -5.93
N SER D 35 14.72 19.63 -6.63
CA SER D 35 15.82 19.54 -7.56
C SER D 35 16.71 20.77 -7.46
N GLN D 36 17.99 20.55 -7.19
CA GLN D 36 18.99 21.62 -7.29
C GLN D 36 19.88 21.26 -8.48
N LEU D 37 20.11 22.25 -9.34
CA LEU D 37 20.72 21.96 -10.64
C LEU D 37 21.18 23.22 -11.34
N SER D 38 22.05 23.05 -12.32
CA SER D 38 22.51 24.13 -13.19
C SER D 38 23.08 23.44 -14.44
N PRO D 39 23.46 24.22 -15.48
CA PRO D 39 24.00 23.53 -16.66
C PRO D 39 25.33 22.83 -16.41
N VAL D 40 26.04 23.23 -15.34
CA VAL D 40 27.32 22.62 -15.01
C VAL D 40 27.23 21.71 -13.77
N ALA D 41 26.00 21.54 -13.27
CA ALA D 41 25.75 20.64 -12.15
C ALA D 41 24.41 19.94 -12.37
N PRO D 42 24.39 18.94 -13.26
CA PRO D 42 23.11 18.31 -13.60
C PRO D 42 22.56 17.41 -12.49
N ASP D 43 21.24 17.24 -12.53
CA ASP D 43 20.51 16.39 -11.60
C ASP D 43 20.18 15.11 -12.35
N ALA D 44 20.84 14.01 -12.00
CA ALA D 44 20.68 12.75 -12.72
C ALA D 44 19.25 12.20 -12.63
N ALA D 45 18.61 12.43 -11.48
CA ALA D 45 17.23 11.98 -11.30
C ALA D 45 16.29 12.70 -12.26
N LEU D 46 16.40 14.02 -12.32
CA LEU D 46 15.57 14.81 -13.21
C LEU D 46 15.85 14.46 -14.68
N ASN D 47 17.12 14.26 -15.00
CA ASN D 47 17.52 13.95 -16.39
C ASN D 47 16.83 12.71 -16.96
N GLN D 48 16.42 11.78 -16.09
N GLN D 48 16.43 11.80 -16.06
CA GLN D 48 15.73 10.59 -16.56
CA GLN D 48 15.72 10.59 -16.43
C GLN D 48 14.31 10.89 -17.02
C GLN D 48 14.36 10.92 -17.02
N ASP D 49 13.76 11.99 -16.53
CA ASP D 49 12.42 12.40 -16.92
C ASP D 49 12.43 13.51 -17.96
N ASN D 50 13.32 14.49 -17.78
CA ASN D 50 13.51 15.52 -18.80
C ASN D 50 14.97 15.56 -19.19
N PRO D 51 15.28 15.08 -20.41
CA PRO D 51 16.67 15.00 -20.83
C PRO D 51 17.34 16.36 -20.97
N LEU D 52 16.56 17.42 -21.14
CA LEU D 52 17.15 18.75 -21.24
C LEU D 52 17.77 19.21 -19.93
N GLY D 53 17.48 18.51 -18.82
CA GLY D 53 18.00 18.89 -17.53
C GLY D 53 17.46 20.23 -17.03
N LYS D 54 16.17 20.44 -17.21
CA LYS D 54 15.52 21.67 -16.75
C LYS D 54 14.24 21.40 -15.94
N ILE D 55 13.97 22.30 -15.02
CA ILE D 55 12.73 22.23 -14.28
C ILE D 55 11.94 23.43 -14.71
N PRO D 56 10.62 23.32 -14.68
CA PRO D 56 9.81 22.20 -14.20
C PRO D 56 9.68 21.04 -15.19
N ALA D 57 9.38 19.87 -14.64
CA ALA D 57 8.92 18.72 -15.43
C ALA D 57 7.80 18.12 -14.61
N LEU D 58 6.74 17.65 -15.26
CA LEU D 58 5.58 17.10 -14.55
C LEU D 58 5.33 15.66 -14.97
N ARG D 59 5.43 14.75 -14.00
CA ARG D 59 5.06 13.37 -14.26
C ARG D 59 3.59 13.17 -13.94
N LEU D 60 2.85 12.64 -14.91
CA LEU D 60 1.41 12.43 -14.76
C LEU D 60 1.07 11.12 -14.04
N ASP D 61 -0.20 10.97 -13.69
CA ASP D 61 -0.73 9.74 -13.11
C ASP D 61 -0.43 8.54 -14.00
N ASN D 62 -0.45 8.75 -15.31
CA ASN D 62 -0.23 7.67 -16.27
C ASN D 62 1.24 7.41 -16.61
N GLY D 63 2.14 8.15 -15.98
CA GLY D 63 3.56 7.91 -16.16
C GLY D 63 4.24 8.78 -17.20
N GLN D 64 3.42 9.48 -18.00
CA GLN D 64 3.94 10.39 -19.01
C GLN D 64 4.63 11.56 -18.32
N VAL D 65 5.70 12.08 -18.92
CA VAL D 65 6.39 13.24 -18.38
C VAL D 65 6.22 14.41 -19.33
N LEU D 66 5.77 15.55 -18.80
CA LEU D 66 5.61 16.75 -19.61
C LEU D 66 6.64 17.80 -19.26
N TYR D 67 7.04 18.56 -20.28
CA TYR D 67 7.89 19.74 -20.12
C TYR D 67 7.77 20.47 -21.46
N ASP D 68 8.14 21.75 -21.57
CA ASP D 68 8.61 22.61 -20.50
C ASP D 68 7.44 23.30 -19.79
N SER D 69 7.69 24.43 -19.13
CA SER D 69 6.66 25.05 -18.31
C SER D 69 5.39 25.37 -19.11
N ARG D 70 5.55 25.78 -20.37
CA ARG D 70 4.38 26.17 -21.16
C ARG D 70 3.46 25.00 -21.44
N VAL D 71 4.07 23.84 -21.68
CA VAL D 71 3.31 22.62 -21.92
C VAL D 71 2.61 22.20 -20.63
N ILE D 72 3.34 22.26 -19.52
CA ILE D 72 2.77 21.92 -18.23
C ILE D 72 1.59 22.85 -17.86
N LEU D 73 1.74 24.15 -18.09
CA LEU D 73 0.66 25.10 -17.83
C LEU D 73 -0.60 24.83 -18.69
N ASP D 74 -0.39 24.50 -19.96
CA ASP D 74 -1.48 24.16 -20.87
C ASP D 74 -2.21 22.94 -20.34
N TYR D 75 -1.45 21.90 -19.97
CA TYR D 75 -2.04 20.69 -19.42
C TYR D 75 -2.85 20.98 -18.17
N LEU D 76 -2.24 21.67 -17.21
CA LEU D 76 -2.91 21.86 -15.92
C LEU D 76 -4.14 22.75 -16.03
N ASP D 77 -4.12 23.68 -16.98
CA ASP D 77 -5.28 24.53 -17.17
C ASP D 77 -6.51 23.73 -17.67
N GLN D 78 -6.27 22.51 -18.15
CA GLN D 78 -7.38 21.64 -18.60
C GLN D 78 -7.90 20.70 -17.52
N GLN D 79 -7.28 20.70 -16.35
CA GLN D 79 -7.63 19.71 -15.31
C GLN D 79 -8.51 20.25 -14.18
N HIS D 80 -8.87 21.53 -14.27
CA HIS D 80 -9.79 22.12 -13.30
C HIS D 80 -11.05 22.60 -14.01
N VAL D 81 -12.11 22.84 -13.25
CA VAL D 81 -13.38 23.30 -13.86
C VAL D 81 -13.71 24.75 -13.55
N GLY D 82 -12.71 25.50 -13.10
CA GLY D 82 -12.87 26.93 -12.96
C GLY D 82 -12.71 27.58 -14.33
N ASN D 83 -12.79 28.91 -14.37
CA ASN D 83 -12.57 29.60 -15.62
C ASN D 83 -11.13 29.39 -16.10
N PRO D 84 -10.96 29.12 -17.41
CA PRO D 84 -9.60 28.82 -17.88
C PRO D 84 -8.67 30.02 -17.77
N LEU D 85 -7.43 29.74 -17.44
CA LEU D 85 -6.41 30.78 -17.39
C LEU D 85 -5.72 30.98 -18.74
N ILE D 86 -6.00 30.09 -19.69
CA ILE D 86 -5.53 30.26 -21.06
C ILE D 86 -6.76 30.21 -21.96
N PRO D 87 -7.05 31.31 -22.68
CA PRO D 87 -8.23 31.30 -23.56
C PRO D 87 -8.09 30.17 -24.58
N ARG D 88 -9.16 29.41 -24.81
CA ARG D 88 -9.03 28.21 -25.62
C ARG D 88 -9.22 28.45 -27.11
N ASP D 89 -9.71 29.63 -27.46
CA ASP D 89 -9.80 30.05 -28.86
C ASP D 89 -9.95 31.56 -28.96
N GLY D 90 -10.19 32.04 -30.18
CA GLY D 90 -10.37 33.45 -30.41
C GLY D 90 -9.07 34.23 -30.33
N SER D 91 -9.12 35.51 -30.70
CA SER D 91 -7.94 36.36 -30.72
C SER D 91 -7.36 36.54 -29.33
N ALA D 92 -8.18 36.39 -28.30
CA ALA D 92 -7.68 36.53 -26.93
C ALA D 92 -6.64 35.47 -26.64
N ARG D 93 -6.83 34.27 -27.18
CA ARG D 93 -5.88 33.18 -26.96
C ARG D 93 -4.48 33.61 -27.35
N TRP D 94 -4.33 34.12 -28.57
CA TRP D 94 -2.98 34.39 -29.04
C TRP D 94 -2.42 35.70 -28.47
N ARG D 95 -3.29 36.63 -28.08
CA ARG D 95 -2.84 37.83 -27.39
C ARG D 95 -2.28 37.48 -26.00
N ARG D 96 -3.04 36.69 -25.23
CA ARG D 96 -2.57 36.34 -23.89
C ARG D 96 -1.31 35.49 -23.97
N LEU D 97 -1.24 34.61 -24.97
CA LEU D 97 -0.07 33.73 -25.08
C LEU D 97 1.15 34.50 -25.53
N THR D 98 0.93 35.57 -26.32
CA THR D 98 2.05 36.41 -26.73
C THR D 98 2.61 37.17 -25.52
N LEU D 99 1.73 37.75 -24.71
CA LEU D 99 2.17 38.44 -23.50
C LEU D 99 2.92 37.49 -22.56
N ALA D 100 2.45 36.25 -22.48
CA ALA D 100 3.13 35.24 -21.69
C ALA D 100 4.53 34.96 -22.25
N ALA D 101 4.63 34.88 -23.58
CA ALA D 101 5.92 34.67 -24.21
C ALA D 101 6.87 35.84 -24.00
N LEU D 102 6.32 37.06 -23.97
CA LEU D 102 7.12 38.24 -23.64
C LEU D 102 7.77 38.03 -22.27
N ALA D 103 6.97 37.58 -21.31
CA ALA D 103 7.45 37.35 -19.95
C ALA D 103 8.48 36.24 -19.93
N ASP D 104 8.22 35.18 -20.68
CA ASP D 104 9.19 34.09 -20.73
C ASP D 104 10.52 34.58 -21.29
N GLY D 105 10.47 35.49 -22.26
CA GLY D 105 11.68 36.09 -22.81
C GLY D 105 12.48 36.87 -21.78
N ILE D 106 11.77 37.62 -20.92
CA ILE D 106 12.42 38.32 -19.83
C ILE D 106 13.11 37.32 -18.91
N MSE D 107 12.40 36.25 -18.57
CA MSE D 107 12.99 35.20 -17.73
C MSE D 107 14.21 34.55 -18.36
O MSE D 107 15.21 34.34 -17.68
CB MSE D 107 11.96 34.12 -17.38
CG MSE D 107 10.97 34.57 -16.34
SE MSE D 107 9.60 33.26 -15.97
CE MSE D 107 8.13 34.01 -17.04
N ASP D 108 14.11 34.22 -19.65
CA ASP D 108 15.22 33.55 -20.33
C ASP D 108 16.48 34.42 -20.28
N ALA D 109 16.33 35.71 -20.61
CA ALA D 109 17.45 36.64 -20.53
C ALA D 109 17.95 36.77 -19.09
N SER D 110 17.03 36.84 -18.14
CA SER D 110 17.43 36.96 -16.73
C SER D 110 18.22 35.75 -16.25
N VAL D 111 17.81 34.56 -16.67
CA VAL D 111 18.51 33.36 -16.26
C VAL D 111 19.90 33.28 -16.88
N LEU D 112 20.03 33.67 -18.15
CA LEU D 112 21.36 33.71 -18.78
C LEU D 112 22.31 34.65 -18.05
N VAL D 113 21.81 35.81 -17.65
CA VAL D 113 22.62 36.78 -16.91
C VAL D 113 22.98 36.24 -15.52
N ARG D 114 22.02 35.63 -14.84
CA ARG D 114 22.27 35.02 -13.54
C ARG D 114 23.38 33.99 -13.64
N TYR D 115 23.29 33.10 -14.62
CA TYR D 115 24.28 32.04 -14.72
C TYR D 115 25.68 32.60 -15.04
N GLU D 116 25.74 33.62 -15.90
CA GLU D 116 27.03 34.23 -16.23
C GLU D 116 27.65 34.89 -15.00
N LEU D 117 26.88 35.72 -14.33
CA LEU D 117 27.39 36.46 -13.18
C LEU D 117 27.73 35.57 -12.01
N ALA D 118 26.90 34.55 -11.75
CA ALA D 118 27.06 33.71 -10.57
C ALA D 118 27.99 32.50 -10.76
N LEU D 119 28.02 31.94 -11.97
CA LEU D 119 28.77 30.70 -12.19
C LEU D 119 30.04 30.86 -13.02
N ARG D 120 30.05 31.81 -13.95
CA ARG D 120 31.21 32.01 -14.82
C ARG D 120 32.27 32.84 -14.09
N ALA D 121 33.52 32.46 -14.25
CA ALA D 121 34.62 33.23 -13.67
C ALA D 121 34.58 34.67 -14.18
N PRO D 122 34.78 35.63 -13.27
CA PRO D 122 34.64 37.07 -13.57
C PRO D 122 35.49 37.54 -14.74
N GLU D 123 36.70 37.01 -14.89
CA GLU D 123 37.57 37.42 -15.99
C GLU D 123 37.05 36.95 -17.35
N LYS D 124 36.05 36.08 -17.33
CA LYS D 124 35.44 35.61 -18.58
C LYS D 124 34.07 36.22 -18.86
N HIS D 125 33.63 37.15 -18.00
CA HIS D 125 32.38 37.84 -18.25
C HIS D 125 32.49 38.70 -19.50
N TRP D 126 31.45 38.69 -20.32
CA TRP D 126 31.40 39.52 -21.52
C TRP D 126 30.34 40.61 -21.36
N GLU D 127 30.80 41.82 -21.07
CA GLU D 127 29.92 42.93 -20.67
C GLU D 127 28.91 43.35 -21.72
N GLN D 128 29.36 43.47 -22.96
CA GLN D 128 28.51 43.95 -24.03
C GLN D 128 27.40 42.95 -24.34
N TRP D 129 27.65 41.68 -24.04
CA TRP D 129 26.68 40.60 -24.21
C TRP D 129 25.68 40.57 -23.06
N LEU D 130 26.16 40.86 -21.86
CA LEU D 130 25.29 40.98 -20.70
C LEU D 130 24.31 42.12 -20.92
N ASP D 131 24.80 43.20 -21.55
CA ASP D 131 23.96 44.32 -21.93
C ASP D 131 22.96 43.92 -23.01
N GLY D 132 23.38 43.04 -23.92
CA GLY D 132 22.50 42.51 -24.94
C GLY D 132 21.30 41.82 -24.32
N GLN D 133 21.54 41.12 -23.22
CA GLN D 133 20.46 40.46 -22.50
C GLN D 133 19.68 41.46 -21.64
N ARG D 134 20.38 42.41 -21.05
CA ARG D 134 19.72 43.44 -20.25
C ARG D 134 18.81 44.33 -21.10
N ASP D 135 19.25 44.64 -22.31
CA ASP D 135 18.46 45.45 -23.23
C ASP D 135 17.20 44.72 -23.68
N LYS D 136 17.31 43.42 -23.91
CA LYS D 136 16.16 42.59 -24.24
C LYS D 136 15.12 42.76 -23.13
N ILE D 137 15.59 42.70 -21.89
CA ILE D 137 14.73 42.88 -20.73
C ILE D 137 14.07 44.26 -20.68
N ARG D 138 14.85 45.33 -20.85
CA ARG D 138 14.28 46.67 -20.73
C ARG D 138 13.26 46.99 -21.82
N ARG D 139 13.54 46.52 -23.03
CA ARG D 139 12.62 46.76 -24.15
C ARG D 139 11.29 46.07 -23.90
N ALA D 140 11.34 44.87 -23.29
CA ALA D 140 10.13 44.13 -22.97
C ALA D 140 9.35 44.83 -21.88
N LEU D 141 10.05 45.31 -20.86
CA LEU D 141 9.40 46.07 -19.78
C LEU D 141 8.73 47.32 -20.33
N ALA D 142 9.40 47.99 -21.26
CA ALA D 142 8.85 49.18 -21.89
C ALA D 142 7.55 48.87 -22.62
N VAL D 143 7.51 47.74 -23.33
CA VAL D 143 6.29 47.33 -24.02
C VAL D 143 5.16 47.03 -23.04
N LEU D 144 5.46 46.34 -21.94
CA LEU D 144 4.45 46.06 -20.94
C LEU D 144 3.84 47.36 -20.41
N GLU D 145 4.72 48.31 -20.06
CA GLU D 145 4.28 49.58 -19.49
C GLU D 145 3.42 50.38 -20.46
N ALA D 146 3.76 50.32 -21.74
CA ALA D 146 3.09 51.12 -22.77
C ALA D 146 1.81 50.48 -23.33
N GLU D 147 1.74 49.15 -23.35
CA GLU D 147 0.69 48.46 -24.11
C GLU D 147 -0.14 47.44 -23.34
N ALA D 148 0.34 47.00 -22.17
CA ALA D 148 -0.20 45.77 -21.57
C ALA D 148 -0.84 45.87 -20.19
N ILE D 149 -0.76 47.03 -19.55
CA ILE D 149 -1.17 47.16 -18.14
C ILE D 149 -2.64 46.82 -17.90
N ALA D 150 -3.52 47.43 -18.68
CA ALA D 150 -4.96 47.16 -18.58
C ALA D 150 -5.23 45.68 -18.78
N GLU D 151 -4.58 45.09 -19.77
CA GLU D 151 -4.74 43.67 -20.07
C GLU D 151 -4.28 42.77 -18.92
N LEU D 152 -3.13 43.08 -18.34
CA LEU D 152 -2.64 42.31 -17.21
C LEU D 152 -3.59 42.38 -16.03
N ALA D 153 -4.08 43.58 -15.75
CA ALA D 153 -4.95 43.80 -14.60
C ALA D 153 -6.32 43.13 -14.77
N SER D 154 -6.76 42.96 -16.01
CA SER D 154 -8.11 42.49 -16.28
C SER D 154 -8.38 41.05 -15.84
N HIS D 155 -7.32 40.24 -15.78
CA HIS D 155 -7.47 38.82 -15.45
C HIS D 155 -6.11 38.29 -15.01
N PHE D 156 -6.04 37.71 -13.82
CA PHE D 156 -4.79 37.10 -13.36
C PHE D 156 -4.69 35.71 -13.99
N ASP D 157 -4.31 35.69 -15.27
CA ASP D 157 -4.33 34.48 -16.07
C ASP D 157 -2.92 34.11 -16.51
N ILE D 158 -2.81 33.36 -17.60
CA ILE D 158 -1.49 32.94 -18.09
C ILE D 158 -0.53 34.11 -18.30
N ALA D 159 -1.01 35.21 -18.87
CA ALA D 159 -0.17 36.35 -19.16
C ALA D 159 0.27 37.04 -17.87
N ALA D 160 -0.70 37.35 -17.01
CA ALA D 160 -0.45 38.00 -15.73
C ALA D 160 0.48 37.19 -14.85
N ILE D 161 0.22 35.88 -14.77
CA ILE D 161 1.06 34.98 -13.96
C ILE D 161 2.50 34.97 -14.48
N SER D 162 2.66 34.86 -15.80
CA SER D 162 3.99 34.82 -16.39
C SER D 162 4.74 36.12 -16.15
N VAL D 163 4.07 37.25 -16.39
CA VAL D 163 4.70 38.54 -16.16
C VAL D 163 5.08 38.71 -14.67
N ALA D 164 4.18 38.32 -13.77
CA ALA D 164 4.45 38.46 -12.34
C ALA D 164 5.69 37.66 -11.93
N CYS D 165 5.79 36.45 -12.44
CA CYS D 165 6.94 35.60 -12.11
C CYS D 165 8.24 36.16 -12.68
N ALA D 166 8.17 36.76 -13.86
CA ALA D 166 9.34 37.42 -14.44
C ALA D 166 9.83 38.60 -13.60
N LEU D 167 8.90 39.45 -13.17
CA LEU D 167 9.22 40.59 -12.30
C LEU D 167 9.77 40.12 -10.95
N GLY D 168 9.15 39.11 -10.36
CA GLY D 168 9.66 38.57 -9.10
C GLY D 168 11.07 38.07 -9.25
N TYR D 169 11.41 37.47 -10.39
CA TYR D 169 12.75 36.95 -10.61
C TYR D 169 13.78 38.06 -10.82
N LEU D 170 13.40 39.13 -11.52
CA LEU D 170 14.26 40.31 -11.59
C LEU D 170 14.59 40.83 -10.18
N ASP D 171 13.58 40.93 -9.32
CA ASP D 171 13.79 41.45 -7.97
C ASP D 171 14.72 40.53 -7.18
N PHE D 172 14.54 39.23 -7.40
CA PHE D 172 15.28 38.19 -6.69
C PHE D 172 16.75 38.10 -7.13
N ARG D 173 17.00 37.92 -8.42
CA ARG D 173 18.37 37.71 -8.89
C ARG D 173 19.09 38.97 -9.37
N HIS D 174 18.34 39.96 -9.82
CA HIS D 174 18.95 41.16 -10.40
C HIS D 174 18.44 42.47 -9.83
N PRO D 175 18.59 42.66 -8.51
CA PRO D 175 18.10 43.92 -7.92
C PRO D 175 18.81 45.16 -8.47
N ASP D 176 19.97 44.99 -9.10
CA ASP D 176 20.72 46.10 -9.69
C ASP D 176 20.04 46.64 -10.95
N LEU D 177 19.15 45.84 -11.53
CA LEU D 177 18.42 46.27 -12.71
C LEU D 177 17.15 46.97 -12.28
N GLU D 178 17.23 48.28 -12.08
CA GLU D 178 16.11 49.06 -11.58
C GLU D 178 15.02 49.19 -12.65
N TRP D 179 13.78 48.88 -12.29
CA TRP D 179 12.70 48.94 -13.28
C TRP D 179 11.46 49.67 -12.79
N ARG D 180 11.37 49.99 -11.50
CA ARG D 180 10.15 50.58 -10.96
C ARG D 180 9.96 52.05 -11.29
N GLN D 181 11.05 52.79 -11.41
CA GLN D 181 10.96 54.21 -11.73
C GLN D 181 10.35 54.44 -13.13
N ASP D 182 10.86 53.73 -14.14
CA ASP D 182 10.46 53.95 -15.51
C ASP D 182 9.20 53.18 -15.92
N HIS D 183 8.77 52.27 -15.05
CA HIS D 183 7.56 51.49 -15.32
C HIS D 183 6.63 51.52 -14.11
N PRO D 184 6.13 52.73 -13.76
CA PRO D 184 5.38 52.85 -12.51
C PRO D 184 4.02 52.15 -12.52
N GLN D 185 3.35 52.09 -13.68
CA GLN D 185 2.09 51.36 -13.71
C GLN D 185 2.33 49.87 -13.52
N LEU D 186 3.39 49.37 -14.15
CA LEU D 186 3.76 47.96 -13.99
C LEU D 186 4.13 47.68 -12.53
N ALA D 187 4.87 48.59 -11.93
CA ALA D 187 5.25 48.43 -10.52
C ALA D 187 4.05 48.43 -9.57
N ALA D 188 3.07 49.28 -9.86
CA ALA D 188 1.87 49.37 -9.01
C ALA D 188 1.01 48.12 -9.16
N TRP D 189 0.86 47.65 -10.40
CA TRP D 189 0.14 46.41 -10.65
C TRP D 189 0.83 45.27 -9.93
N TYR D 190 2.17 45.21 -10.04
CA TYR D 190 2.91 44.13 -9.41
C TYR D 190 2.77 44.15 -7.89
N PHE D 191 2.83 45.34 -7.29
CA PHE D 191 2.65 45.44 -5.85
C PHE D 191 1.28 44.89 -5.44
N GLU D 192 0.25 45.20 -6.20
CA GLU D 192 -1.06 44.65 -5.91
C GLU D 192 -1.10 43.14 -6.01
N ILE D 193 -0.64 42.60 -7.13
CA ILE D 193 -0.75 41.15 -7.29
C ILE D 193 0.25 40.38 -6.41
N SER D 194 1.29 41.06 -5.92
CA SER D 194 2.24 40.39 -5.03
C SER D 194 1.57 39.97 -3.71
N GLN D 195 0.42 40.55 -3.42
CA GLN D 195 -0.29 40.22 -2.18
C GLN D 195 -1.33 39.12 -2.36
N ARG D 196 -1.47 38.61 -3.59
CA ARG D 196 -2.32 37.43 -3.79
C ARG D 196 -1.73 36.26 -3.03
N PRO D 197 -2.59 35.45 -2.36
CA PRO D 197 -2.08 34.28 -1.65
C PRO D 197 -1.17 33.39 -2.52
N SER D 198 -1.47 33.25 -3.80
CA SER D 198 -0.66 32.40 -4.69
C SER D 198 0.76 32.95 -4.86
N MSE D 199 0.87 34.28 -4.83
CA MSE D 199 2.17 34.93 -4.93
C MSE D 199 2.95 34.91 -3.62
O MSE D 199 4.14 34.61 -3.61
CB MSE D 199 2.01 36.36 -5.45
CG MSE D 199 1.61 36.42 -6.93
SE MSE D 199 2.96 35.78 -8.20
CE MSE D 199 4.20 37.25 -8.00
N LEU D 200 2.27 35.23 -2.53
CA LEU D 200 2.89 35.11 -1.21
C LEU D 200 3.38 33.69 -0.92
N ALA D 201 2.65 32.70 -1.45
CA ALA D 201 2.94 31.29 -1.19
C ALA D 201 4.15 30.76 -1.94
N THR D 202 4.59 31.51 -2.94
CA THR D 202 5.58 30.97 -3.87
C THR D 202 6.83 31.85 -4.04
N ARG D 203 7.10 32.69 -3.05
CA ARG D 203 8.26 33.56 -3.12
C ARG D 203 9.57 32.78 -3.09
N PRO D 204 10.59 33.30 -3.79
CA PRO D 204 11.91 32.67 -3.76
C PRO D 204 12.55 32.86 -2.38
N PRO D 205 13.43 31.95 -1.99
CA PRO D 205 13.95 31.99 -0.62
C PRO D 205 15.02 33.08 -0.44
N SER E 2 -6.48 -7.52 7.58
CA SER E 2 -6.85 -8.83 7.03
C SER E 2 -6.61 -9.94 8.05
N LEU E 3 -7.12 -11.14 7.75
CA LEU E 3 -7.03 -12.24 8.70
C LEU E 3 -5.83 -13.12 8.42
N THR E 4 -5.23 -13.66 9.47
CA THR E 4 -4.13 -14.62 9.33
C THR E 4 -4.36 -15.82 10.24
N LEU E 5 -4.29 -17.01 9.66
CA LEU E 5 -4.43 -18.24 10.44
C LEU E 5 -3.08 -18.90 10.56
N PHE E 6 -2.63 -19.10 11.80
CA PHE E 6 -1.42 -19.82 12.04
C PHE E 6 -1.75 -21.30 11.89
N HIS E 7 -1.05 -21.93 10.96
CA HIS E 7 -1.52 -23.12 10.26
C HIS E 7 -0.48 -24.24 10.23
N ASN E 8 -0.97 -25.46 10.29
CA ASN E 8 -0.16 -26.66 10.09
C ASN E 8 -1.06 -27.66 9.35
N PRO E 9 -0.54 -28.31 8.31
CA PRO E 9 -1.38 -29.16 7.46
C PRO E 9 -1.64 -30.55 8.07
N ALA E 10 -0.96 -30.90 9.15
CA ALA E 10 -1.17 -32.18 9.80
C ALA E 10 -2.20 -32.11 10.93
N SER E 11 -2.33 -30.94 11.53
CA SER E 11 -3.17 -30.78 12.72
C SER E 11 -4.65 -30.95 12.42
N PRO E 12 -5.32 -31.84 13.17
CA PRO E 12 -6.75 -32.04 12.93
C PRO E 12 -7.60 -30.92 13.51
N TYR E 13 -7.04 -30.21 14.49
CA TYR E 13 -7.67 -29.01 15.03
C TYR E 13 -7.66 -27.87 14.03
N VAL E 14 -6.53 -27.70 13.35
CA VAL E 14 -6.45 -26.75 12.23
C VAL E 14 -7.40 -27.17 11.12
N ARG E 15 -7.47 -28.48 10.86
CA ARG E 15 -8.32 -28.96 9.80
C ARG E 15 -9.79 -28.57 10.01
N LYS E 16 -10.27 -28.63 11.24
CA LYS E 16 -11.66 -28.22 11.50
C LYS E 16 -11.89 -26.80 11.00
N VAL E 17 -10.95 -25.91 11.31
CA VAL E 17 -11.06 -24.51 10.94
C VAL E 17 -11.01 -24.36 9.43
N MSE E 18 -10.10 -25.09 8.79
CA MSE E 18 -10.00 -25.03 7.33
C MSE E 18 -11.25 -25.54 6.64
O MSE E 18 -11.72 -24.93 5.67
CB MSE E 18 -8.77 -25.83 6.87
CG MSE E 18 -7.46 -25.23 7.29
SE MSE E 18 -7.15 -23.50 6.43
CE MSE E 18 -7.03 -24.10 4.58
N VAL E 19 -11.80 -26.63 7.14
CA VAL E 19 -13.03 -27.18 6.58
C VAL E 19 -14.18 -26.19 6.73
N LEU E 20 -14.31 -25.58 7.91
CA LEU E 20 -15.36 -24.59 8.10
C LEU E 20 -15.14 -23.39 7.16
N LEU E 21 -13.90 -22.95 7.00
CA LEU E 21 -13.60 -21.85 6.08
C LEU E 21 -14.03 -22.18 4.65
N HIS E 22 -13.69 -23.39 4.19
CA HIS E 22 -14.14 -23.84 2.87
C HIS E 22 -15.67 -23.86 2.78
N GLU E 23 -16.32 -24.49 3.77
CA GLU E 23 -17.77 -24.67 3.74
C GLU E 23 -18.54 -23.36 3.70
N THR E 24 -18.03 -22.34 4.39
CA THR E 24 -18.75 -21.08 4.53
C THR E 24 -18.28 -20.01 3.54
N GLY E 25 -17.35 -20.38 2.67
CA GLY E 25 -16.91 -19.49 1.60
C GLY E 25 -15.99 -18.36 2.04
N GLN E 26 -15.36 -18.54 3.20
CA GLN E 26 -14.59 -17.48 3.84
C GLN E 26 -13.09 -17.64 3.71
N LEU E 27 -12.66 -18.72 3.06
CA LEU E 27 -11.23 -19.02 3.03
C LEU E 27 -10.39 -17.93 2.37
N ASN E 28 -10.95 -17.27 1.36
CA ASN E 28 -10.20 -16.26 0.62
C ASN E 28 -9.98 -14.97 1.41
N ARG E 29 -10.52 -14.93 2.63
CA ARG E 29 -10.33 -13.78 3.52
C ARG E 29 -9.14 -14.01 4.45
N VAL E 30 -8.65 -15.24 4.46
CA VAL E 30 -7.65 -15.65 5.44
C VAL E 30 -6.32 -16.03 4.78
N ALA E 31 -5.23 -15.39 5.21
CA ALA E 31 -3.90 -15.80 4.78
C ALA E 31 -3.39 -16.91 5.70
N LEU E 32 -2.80 -17.95 5.13
CA LEU E 32 -2.31 -19.07 5.94
C LEU E 32 -0.83 -18.87 6.19
N GLN E 33 -0.43 -18.86 7.46
CA GLN E 33 0.97 -18.75 7.81
C GLN E 33 1.48 -20.07 8.40
N ALA E 34 2.50 -20.61 7.76
CA ALA E 34 3.04 -21.92 8.14
C ALA E 34 3.61 -21.91 9.55
N SER E 35 3.26 -22.95 10.31
CA SER E 35 3.84 -23.20 11.61
C SER E 35 4.19 -24.68 11.75
N GLN E 36 5.38 -24.97 12.25
CA GLN E 36 5.80 -26.35 12.49
C GLN E 36 6.22 -26.45 13.95
N LEU E 37 5.62 -27.38 14.69
CA LEU E 37 5.84 -27.43 16.14
C LEU E 37 5.47 -28.74 16.83
N SER E 38 5.94 -28.87 18.07
CA SER E 38 5.58 -29.96 18.98
C SER E 38 5.85 -29.46 20.41
N PRO E 39 5.35 -30.17 21.44
CA PRO E 39 5.56 -29.69 22.82
C PRO E 39 7.03 -29.67 23.26
N VAL E 40 7.92 -30.23 22.44
CA VAL E 40 9.34 -30.28 22.77
C VAL E 40 10.14 -29.53 21.70
N ALA E 41 9.43 -29.00 20.71
CA ALA E 41 10.02 -28.20 19.64
C ALA E 41 9.08 -27.02 19.38
N PRO E 42 9.22 -25.95 20.18
CA PRO E 42 8.29 -24.81 20.24
C PRO E 42 8.55 -23.76 19.17
N PRO E 51 2.72 -15.23 20.38
CA PRO E 51 3.93 -15.68 21.07
C PRO E 51 3.67 -16.91 21.93
N LEU E 52 2.40 -17.31 22.00
CA LEU E 52 2.01 -18.50 22.74
C LEU E 52 2.22 -19.75 21.90
N GLY E 53 2.36 -19.57 20.59
CA GLY E 53 2.55 -20.69 19.69
C GLY E 53 1.34 -21.60 19.62
N LYS E 54 0.15 -21.02 19.80
CA LYS E 54 -1.09 -21.80 19.70
C LYS E 54 -1.42 -22.08 18.24
N ILE E 55 -1.85 -23.31 17.97
CA ILE E 55 -2.19 -23.78 16.62
C ILE E 55 -3.42 -24.68 16.60
N PRO E 56 -4.52 -24.26 15.93
CA PRO E 56 -4.65 -23.01 15.17
C PRO E 56 -4.72 -21.80 16.08
N ALA E 57 -4.32 -20.65 15.54
CA ALA E 57 -4.59 -19.37 16.17
C ALA E 57 -4.97 -18.42 15.04
N LEU E 58 -5.88 -17.48 15.29
CA LEU E 58 -6.38 -16.59 14.23
C LEU E 58 -6.19 -15.13 14.60
N ARG E 59 -5.32 -14.44 13.85
CA ARG E 59 -5.14 -13.00 14.01
C ARG E 59 -6.23 -12.23 13.27
N LEU E 60 -6.95 -11.39 14.00
CA LEU E 60 -8.05 -10.61 13.42
C LEU E 60 -7.54 -9.30 12.79
N ASP E 61 -8.44 -8.62 12.08
CA ASP E 61 -8.13 -7.33 11.48
C ASP E 61 -7.62 -6.33 12.52
N ASN E 62 -8.13 -6.42 13.73
CA ASN E 62 -7.75 -5.47 14.79
C ASN E 62 -6.45 -5.85 15.51
N GLY E 63 -5.86 -6.99 15.14
CA GLY E 63 -4.63 -7.43 15.76
C GLY E 63 -4.83 -8.42 16.90
N GLN E 64 -6.06 -8.56 17.38
CA GLN E 64 -6.40 -9.55 18.41
C GLN E 64 -6.13 -10.95 17.85
N VAL E 65 -5.63 -11.85 18.70
CA VAL E 65 -5.46 -13.25 18.30
C VAL E 65 -6.41 -14.16 19.07
N LEU E 66 -7.16 -14.98 18.34
CA LEU E 66 -8.11 -15.91 18.95
C LEU E 66 -7.55 -17.32 18.94
N TYR E 67 -7.91 -18.07 19.97
CA TYR E 67 -7.64 -19.52 20.10
C TYR E 67 -8.54 -20.02 21.24
N ASP E 68 -8.76 -21.32 21.40
CA ASP E 68 -8.25 -22.38 20.53
C ASP E 68 -9.20 -22.61 19.36
N SER E 69 -9.17 -23.82 18.78
CA SER E 69 -9.98 -24.09 17.57
C SER E 69 -11.47 -23.85 17.81
N ARG E 70 -11.98 -24.21 18.98
CA ARG E 70 -13.42 -24.06 19.22
C ARG E 70 -13.85 -22.60 19.29
N VAL E 71 -13.01 -21.75 19.85
CA VAL E 71 -13.25 -20.32 19.87
C VAL E 71 -13.21 -19.75 18.46
N ILE E 72 -12.22 -20.19 17.69
CA ILE E 72 -12.06 -19.75 16.31
C ILE E 72 -13.26 -20.16 15.47
N LEU E 73 -13.70 -21.41 15.64
CA LEU E 73 -14.87 -21.90 14.91
C LEU E 73 -16.12 -21.09 15.24
N ASP E 74 -16.31 -20.79 16.52
CA ASP E 74 -17.44 -19.98 16.97
C ASP E 74 -17.38 -18.60 16.31
N TYR E 75 -16.21 -17.96 16.37
CA TYR E 75 -16.04 -16.64 15.73
C TYR E 75 -16.39 -16.70 14.25
N LEU E 76 -15.79 -17.65 13.52
CA LEU E 76 -15.96 -17.68 12.07
C LEU E 76 -17.39 -18.00 11.66
N ASP E 77 -18.08 -18.81 12.45
CA ASP E 77 -19.45 -19.16 12.10
C ASP E 77 -20.38 -17.94 12.15
N GLN E 78 -19.95 -16.89 12.85
CA GLN E 78 -20.77 -15.69 12.94
C GLN E 78 -20.41 -14.59 11.92
N GLN E 79 -19.44 -14.87 11.05
CA GLN E 79 -18.98 -13.86 10.07
C GLN E 79 -19.48 -14.09 8.66
N HIS E 80 -20.23 -15.17 8.43
CA HIS E 80 -20.78 -15.45 7.10
C HIS E 80 -22.31 -15.33 7.12
N VAL E 81 -22.92 -15.30 5.94
CA VAL E 81 -24.35 -15.06 5.82
C VAL E 81 -25.15 -16.32 5.53
N GLY E 82 -24.48 -17.47 5.48
CA GLY E 82 -25.18 -18.72 5.26
C GLY E 82 -25.81 -19.25 6.52
N ASN E 83 -26.42 -20.43 6.43
CA ASN E 83 -26.95 -21.09 7.61
C ASN E 83 -25.82 -21.34 8.59
N PRO E 84 -26.08 -21.11 9.88
CA PRO E 84 -25.05 -21.32 10.91
C PRO E 84 -24.67 -22.79 11.04
N LEU E 85 -23.38 -23.07 11.25
CA LEU E 85 -22.94 -24.44 11.43
C LEU E 85 -22.88 -24.80 12.91
N ILE E 86 -23.09 -23.79 13.76
CA ILE E 86 -23.27 -24.02 15.19
C ILE E 86 -24.66 -23.49 15.58
N PRO E 87 -25.56 -24.37 16.04
CA PRO E 87 -26.90 -23.90 16.39
C PRO E 87 -26.81 -22.81 17.45
N ARG E 88 -27.57 -21.74 17.28
CA ARG E 88 -27.43 -20.58 18.15
C ARG E 88 -28.16 -20.76 19.49
N ASP E 89 -29.13 -21.67 19.51
CA ASP E 89 -29.90 -21.96 20.73
C ASP E 89 -30.67 -23.26 20.58
N GLY E 90 -31.53 -23.56 21.55
CA GLY E 90 -32.31 -24.77 21.54
C GLY E 90 -31.48 -25.98 21.95
N SER E 91 -32.15 -27.10 22.18
CA SER E 91 -31.47 -28.33 22.57
C SER E 91 -30.41 -28.74 21.54
N ALA E 92 -30.64 -28.38 20.28
CA ALA E 92 -29.73 -28.74 19.20
C ALA E 92 -28.33 -28.20 19.44
N ARG E 93 -28.24 -26.98 19.95
CA ARG E 93 -26.94 -26.39 20.21
C ARG E 93 -26.04 -27.29 21.07
N TRP E 94 -26.55 -27.76 22.19
CA TRP E 94 -25.68 -28.55 23.06
C TRP E 94 -25.49 -29.99 22.61
N ARG E 95 -26.44 -30.52 21.84
CA ARG E 95 -26.25 -31.83 21.23
C ARG E 95 -25.12 -31.77 20.19
N ARG E 96 -25.16 -30.80 19.29
CA ARG E 96 -24.12 -30.71 18.26
C ARG E 96 -22.77 -30.36 18.88
N LEU E 97 -22.76 -29.47 19.87
CA LEU E 97 -21.51 -29.14 20.54
C LEU E 97 -20.91 -30.30 21.34
N THR E 98 -21.76 -31.17 21.89
CA THR E 98 -21.27 -32.36 22.60
C THR E 98 -20.63 -33.36 21.62
N LEU E 99 -21.29 -33.55 20.48
CA LEU E 99 -20.74 -34.40 19.44
C LEU E 99 -19.40 -33.85 18.96
N ALA E 100 -19.30 -32.54 18.83
CA ALA E 100 -18.03 -31.92 18.46
C ALA E 100 -16.98 -32.16 19.54
N ALA E 101 -17.40 -32.06 20.80
CA ALA E 101 -16.48 -32.30 21.92
C ALA E 101 -16.03 -33.76 21.97
N LEU E 102 -16.92 -34.68 21.60
N LEU E 102 -16.92 -34.67 21.60
CA LEU E 102 -16.56 -36.10 21.50
CA LEU E 102 -16.57 -36.07 21.51
C LEU E 102 -15.43 -36.23 20.48
C LEU E 102 -15.46 -36.25 20.47
N ALA E 103 -15.59 -35.57 19.34
CA ALA E 103 -14.59 -35.60 18.29
C ALA E 103 -13.27 -35.01 18.79
N ASP E 104 -13.34 -33.87 19.47
CA ASP E 104 -12.14 -33.26 20.02
C ASP E 104 -11.43 -34.22 20.98
N GLY E 105 -12.21 -34.98 21.77
CA GLY E 105 -11.66 -35.96 22.68
C GLY E 105 -10.97 -37.11 21.96
N ILE E 106 -11.54 -37.53 20.83
CA ILE E 106 -10.86 -38.53 20.00
C ILE E 106 -9.51 -37.98 19.52
N MSE E 107 -9.49 -36.72 19.09
CA MSE E 107 -8.26 -36.09 18.63
C MSE E 107 -7.26 -36.00 19.75
O MSE E 107 -6.08 -36.31 19.56
CB MSE E 107 -8.53 -34.69 18.08
CG MSE E 107 -9.41 -34.66 16.88
SE MSE E 107 -9.66 -32.81 16.28
CE MSE E 107 -11.55 -32.95 15.79
N ASP E 108 -7.72 -35.60 20.93
CA ASP E 108 -6.82 -35.41 22.07
C ASP E 108 -6.11 -36.72 22.38
N ALA E 109 -6.88 -37.79 22.49
CA ALA E 109 -6.29 -39.11 22.75
C ALA E 109 -5.36 -39.56 21.63
N SER E 110 -5.76 -39.27 20.40
CA SER E 110 -4.97 -39.67 19.23
C SER E 110 -3.63 -38.96 19.19
N VAL E 111 -3.65 -37.68 19.54
CA VAL E 111 -2.42 -36.91 19.57
C VAL E 111 -1.52 -37.38 20.70
N LEU E 112 -2.09 -37.68 21.85
CA LEU E 112 -1.28 -38.18 22.96
C LEU E 112 -0.57 -39.46 22.57
N VAL E 113 -1.30 -40.39 21.96
CA VAL E 113 -0.73 -41.65 21.52
C VAL E 113 0.37 -41.44 20.48
N ARG E 114 0.10 -40.54 19.53
CA ARG E 114 1.10 -40.17 18.51
C ARG E 114 2.39 -39.63 19.14
N TYR E 115 2.25 -38.64 20.02
CA TYR E 115 3.43 -38.03 20.63
C TYR E 115 4.25 -39.06 21.39
N GLU E 116 3.58 -39.98 22.07
CA GLU E 116 4.30 -40.97 22.86
C GLU E 116 5.06 -41.96 21.98
N LEU E 117 4.38 -42.50 20.98
CA LEU E 117 4.96 -43.55 20.14
C LEU E 117 6.07 -43.00 19.26
N ALA E 118 5.88 -41.78 18.77
CA ALA E 118 6.78 -41.19 17.78
C ALA E 118 7.96 -40.47 18.41
N LEU E 119 7.71 -39.82 19.54
CA LEU E 119 8.71 -38.91 20.13
C LEU E 119 9.30 -39.33 21.48
N ARG E 120 8.54 -40.07 22.28
CA ARG E 120 9.09 -40.56 23.54
C ARG E 120 9.96 -41.81 23.30
N ALA E 121 11.08 -41.88 24.00
CA ALA E 121 11.99 -43.02 23.91
C ALA E 121 11.25 -44.31 24.27
N PRO E 122 11.53 -45.40 23.53
CA PRO E 122 10.84 -46.68 23.72
C PRO E 122 10.97 -47.23 25.15
N GLU E 123 12.04 -46.88 25.84
CA GLU E 123 12.25 -47.34 27.21
C GLU E 123 11.24 -46.69 28.13
N LYS E 124 10.69 -45.56 27.69
CA LYS E 124 9.80 -44.78 28.53
C LYS E 124 8.33 -44.92 28.14
N HIS E 125 8.07 -45.73 27.12
CA HIS E 125 6.68 -46.05 26.75
C HIS E 125 5.94 -46.71 27.90
N TRP E 126 4.68 -46.34 28.07
CA TRP E 126 3.87 -46.91 29.15
C TRP E 126 2.62 -47.54 28.55
N GLU E 127 2.62 -48.87 28.43
CA GLU E 127 1.58 -49.55 27.67
C GLU E 127 0.19 -49.41 28.25
N GLN E 128 0.08 -49.42 29.57
CA GLN E 128 -1.21 -49.29 30.22
C GLN E 128 -1.82 -47.91 29.94
N TRP E 129 -0.97 -46.90 29.79
CA TRP E 129 -1.41 -45.55 29.46
C TRP E 129 -1.90 -45.51 28.01
N LEU E 130 -1.09 -46.08 27.12
CA LEU E 130 -1.43 -46.16 25.71
C LEU E 130 -2.76 -46.89 25.52
N ASP E 131 -2.94 -48.00 26.24
CA ASP E 131 -4.19 -48.75 26.20
C ASP E 131 -5.37 -47.90 26.68
N GLY E 132 -5.15 -47.15 27.75
CA GLY E 132 -6.22 -46.33 28.31
C GLY E 132 -6.66 -45.25 27.34
N GLN E 133 -5.70 -44.66 26.63
CA GLN E 133 -6.03 -43.65 25.60
C GLN E 133 -6.74 -44.28 24.42
N ARG E 134 -6.27 -45.44 23.98
CA ARG E 134 -6.91 -46.14 22.88
C ARG E 134 -8.33 -46.54 23.24
N ASP E 135 -8.55 -46.89 24.51
CA ASP E 135 -9.88 -47.25 24.96
C ASP E 135 -10.85 -46.08 24.85
N LYS E 136 -10.38 -44.87 25.11
CA LYS E 136 -11.22 -43.68 24.93
C LYS E 136 -11.69 -43.57 23.49
N ILE E 137 -10.75 -43.81 22.57
CA ILE E 137 -11.06 -43.72 21.15
C ILE E 137 -12.06 -44.81 20.75
N ARG E 138 -11.79 -46.04 21.16
CA ARG E 138 -12.71 -47.15 20.89
C ARG E 138 -14.12 -46.90 21.44
N ARG E 139 -14.23 -46.44 22.68
CA ARG E 139 -15.56 -46.20 23.26
C ARG E 139 -16.28 -45.08 22.52
N ALA E 140 -15.52 -44.06 22.13
CA ALA E 140 -16.09 -42.92 21.42
C ALA E 140 -16.63 -43.32 20.05
N LEU E 141 -15.87 -44.13 19.32
CA LEU E 141 -16.30 -44.63 18.02
C LEU E 141 -17.58 -45.46 18.18
N ALA E 142 -17.62 -46.27 19.23
CA ALA E 142 -18.78 -47.15 19.47
C ALA E 142 -20.03 -46.32 19.70
N VAL E 143 -19.89 -45.21 20.41
CA VAL E 143 -21.02 -44.32 20.64
C VAL E 143 -21.49 -43.67 19.35
N LEU E 144 -20.55 -43.19 18.54
CA LEU E 144 -20.90 -42.58 17.26
C LEU E 144 -21.69 -43.56 16.41
N GLU E 145 -21.19 -44.79 16.31
CA GLU E 145 -21.86 -45.82 15.52
C GLU E 145 -23.26 -46.14 16.05
N ALA E 146 -23.40 -46.21 17.37
CA ALA E 146 -24.67 -46.66 17.97
C ALA E 146 -25.70 -45.54 18.05
N GLU E 147 -25.24 -44.30 18.17
CA GLU E 147 -26.13 -43.20 18.56
C GLU E 147 -26.21 -42.02 17.59
N ALA E 148 -25.18 -41.81 16.78
CA ALA E 148 -25.03 -40.51 16.13
C ALA E 148 -25.05 -40.49 14.61
N ILE E 149 -25.22 -41.63 13.96
CA ILE E 149 -25.09 -41.67 12.50
C ILE E 149 -26.09 -40.78 11.77
N ALA E 150 -27.37 -40.91 12.10
CA ALA E 150 -28.39 -40.08 11.46
C ALA E 150 -28.12 -38.60 11.73
N GLU E 151 -27.73 -38.30 12.97
CA GLU E 151 -27.43 -36.92 13.35
C GLU E 151 -26.29 -36.32 12.53
N LEU E 152 -25.18 -37.05 12.41
CA LEU E 152 -24.07 -36.58 11.60
C LEU E 152 -24.49 -36.34 10.17
N ALA E 153 -25.24 -37.29 9.61
CA ALA E 153 -25.67 -37.18 8.21
C ALA E 153 -26.61 -36.02 7.94
N SER E 154 -27.33 -35.58 8.97
CA SER E 154 -28.38 -34.57 8.77
C SER E 154 -27.86 -33.20 8.35
N HIS E 155 -26.64 -32.86 8.78
CA HIS E 155 -26.10 -31.54 8.51
C HIS E 155 -24.58 -31.61 8.65
N PHE E 156 -23.85 -31.18 7.63
CA PHE E 156 -22.39 -31.10 7.72
C PHE E 156 -21.98 -29.82 8.46
N ASP E 157 -22.13 -29.87 9.78
CA ASP E 157 -22.01 -28.69 10.64
C ASP E 157 -20.84 -28.87 11.60
N ILE E 158 -20.85 -28.11 12.69
CA ILE E 158 -19.77 -28.21 13.69
C ILE E 158 -19.51 -29.65 14.14
N ALA E 159 -20.57 -30.42 14.36
CA ALA E 159 -20.41 -31.80 14.84
C ALA E 159 -19.83 -32.67 13.75
N ALA E 160 -20.41 -32.59 12.56
CA ALA E 160 -19.97 -33.41 11.45
C ALA E 160 -18.54 -33.08 11.05
N ILE E 161 -18.20 -31.80 10.96
CA ILE E 161 -16.86 -31.38 10.61
C ILE E 161 -15.84 -31.91 11.64
N SER E 162 -16.17 -31.75 12.92
CA SER E 162 -15.25 -32.18 13.97
C SER E 162 -15.04 -33.70 13.93
N VAL E 163 -16.12 -34.47 13.84
CA VAL E 163 -15.96 -35.93 13.75
C VAL E 163 -15.16 -36.34 12.51
N ALA E 164 -15.45 -35.70 11.37
CA ALA E 164 -14.73 -36.01 10.13
C ALA E 164 -13.24 -35.80 10.30
N CYS E 165 -12.87 -34.69 10.94
CA CYS E 165 -11.45 -34.39 11.13
C CYS E 165 -10.77 -35.37 12.09
N ALA E 166 -11.53 -35.85 13.08
CA ALA E 166 -11.01 -36.85 13.99
C ALA E 166 -10.73 -38.18 13.28
N LEU E 167 -11.67 -38.60 12.44
CA LEU E 167 -11.49 -39.84 11.71
C LEU E 167 -10.33 -39.74 10.70
N GLY E 168 -10.20 -38.60 10.03
CA GLY E 168 -9.12 -38.43 9.08
C GLY E 168 -7.78 -38.48 9.80
N TYR E 169 -7.77 -38.05 11.06
CA TYR E 169 -6.52 -38.05 11.82
C TYR E 169 -6.15 -39.47 12.25
N LEU E 170 -7.15 -40.27 12.62
CA LEU E 170 -6.94 -41.69 12.86
C LEU E 170 -6.31 -42.36 11.64
N ASP E 171 -6.89 -42.11 10.47
CA ASP E 171 -6.38 -42.70 9.23
C ASP E 171 -4.94 -42.26 8.96
N PHE E 172 -4.63 -41.01 9.29
CA PHE E 172 -3.36 -40.39 8.98
C PHE E 172 -2.24 -40.84 9.94
N ARG E 173 -2.46 -40.69 11.23
CA ARG E 173 -1.43 -41.02 12.22
C ARG E 173 -1.52 -42.43 12.79
N HIS E 174 -2.70 -43.04 12.75
CA HIS E 174 -2.85 -44.36 13.36
C HIS E 174 -3.52 -45.38 12.44
N PRO E 175 -2.95 -45.58 11.24
CA PRO E 175 -3.60 -46.51 10.29
C PRO E 175 -3.63 -47.96 10.78
N ASP E 176 -2.82 -48.28 11.79
CA ASP E 176 -2.82 -49.60 12.41
C ASP E 176 -4.05 -49.85 13.29
N LEU E 177 -4.75 -48.78 13.64
CA LEU E 177 -5.97 -48.89 14.44
C LEU E 177 -7.16 -49.00 13.53
N GLU E 178 -7.54 -50.24 13.21
CA GLU E 178 -8.64 -50.48 12.28
C GLU E 178 -9.95 -50.10 12.97
N TRP E 179 -10.71 -49.21 12.37
CA TRP E 179 -11.98 -48.78 12.97
C TRP E 179 -13.18 -49.01 12.06
N ARG E 180 -12.94 -49.36 10.80
CA ARG E 180 -14.05 -49.45 9.86
C ARG E 180 -14.92 -50.71 9.98
N GLN E 181 -14.31 -51.83 10.33
CA GLN E 181 -15.08 -53.07 10.40
C GLN E 181 -16.16 -53.01 11.49
N ASP E 182 -15.80 -52.49 12.66
CA ASP E 182 -16.73 -52.44 13.78
C ASP E 182 -17.68 -51.25 13.74
N HIS E 183 -17.40 -50.29 12.86
CA HIS E 183 -18.26 -49.12 12.74
C HIS E 183 -18.60 -48.85 11.28
N PRO E 184 -19.37 -49.76 10.66
CA PRO E 184 -19.63 -49.64 9.22
C PRO E 184 -20.48 -48.45 8.81
N GLN E 185 -21.45 -48.06 9.64
CA GLN E 185 -22.25 -46.90 9.32
C GLN E 185 -21.42 -45.63 9.36
N LEU E 186 -20.58 -45.52 10.39
CA LEU E 186 -19.64 -44.40 10.48
C LEU E 186 -18.68 -44.39 9.28
N ALA E 187 -18.19 -45.56 8.90
CA ALA E 187 -17.29 -45.66 7.75
C ALA E 187 -17.95 -45.22 6.45
N ALA E 188 -19.20 -45.61 6.27
CA ALA E 188 -19.98 -45.23 5.10
C ALA E 188 -20.19 -43.72 5.06
N TRP E 189 -20.60 -43.15 6.19
CA TRP E 189 -20.80 -41.71 6.29
C TRP E 189 -19.51 -40.95 6.00
N TYR E 190 -18.42 -41.42 6.57
CA TYR E 190 -17.13 -40.77 6.37
C TYR E 190 -16.71 -40.83 4.92
N PHE E 191 -16.96 -41.97 4.27
CA PHE E 191 -16.64 -42.08 2.84
C PHE E 191 -17.41 -41.03 2.05
N GLU E 192 -18.71 -40.89 2.31
CA GLU E 192 -19.53 -39.88 1.63
C GLU E 192 -19.00 -38.46 1.85
N ILE E 193 -18.76 -38.06 3.09
CA ILE E 193 -18.33 -36.69 3.30
C ILE E 193 -16.86 -36.43 2.90
N SER E 194 -16.07 -37.51 2.79
CA SER E 194 -14.68 -37.35 2.38
C SER E 194 -14.60 -36.82 0.95
N GLN E 195 -15.70 -36.93 0.22
CA GLN E 195 -15.75 -36.45 -1.16
C GLN E 195 -16.17 -34.99 -1.27
N ARG E 196 -16.55 -34.37 -0.15
CA ARG E 196 -16.86 -32.95 -0.16
C ARG E 196 -15.60 -32.18 -0.52
N PRO E 197 -15.74 -31.13 -1.35
CA PRO E 197 -14.58 -30.31 -1.70
C PRO E 197 -13.79 -29.82 -0.48
N SER E 198 -14.47 -29.48 0.61
CA SER E 198 -13.79 -29.00 1.81
C SER E 198 -12.88 -30.06 2.44
N MSE E 199 -13.29 -31.32 2.34
CA MSE E 199 -12.47 -32.41 2.87
C MSE E 199 -11.32 -32.78 1.92
O MSE E 199 -10.19 -32.99 2.35
CB MSE E 199 -13.34 -33.63 3.22
CG MSE E 199 -14.25 -33.41 4.45
SE MSE E 199 -13.41 -33.27 6.05
CE MSE E 199 -12.87 -34.96 6.19
N LEU E 200 -11.63 -32.83 0.63
CA LEU E 200 -10.58 -33.13 -0.36
C LEU E 200 -9.47 -32.09 -0.32
N ALA E 201 -9.83 -30.85 -0.02
CA ALA E 201 -8.89 -29.72 -0.02
C ALA E 201 -7.98 -29.68 1.21
N THR E 202 -8.34 -30.40 2.25
CA THR E 202 -7.67 -30.23 3.53
C THR E 202 -7.02 -31.51 4.06
N ARG E 203 -6.79 -32.47 3.17
CA ARG E 203 -6.15 -33.72 3.55
C ARG E 203 -4.74 -33.49 4.10
N PRO E 204 -4.33 -34.28 5.10
CA PRO E 204 -2.97 -34.16 5.65
C PRO E 204 -1.93 -34.62 4.63
N PRO E 205 -0.69 -34.12 4.75
CA PRO E 205 0.33 -34.38 3.74
C PRO E 205 0.82 -35.82 3.78
N SER F 2 -9.28 1.26 42.37
CA SER F 2 -9.70 1.58 41.01
C SER F 2 -8.60 2.30 40.23
N LEU F 3 -8.90 2.64 39.00
CA LEU F 3 -8.01 3.48 38.22
C LEU F 3 -8.04 4.88 38.84
N THR F 4 -6.88 5.52 38.90
CA THR F 4 -6.81 6.91 39.35
C THR F 4 -6.46 7.77 38.15
N LEU F 5 -7.30 8.77 37.88
CA LEU F 5 -7.01 9.75 36.83
C LEU F 5 -6.52 11.03 37.48
N PHE F 6 -5.27 11.40 37.17
CA PHE F 6 -4.77 12.70 37.60
C PHE F 6 -5.42 13.77 36.74
N HIS F 7 -6.08 14.70 37.40
CA HIS F 7 -7.19 15.44 36.82
C HIS F 7 -7.06 16.94 37.04
N ASN F 8 -7.55 17.70 36.08
CA ASN F 8 -7.74 19.13 36.24
C ASN F 8 -9.01 19.48 35.45
N PRO F 9 -9.89 20.30 36.03
CA PRO F 9 -11.19 20.51 35.39
C PRO F 9 -11.19 21.56 34.28
N ALA F 10 -10.08 22.27 34.08
CA ALA F 10 -9.97 23.26 33.01
C ALA F 10 -9.33 22.69 31.75
N SER F 11 -8.52 21.65 31.90
CA SER F 11 -7.77 21.13 30.76
C SER F 11 -8.66 20.50 29.70
N PRO F 12 -8.50 20.91 28.43
CA PRO F 12 -9.31 20.30 27.37
C PRO F 12 -8.83 18.90 27.04
N TYR F 13 -7.58 18.59 27.38
CA TYR F 13 -7.02 17.26 27.16
C TYR F 13 -7.60 16.29 28.19
N VAL F 14 -7.66 16.71 29.45
CA VAL F 14 -8.43 15.97 30.45
C VAL F 14 -9.89 15.81 30.04
N ARG F 15 -10.49 16.87 29.50
CA ARG F 15 -11.91 16.81 29.15
C ARG F 15 -12.19 15.70 28.15
N LYS F 16 -11.30 15.47 27.21
CA LYS F 16 -11.52 14.41 26.23
C LYS F 16 -11.71 13.09 26.95
N VAL F 17 -10.85 12.82 27.93
CA VAL F 17 -10.89 11.59 28.70
C VAL F 17 -12.20 11.52 29.48
N MSE F 18 -12.58 12.63 30.12
CA MSE F 18 -13.80 12.66 30.92
C MSE F 18 -15.03 12.41 30.06
O MSE F 18 -15.92 11.66 30.44
CB MSE F 18 -13.92 13.99 31.66
CG MSE F 18 -12.82 14.21 32.67
SE MSE F 18 -12.88 12.90 34.12
CE MSE F 18 -14.69 13.27 34.74
N VAL F 19 -15.07 13.03 28.88
CA VAL F 19 -16.20 12.83 27.98
C VAL F 19 -16.29 11.38 27.51
N LEU F 20 -15.15 10.79 27.17
CA LEU F 20 -15.16 9.38 26.78
C LEU F 20 -15.62 8.48 27.92
N LEU F 21 -15.22 8.80 29.14
CA LEU F 21 -15.64 8.01 30.30
C LEU F 21 -17.16 8.05 30.47
N HIS F 22 -17.72 9.26 30.38
CA HIS F 22 -19.17 9.44 30.44
C HIS F 22 -19.86 8.66 29.33
N GLU F 23 -19.42 8.89 28.09
CA GLU F 23 -20.05 8.30 26.92
C GLU F 23 -20.06 6.77 26.92
N THR F 24 -19.02 6.18 27.52
CA THR F 24 -18.86 4.72 27.50
C THR F 24 -19.28 4.06 28.81
N GLY F 25 -19.84 4.86 29.72
CA GLY F 25 -20.38 4.34 30.97
C GLY F 25 -19.33 3.85 31.95
N GLN F 26 -18.14 4.45 31.90
CA GLN F 26 -17.03 4.02 32.74
C GLN F 26 -16.64 5.00 33.84
N LEU F 27 -17.41 6.07 34.01
CA LEU F 27 -17.05 7.09 34.99
C LEU F 27 -16.90 6.53 36.40
N ASN F 28 -17.73 5.54 36.76
CA ASN F 28 -17.67 4.98 38.11
C ASN F 28 -16.50 4.04 38.35
N ARG F 29 -15.63 3.89 37.34
CA ARG F 29 -14.46 3.02 37.44
C ARG F 29 -13.20 3.78 37.75
N VAL F 30 -13.29 5.11 37.75
CA VAL F 30 -12.09 5.94 37.86
C VAL F 30 -12.21 6.93 39.01
N ALA F 31 -11.14 7.03 39.81
CA ALA F 31 -11.09 8.02 40.88
C ALA F 31 -10.28 9.24 40.45
N LEU F 32 -10.87 10.42 40.61
CA LEU F 32 -10.22 11.64 40.13
C LEU F 32 -9.32 12.22 41.21
N GLN F 33 -8.02 12.27 40.93
CA GLN F 33 -7.06 12.85 41.85
C GLN F 33 -6.72 14.26 41.38
N ALA F 34 -7.13 15.24 42.16
CA ALA F 34 -6.82 16.64 41.88
C ALA F 34 -5.32 16.82 41.66
N SER F 35 -4.95 17.48 40.58
CA SER F 35 -3.54 17.59 40.22
C SER F 35 -3.19 19.01 39.82
N GLN F 36 -1.99 19.43 40.21
CA GLN F 36 -1.56 20.81 40.09
C GLN F 36 -0.94 21.13 38.74
N LEU F 37 -1.37 22.23 38.14
CA LEU F 37 -0.78 22.70 36.90
C LEU F 37 0.53 23.40 37.19
N SER F 38 1.47 23.31 36.27
CA SER F 38 2.76 24.02 36.40
C SER F 38 3.20 24.56 35.05
N PRO F 39 2.41 25.47 34.47
CA PRO F 39 2.64 25.88 33.07
C PRO F 39 3.90 26.73 32.88
N VAL F 40 4.36 27.39 33.93
CA VAL F 40 5.57 28.20 33.84
C VAL F 40 6.79 27.37 34.16
N ALA F 41 6.76 26.73 35.33
CA ALA F 41 7.84 25.85 35.76
C ALA F 41 7.29 24.84 36.77
N PRO F 42 7.77 23.59 36.71
CA PRO F 42 7.36 22.66 37.76
C PRO F 42 8.17 22.85 39.03
N ASN F 50 3.02 10.03 40.06
CA ASN F 50 3.03 10.89 38.86
C ASN F 50 4.21 11.86 38.88
N PRO F 51 5.45 11.34 38.81
CA PRO F 51 6.65 12.16 38.99
C PRO F 51 6.84 13.23 37.94
N LEU F 52 6.28 13.03 36.75
CA LEU F 52 6.44 13.99 35.66
C LEU F 52 5.26 14.97 35.60
N GLY F 53 4.32 14.81 36.54
CA GLY F 53 3.17 15.69 36.61
C GLY F 53 2.37 15.73 35.31
N LYS F 54 2.22 14.57 34.67
CA LYS F 54 1.45 14.50 33.44
C LYS F 54 -0.03 14.64 33.77
N ILE F 55 -0.72 15.51 33.04
CA ILE F 55 -2.16 15.70 33.23
C ILE F 55 -2.85 15.80 31.85
N PRO F 56 -3.75 14.86 31.53
CA PRO F 56 -4.16 13.72 32.35
C PRO F 56 -3.08 12.64 32.42
N ALA F 57 -3.17 11.83 33.47
CA ALA F 57 -2.39 10.62 33.59
C ALA F 57 -3.27 9.60 34.28
N LEU F 58 -3.19 8.34 33.86
CA LEU F 58 -4.03 7.29 34.41
C LEU F 58 -3.19 6.21 35.09
N ARG F 59 -3.39 6.06 36.40
CA ARG F 59 -2.64 5.08 37.17
C ARG F 59 -3.39 3.78 37.24
N LEU F 60 -2.72 2.71 36.81
CA LEU F 60 -3.27 1.37 36.89
C LEU F 60 -2.97 0.81 38.27
N ASP F 61 -3.46 -0.39 38.57
CA ASP F 61 -3.30 -0.97 39.90
C ASP F 61 -1.87 -1.37 40.27
N ASN F 62 -1.04 -1.60 39.25
CA ASN F 62 0.37 -1.95 39.50
C ASN F 62 1.23 -0.71 39.75
N GLY F 63 0.61 0.46 39.74
CA GLY F 63 1.32 1.69 40.01
C GLY F 63 1.82 2.36 38.74
N GLN F 64 1.72 1.63 37.63
CA GLN F 64 2.16 2.16 36.34
C GLN F 64 1.16 3.17 35.79
N VAL F 65 1.70 4.21 35.20
CA VAL F 65 0.90 5.36 34.80
C VAL F 65 0.94 5.49 33.28
N LEU F 66 -0.24 5.69 32.69
CA LEU F 66 -0.37 5.93 31.25
C LEU F 66 -0.56 7.41 31.00
N TYR F 67 0.05 7.89 29.91
CA TYR F 67 -0.15 9.23 29.39
C TYR F 67 0.40 9.19 27.96
N ASP F 68 0.14 10.19 27.10
CA ASP F 68 -0.73 11.34 27.34
C ASP F 68 -2.20 11.03 27.06
N SER F 69 -3.01 12.07 26.85
CA SER F 69 -4.45 11.87 26.69
C SER F 69 -4.79 10.88 25.57
N ARG F 70 -4.03 10.90 24.47
CA ARG F 70 -4.34 10.00 23.37
C ARG F 70 -4.12 8.54 23.73
N VAL F 71 -3.06 8.26 24.49
CA VAL F 71 -2.79 6.91 24.97
C VAL F 71 -3.88 6.46 25.94
N ILE F 72 -4.27 7.35 26.83
CA ILE F 72 -5.29 7.04 27.81
C ILE F 72 -6.63 6.76 27.13
N LEU F 73 -6.97 7.57 26.13
CA LEU F 73 -8.20 7.35 25.38
C LEU F 73 -8.18 6.00 24.66
N ASP F 74 -7.04 5.66 24.08
CA ASP F 74 -6.88 4.38 23.40
C ASP F 74 -7.13 3.24 24.37
N TYR F 75 -6.52 3.32 25.54
CA TYR F 75 -6.68 2.31 26.57
C TYR F 75 -8.13 2.19 27.02
N LEU F 76 -8.75 3.31 27.37
CA LEU F 76 -10.10 3.27 27.92
C LEU F 76 -11.13 2.76 26.92
N ASP F 77 -10.90 3.00 25.65
CA ASP F 77 -11.85 2.57 24.63
C ASP F 77 -11.90 1.05 24.51
N GLN F 78 -10.90 0.36 25.07
CA GLN F 78 -10.87 -1.11 25.03
C GLN F 78 -11.40 -1.77 26.31
N GLN F 79 -11.83 -0.96 27.27
CA GLN F 79 -12.25 -1.51 28.56
C GLN F 79 -13.77 -1.61 28.71
N HIS F 80 -14.51 -1.12 27.71
CA HIS F 80 -15.97 -1.24 27.71
C HIS F 80 -16.43 -2.13 26.55
N VAL F 81 -17.70 -2.53 26.58
CA VAL F 81 -18.24 -3.46 25.58
C VAL F 81 -19.23 -2.83 24.59
N GLY F 82 -19.30 -1.50 24.61
CA GLY F 82 -20.11 -0.79 23.64
C GLY F 82 -19.36 -0.63 22.32
N ASN F 83 -19.98 0.05 21.36
CA ASN F 83 -19.31 0.29 20.10
C ASN F 83 -18.04 1.08 20.36
N PRO F 84 -16.94 0.65 19.73
CA PRO F 84 -15.69 1.39 19.92
C PRO F 84 -15.75 2.84 19.43
N LEU F 85 -15.14 3.74 20.19
CA LEU F 85 -15.08 5.13 19.79
C LEU F 85 -13.81 5.43 19.00
N ILE F 86 -12.88 4.49 18.99
CA ILE F 86 -11.72 4.58 18.10
C ILE F 86 -11.72 3.34 17.21
N PRO F 87 -11.85 3.53 15.88
CA PRO F 87 -11.90 2.35 15.01
C PRO F 87 -10.62 1.53 15.13
N ARG F 88 -10.77 0.21 15.22
CA ARG F 88 -9.63 -0.67 15.55
C ARG F 88 -8.77 -1.03 14.34
N ASP F 89 -9.29 -0.77 13.14
CA ASP F 89 -8.59 -1.12 11.90
C ASP F 89 -9.25 -0.41 10.73
N GLY F 90 -8.60 -0.45 9.57
CA GLY F 90 -9.22 0.08 8.36
C GLY F 90 -9.03 1.56 8.17
N SER F 91 -9.44 2.06 7.01
N SER F 91 -9.44 2.07 7.01
CA SER F 91 -9.25 3.46 6.64
CA SER F 91 -9.24 3.47 6.66
C SER F 91 -9.90 4.40 7.65
C SER F 91 -9.90 4.41 7.65
N ALA F 92 -11.03 3.98 8.22
CA ALA F 92 -11.74 4.81 9.18
C ALA F 92 -10.85 5.10 10.41
N ARG F 93 -10.00 4.15 10.79
CA ARG F 93 -9.13 4.36 11.93
C ARG F 93 -8.28 5.62 11.74
N TRP F 94 -7.57 5.69 10.63
CA TRP F 94 -6.68 6.82 10.44
C TRP F 94 -7.39 8.12 10.08
N ARG F 95 -8.55 8.03 9.45
CA ARG F 95 -9.36 9.23 9.22
C ARG F 95 -9.85 9.84 10.54
N ARG F 96 -10.46 9.02 11.39
CA ARG F 96 -10.96 9.54 12.66
C ARG F 96 -9.80 10.00 13.56
N LEU F 97 -8.67 9.29 13.55
CA LEU F 97 -7.53 9.72 14.35
C LEU F 97 -6.87 11.00 13.83
N THR F 98 -6.93 11.22 12.52
CA THR F 98 -6.42 12.47 11.96
C THR F 98 -7.33 13.64 12.36
N LEU F 99 -8.65 13.43 12.30
CA LEU F 99 -9.57 14.48 12.74
C LEU F 99 -9.36 14.78 14.23
N ALA F 100 -9.11 13.73 15.02
CA ALA F 100 -8.80 13.94 16.43
C ALA F 100 -7.48 14.71 16.58
N ALA F 101 -6.48 14.40 15.75
CA ALA F 101 -5.21 15.12 15.78
C ALA F 101 -5.35 16.59 15.40
N LEU F 102 -6.26 16.86 14.45
N LEU F 102 -6.27 16.84 14.46
CA LEU F 102 -6.58 18.24 14.07
CA LEU F 102 -6.58 18.19 14.05
C LEU F 102 -7.10 18.97 15.30
C LEU F 102 -7.14 18.97 15.24
N ALA F 103 -8.04 18.34 15.99
CA ALA F 103 -8.61 18.93 17.21
C ALA F 103 -7.54 19.15 18.26
N ASP F 104 -6.68 18.16 18.48
CA ASP F 104 -5.54 18.33 19.41
C ASP F 104 -4.65 19.49 19.00
N GLY F 105 -4.44 19.68 17.71
CA GLY F 105 -3.69 20.82 17.24
C GLY F 105 -4.37 22.15 17.48
N ILE F 106 -5.69 22.19 17.38
CA ILE F 106 -6.43 23.39 17.76
C ILE F 106 -6.19 23.68 19.25
N MSE F 107 -6.24 22.64 20.07
CA MSE F 107 -5.95 22.80 21.50
C MSE F 107 -4.55 23.28 21.74
O MSE F 107 -4.36 24.22 22.53
CB MSE F 107 -6.19 21.49 22.26
CG MSE F 107 -7.64 21.09 22.34
SE MSE F 107 -7.80 19.36 23.27
CE MSE F 107 -9.65 19.12 23.00
N ASP F 108 -3.56 22.66 21.10
CA ASP F 108 -2.17 23.03 21.33
C ASP F 108 -1.97 24.53 21.05
N ALA F 109 -2.49 24.98 19.92
CA ALA F 109 -2.33 26.39 19.54
C ALA F 109 -3.08 27.30 20.49
N SER F 110 -4.29 26.90 20.87
CA SER F 110 -5.13 27.63 21.82
C SER F 110 -4.43 27.77 23.16
N VAL F 111 -3.80 26.68 23.62
CA VAL F 111 -3.09 26.72 24.88
C VAL F 111 -1.89 27.65 24.81
N LEU F 112 -1.14 27.60 23.71
CA LEU F 112 0.02 28.48 23.54
C LEU F 112 -0.39 29.93 23.59
N VAL F 113 -1.49 30.27 22.91
CA VAL F 113 -1.96 31.66 22.93
C VAL F 113 -2.40 32.03 24.35
N ARG F 114 -3.13 31.13 25.00
CA ARG F 114 -3.55 31.35 26.39
C ARG F 114 -2.38 31.58 27.32
N TYR F 115 -1.39 30.69 27.27
CA TYR F 115 -0.26 30.79 28.22
C TYR F 115 0.51 32.08 27.99
N GLU F 116 0.65 32.47 26.73
CA GLU F 116 1.32 33.73 26.45
C GLU F 116 0.58 34.93 27.06
N LEU F 117 -0.71 35.04 26.79
CA LEU F 117 -1.49 36.21 27.20
C LEU F 117 -1.79 36.21 28.69
N ALA F 118 -1.92 35.03 29.29
CA ALA F 118 -2.29 34.94 30.69
C ALA F 118 -1.08 34.88 31.62
N LEU F 119 0.06 34.42 31.12
CA LEU F 119 1.20 34.14 31.98
C LEU F 119 2.51 34.86 31.63
N ARG F 120 2.70 35.20 30.36
CA ARG F 120 3.91 35.92 29.98
C ARG F 120 3.70 37.42 30.17
N ALA F 121 4.70 38.11 30.69
CA ALA F 121 4.60 39.56 30.83
C ALA F 121 4.37 40.24 29.46
N PRO F 122 3.50 41.26 29.40
CA PRO F 122 3.13 41.91 28.13
C PRO F 122 4.34 42.39 27.32
N GLU F 123 5.38 42.89 28.00
CA GLU F 123 6.57 43.40 27.31
C GLU F 123 7.26 42.31 26.49
N LYS F 124 7.01 41.05 26.85
CA LYS F 124 7.66 39.93 26.18
C LYS F 124 6.79 39.21 25.16
N HIS F 125 5.58 39.73 24.93
CA HIS F 125 4.69 39.14 23.92
C HIS F 125 5.27 39.36 22.53
N TRP F 126 5.05 38.39 21.64
CA TRP F 126 5.50 38.47 20.26
C TRP F 126 4.29 38.34 19.35
N GLU F 127 3.87 39.45 18.73
CA GLU F 127 2.63 39.46 17.95
C GLU F 127 2.63 38.51 16.77
N GLN F 128 3.75 38.45 16.05
CA GLN F 128 3.85 37.55 14.90
C GLN F 128 3.68 36.09 15.33
N TRP F 129 4.23 35.73 16.48
CA TRP F 129 4.06 34.38 17.02
C TRP F 129 2.61 34.09 17.36
N LEU F 130 1.98 35.02 18.07
CA LEU F 130 0.59 34.87 18.46
C LEU F 130 -0.31 34.73 17.23
N ASP F 131 -0.07 35.58 16.24
CA ASP F 131 -0.86 35.54 15.01
C ASP F 131 -0.65 34.22 14.27
N GLY F 132 0.58 33.72 14.29
CA GLY F 132 0.89 32.43 13.68
C GLY F 132 0.10 31.30 14.32
N GLN F 133 -0.05 31.34 15.64
CA GLN F 133 -0.83 30.31 16.31
C GLN F 133 -2.33 30.48 16.06
N ARG F 134 -2.80 31.74 16.08
CA ARG F 134 -4.19 32.01 15.75
C ARG F 134 -4.51 31.51 14.35
N ASP F 135 -3.57 31.67 13.43
CA ASP F 135 -3.76 31.23 12.05
C ASP F 135 -3.95 29.71 11.94
N LYS F 136 -3.27 28.96 12.80
CA LYS F 136 -3.42 27.51 12.81
C LYS F 136 -4.86 27.15 13.17
N ILE F 137 -5.38 27.83 14.18
CA ILE F 137 -6.74 27.62 14.64
C ILE F 137 -7.73 27.97 13.52
N ARG F 138 -7.55 29.14 12.90
CA ARG F 138 -8.44 29.55 11.82
C ARG F 138 -8.43 28.56 10.66
N ARG F 139 -7.24 28.14 10.24
CA ARG F 139 -7.14 27.19 9.13
C ARG F 139 -7.80 25.85 9.45
N ALA F 140 -7.61 25.40 10.69
CA ALA F 140 -8.18 24.12 11.11
C ALA F 140 -9.72 24.17 11.17
N LEU F 141 -10.26 25.27 11.68
CA LEU F 141 -11.71 25.43 11.75
C LEU F 141 -12.30 25.43 10.34
N ALA F 142 -11.60 26.08 9.41
CA ALA F 142 -12.04 26.15 8.01
C ALA F 142 -12.14 24.77 7.39
N VAL F 143 -11.14 23.93 7.65
CA VAL F 143 -11.15 22.56 7.18
C VAL F 143 -12.33 21.77 7.75
N LEU F 144 -12.57 21.91 9.05
CA LEU F 144 -13.68 21.21 9.68
C LEU F 144 -15.00 21.60 9.01
N GLU F 145 -15.20 22.90 8.80
CA GLU F 145 -16.45 23.39 8.21
C GLU F 145 -16.60 22.93 6.76
N ALA F 146 -15.48 22.90 6.03
CA ALA F 146 -15.54 22.57 4.61
C ALA F 146 -15.61 21.08 4.34
N GLU F 147 -14.99 20.28 5.20
CA GLU F 147 -14.74 18.87 4.89
C GLU F 147 -15.37 17.88 5.85
N ALA F 148 -15.56 18.27 7.10
CA ALA F 148 -15.75 17.27 8.16
C ALA F 148 -17.10 17.26 8.88
N ILE F 149 -18.03 18.14 8.50
CA ILE F 149 -19.28 18.26 9.26
C ILE F 149 -20.07 16.94 9.32
N ALA F 150 -20.30 16.32 8.16
CA ALA F 150 -21.04 15.07 8.12
C ALA F 150 -20.31 14.01 8.91
N GLU F 151 -18.98 14.02 8.79
CA GLU F 151 -18.15 13.05 9.47
C GLU F 151 -18.27 13.17 10.98
N LEU F 152 -18.25 14.40 11.49
CA LEU F 152 -18.35 14.60 12.93
C LEU F 152 -19.70 14.12 13.44
N ALA F 153 -20.76 14.41 12.69
CA ALA F 153 -22.12 14.06 13.10
C ALA F 153 -22.40 12.57 13.03
N SER F 154 -21.63 11.84 12.22
CA SER F 154 -21.89 10.41 12.00
C SER F 154 -21.76 9.55 13.25
N HIS F 155 -20.88 9.94 14.18
CA HIS F 155 -20.62 9.12 15.36
C HIS F 155 -19.93 10.02 16.37
N PHE F 156 -20.43 10.05 17.61
CA PHE F 156 -19.80 10.88 18.64
C PHE F 156 -18.64 10.08 19.21
N ASP F 157 -17.55 10.07 18.45
CA ASP F 157 -16.43 9.18 18.71
C ASP F 157 -15.16 9.96 19.05
N ILE F 158 -14.01 9.33 18.88
CA ILE F 158 -12.74 9.99 19.20
C ILE F 158 -12.58 11.35 18.49
N ALA F 159 -12.97 11.40 17.23
CA ALA F 159 -12.87 12.64 16.46
C ALA F 159 -13.85 13.70 16.96
N ALA F 160 -15.11 13.32 17.11
CA ALA F 160 -16.14 14.26 17.54
C ALA F 160 -15.86 14.76 18.95
N ILE F 161 -15.45 13.86 19.84
CA ILE F 161 -15.15 14.26 21.22
C ILE F 161 -14.00 15.25 21.23
N SER F 162 -12.93 14.95 20.48
CA SER F 162 -11.79 15.84 20.48
C SER F 162 -12.14 17.23 19.94
N VAL F 163 -12.86 17.28 18.82
CA VAL F 163 -13.26 18.56 18.27
C VAL F 163 -14.15 19.33 19.24
N ALA F 164 -15.09 18.62 19.87
CA ALA F 164 -16.02 19.26 20.79
C ALA F 164 -15.27 19.91 21.95
N CYS F 165 -14.27 19.21 22.45
CA CYS F 165 -13.49 19.74 23.57
C CYS F 165 -12.61 20.92 23.13
N ALA F 166 -12.14 20.88 21.89
CA ALA F 166 -11.36 22.00 21.36
C ALA F 166 -12.22 23.26 21.22
N LEU F 167 -13.43 23.07 20.73
CA LEU F 167 -14.37 24.19 20.59
C LEU F 167 -14.77 24.76 21.96
N GLY F 168 -14.99 23.88 22.92
CA GLY F 168 -15.30 24.30 24.29
C GLY F 168 -14.18 25.13 24.87
N TYR F 169 -12.94 24.77 24.54
CA TYR F 169 -11.78 25.48 25.05
C TYR F 169 -11.65 26.86 24.41
N LEU F 170 -11.97 26.96 23.13
CA LEU F 170 -11.97 28.25 22.45
C LEU F 170 -12.96 29.20 23.11
N ASP F 171 -14.17 28.71 23.38
CA ASP F 171 -15.18 29.55 24.03
C ASP F 171 -14.71 30.02 25.41
N PHE F 172 -14.05 29.10 26.11
CA PHE F 172 -13.58 29.31 27.48
C PHE F 172 -12.45 30.33 27.59
N ARG F 173 -11.39 30.12 26.80
CA ARG F 173 -10.19 30.95 26.94
C ARG F 173 -10.09 32.04 25.89
N HIS F 174 -10.74 31.85 24.75
CA HIS F 174 -10.60 32.83 23.68
C HIS F 174 -11.95 33.30 23.12
N PRO F 175 -12.83 33.84 23.99
CA PRO F 175 -14.14 34.27 23.49
C PRO F 175 -14.06 35.34 22.41
N ASP F 176 -12.96 36.10 22.37
CA ASP F 176 -12.83 37.18 21.40
C ASP F 176 -12.37 36.73 20.01
N LEU F 177 -12.14 35.42 19.86
CA LEU F 177 -12.01 34.82 18.53
C LEU F 177 -13.36 34.26 18.13
N GLU F 178 -14.23 35.09 17.56
CA GLU F 178 -15.55 34.64 17.14
C GLU F 178 -15.44 33.61 16.01
N TRP F 179 -15.83 32.37 16.29
CA TRP F 179 -15.67 31.29 15.33
C TRP F 179 -16.98 30.77 14.72
N ARG F 180 -18.11 31.10 15.34
CA ARG F 180 -19.40 30.60 14.88
C ARG F 180 -19.88 31.26 13.59
N GLN F 181 -19.48 32.51 13.38
CA GLN F 181 -19.97 33.28 12.23
C GLN F 181 -19.48 32.71 10.89
N ASP F 182 -18.21 32.31 10.84
CA ASP F 182 -17.63 31.80 9.60
C ASP F 182 -17.73 30.29 9.50
N HIS F 183 -18.25 29.67 10.56
CA HIS F 183 -18.40 28.21 10.59
C HIS F 183 -19.77 27.81 11.13
N PRO F 184 -20.84 28.15 10.40
CA PRO F 184 -22.20 27.95 10.92
C PRO F 184 -22.61 26.49 11.05
N GLN F 185 -22.11 25.61 10.18
CA GLN F 185 -22.46 24.20 10.30
C GLN F 185 -21.78 23.61 11.53
N LEU F 186 -20.53 23.99 11.75
CA LEU F 186 -19.82 23.54 12.94
C LEU F 186 -20.49 24.09 14.19
N ALA F 187 -20.97 25.34 14.09
CA ALA F 187 -21.65 25.97 15.21
C ALA F 187 -22.94 25.23 15.56
N ALA F 188 -23.70 24.84 14.54
CA ALA F 188 -24.94 24.11 14.79
C ALA F 188 -24.67 22.73 15.38
N TRP F 189 -23.65 22.04 14.85
CA TRP F 189 -23.29 20.73 15.37
C TRP F 189 -22.88 20.85 16.83
N TYR F 190 -22.03 21.83 17.12
CA TYR F 190 -21.55 22.03 18.47
C TYR F 190 -22.67 22.37 19.45
N PHE F 191 -23.63 23.19 19.03
CA PHE F 191 -24.73 23.56 19.93
C PHE F 191 -25.50 22.31 20.35
N GLU F 192 -25.74 21.43 19.39
CA GLU F 192 -26.43 20.17 19.67
C GLU F 192 -25.63 19.24 20.58
N ILE F 193 -24.40 18.93 20.23
CA ILE F 193 -23.65 18.00 21.06
C ILE F 193 -23.27 18.59 22.42
N SER F 194 -23.30 19.91 22.54
CA SER F 194 -23.06 20.57 23.84
C SER F 194 -24.11 20.18 24.87
N GLN F 195 -25.28 19.75 24.41
CA GLN F 195 -26.35 19.40 25.32
C GLN F 195 -26.29 17.95 25.79
N ARG F 196 -25.36 17.17 25.25
CA ARG F 196 -25.15 15.80 25.72
C ARG F 196 -24.72 15.84 27.18
N PRO F 197 -25.26 14.93 28.00
CA PRO F 197 -24.91 14.86 29.42
C PRO F 197 -23.39 14.85 29.64
N SER F 198 -22.65 14.14 28.78
CA SER F 198 -21.20 14.09 28.88
C SER F 198 -20.54 15.45 28.74
N MSE F 199 -21.12 16.31 27.90
CA MSE F 199 -20.54 17.64 27.69
C MSE F 199 -20.98 18.60 28.78
O MSE F 199 -20.17 19.37 29.31
CB MSE F 199 -20.88 18.16 26.30
CG MSE F 199 -20.16 17.42 25.16
SE MSE F 199 -18.36 17.71 25.07
CE MSE F 199 -18.34 19.46 24.63
N LEU F 200 -22.26 18.55 29.13
CA LEU F 200 -22.76 19.40 30.21
C LEU F 200 -21.98 19.21 31.53
N ALA F 201 -21.58 17.98 31.80
CA ALA F 201 -20.96 17.62 33.08
C ALA F 201 -19.48 17.96 33.14
N THR F 202 -18.90 18.32 32.00
CA THR F 202 -17.44 18.50 31.91
C THR F 202 -17.00 19.90 31.50
N ARG F 203 -17.91 20.86 31.56
CA ARG F 203 -17.58 22.25 31.23
C ARG F 203 -16.48 22.77 32.17
N PRO F 204 -15.57 23.60 31.63
CA PRO F 204 -14.50 24.18 32.45
C PRO F 204 -15.05 25.22 33.44
N PRO F 205 -14.42 25.34 34.62
CA PRO F 205 -14.94 26.23 35.66
C PRO F 205 -14.86 27.72 35.32
N VAL F 206 -15.86 28.48 35.77
CA VAL F 206 -16.07 29.90 35.46
C VAL F 206 -16.03 30.18 33.96
N SER G 2 -34.44 -34.00 36.12
CA SER G 2 -33.35 -33.48 36.93
C SER G 2 -32.07 -33.30 36.11
N LEU G 3 -31.01 -32.86 36.77
CA LEU G 3 -29.70 -32.74 36.16
C LEU G 3 -28.71 -33.44 37.07
N THR G 4 -27.82 -34.23 36.47
CA THR G 4 -26.82 -34.94 37.25
C THR G 4 -25.44 -34.61 36.70
N LEU G 5 -24.55 -34.16 37.59
CA LEU G 5 -23.20 -33.83 37.19
C LEU G 5 -22.22 -34.85 37.76
N PHE G 6 -21.44 -35.50 36.90
CA PHE G 6 -20.34 -36.33 37.38
C PHE G 6 -19.26 -35.42 37.91
N HIS G 7 -18.83 -35.68 39.13
CA HIS G 7 -18.16 -34.68 39.95
C HIS G 7 -17.10 -35.30 40.84
N ASN G 8 -16.02 -34.56 41.06
CA ASN G 8 -15.18 -34.75 42.26
C ASN G 8 -14.54 -33.42 42.61
N PRO G 9 -14.12 -33.24 43.87
CA PRO G 9 -13.64 -31.90 44.21
C PRO G 9 -12.20 -31.62 43.78
N ALA G 10 -11.52 -32.60 43.16
CA ALA G 10 -10.16 -32.41 42.68
C ALA G 10 -10.08 -31.74 41.30
N SER G 11 -11.03 -32.05 40.43
CA SER G 11 -10.97 -31.63 39.03
C SER G 11 -11.24 -30.14 38.86
N PRO G 12 -10.31 -29.42 38.23
CA PRO G 12 -10.54 -27.98 38.05
C PRO G 12 -11.55 -27.70 36.93
N TYR G 13 -11.79 -28.66 36.03
CA TYR G 13 -12.84 -28.48 35.03
C TYR G 13 -14.23 -28.64 35.65
N VAL G 14 -14.36 -29.59 36.58
CA VAL G 14 -15.57 -29.68 37.39
C VAL G 14 -15.74 -28.41 38.24
N ARG G 15 -14.62 -27.89 38.76
CA ARG G 15 -14.69 -26.70 39.60
C ARG G 15 -15.30 -25.54 38.84
N LYS G 16 -14.94 -25.39 37.57
CA LYS G 16 -15.51 -24.30 36.78
C LYS G 16 -17.03 -24.37 36.79
N VAL G 17 -17.55 -25.58 36.61
CA VAL G 17 -18.99 -25.78 36.57
C VAL G 17 -19.61 -25.45 37.94
N MSE G 18 -18.94 -25.89 39.00
CA MSE G 18 -19.45 -25.67 40.36
C MSE G 18 -19.45 -24.20 40.70
O MSE G 18 -20.42 -23.69 41.26
CB MSE G 18 -18.61 -26.47 41.37
CG MSE G 18 -18.75 -27.98 41.24
SE MSE G 18 -20.59 -28.62 41.41
CE MSE G 18 -20.85 -28.32 43.33
N VAL G 19 -18.36 -23.50 40.37
CA VAL G 19 -18.29 -22.05 40.56
C VAL G 19 -19.40 -21.32 39.81
N LEU G 20 -19.64 -21.70 38.56
CA LEU G 20 -20.74 -21.10 37.82
C LEU G 20 -22.09 -21.38 38.47
N LEU G 21 -22.29 -22.62 38.94
CA LEU G 21 -23.54 -22.96 39.63
C LEU G 21 -23.72 -22.08 40.87
N HIS G 22 -22.66 -21.90 41.63
CA HIS G 22 -22.69 -21.02 42.81
C HIS G 22 -23.04 -19.57 42.42
N GLU G 23 -22.31 -19.03 41.45
CA GLU G 23 -22.47 -17.63 41.04
C GLU G 23 -23.84 -17.30 40.45
N THR G 24 -24.52 -18.30 39.90
CA THR G 24 -25.80 -18.06 39.20
C THR G 24 -27.01 -18.61 39.94
N GLY G 25 -26.80 -19.11 41.15
CA GLY G 25 -27.89 -19.58 42.00
C GLY G 25 -28.56 -20.86 41.52
N GLN G 26 -27.80 -21.72 40.86
CA GLN G 26 -28.33 -22.97 40.33
C GLN G 26 -27.89 -24.24 41.06
N LEU G 27 -27.20 -24.09 42.19
CA LEU G 27 -26.72 -25.25 42.97
C LEU G 27 -27.79 -26.29 43.25
N ASN G 28 -28.96 -25.82 43.65
CA ASN G 28 -30.01 -26.72 44.12
C ASN G 28 -30.70 -27.47 42.98
N ARG G 29 -30.23 -27.24 41.76
CA ARG G 29 -30.80 -27.85 40.57
C ARG G 29 -29.99 -29.04 40.08
N VAL G 30 -28.79 -29.22 40.64
CA VAL G 30 -27.86 -30.21 40.08
C VAL G 30 -27.48 -31.25 41.12
N ALA G 31 -27.74 -32.52 40.79
CA ALA G 31 -27.32 -33.63 41.65
C ALA G 31 -25.88 -34.00 41.33
N LEU G 32 -25.08 -34.26 42.36
CA LEU G 32 -23.68 -34.62 42.16
C LEU G 32 -23.45 -36.12 42.27
N GLN G 33 -22.97 -36.71 41.18
CA GLN G 33 -22.62 -38.12 41.16
C GLN G 33 -21.09 -38.23 41.29
N ALA G 34 -20.64 -38.79 42.40
CA ALA G 34 -19.21 -38.85 42.68
C ALA G 34 -18.50 -39.73 41.67
N SER G 35 -17.33 -39.29 41.22
CA SER G 35 -16.49 -40.06 40.30
C SER G 35 -15.03 -39.94 40.66
N GLN G 36 -14.36 -41.09 40.80
CA GLN G 36 -12.91 -41.14 40.91
C GLN G 36 -12.41 -41.91 39.70
N LEU G 37 -11.43 -41.35 38.99
CA LEU G 37 -11.04 -41.92 37.70
C LEU G 37 -9.71 -41.37 37.20
N SER G 38 -9.11 -42.10 36.28
CA SER G 38 -7.87 -41.67 35.64
C SER G 38 -7.78 -42.47 34.34
N PRO G 39 -6.82 -42.13 33.48
CA PRO G 39 -6.71 -42.85 32.21
C PRO G 39 -6.32 -44.32 32.39
N VAL G 40 -5.82 -44.68 33.57
CA VAL G 40 -5.53 -46.08 33.86
C VAL G 40 -6.43 -46.65 34.97
N ALA G 41 -7.47 -45.90 35.31
CA ALA G 41 -8.47 -46.35 36.31
C ALA G 41 -9.87 -45.93 35.90
N PRO G 42 -10.46 -46.67 34.94
CA PRO G 42 -11.75 -46.29 34.36
C PRO G 42 -12.90 -46.37 35.35
N ASP G 43 -13.87 -45.47 35.18
CA ASP G 43 -15.10 -45.48 35.94
C ASP G 43 -16.17 -45.96 34.96
N ALA G 44 -16.59 -47.21 35.09
CA ALA G 44 -17.52 -47.80 34.12
C ALA G 44 -18.85 -47.07 34.04
N ALA G 45 -19.30 -46.51 35.16
CA ALA G 45 -20.57 -45.81 35.20
C ALA G 45 -20.47 -44.51 34.41
N LEU G 46 -19.39 -43.77 34.65
CA LEU G 46 -19.18 -42.55 33.88
C LEU G 46 -19.02 -42.83 32.40
N ASN G 47 -18.29 -43.89 32.06
CA ASN G 47 -18.06 -44.22 30.66
C ASN G 47 -19.35 -44.45 29.87
N GLN G 48 -20.39 -44.92 30.56
CA GLN G 48 -21.68 -45.15 29.90
C GLN G 48 -22.30 -43.84 29.45
N ASP G 49 -21.91 -42.74 30.10
CA ASP G 49 -22.47 -41.42 29.76
C ASP G 49 -21.51 -40.54 28.96
N ASN G 50 -20.23 -40.60 29.29
CA ASN G 50 -19.20 -39.96 28.50
C ASN G 50 -18.15 -40.97 28.09
N PRO G 51 -18.16 -41.37 26.81
CA PRO G 51 -17.25 -42.44 26.39
C PRO G 51 -15.79 -42.03 26.54
N LEU G 52 -15.52 -40.73 26.58
CA LEU G 52 -14.14 -40.27 26.73
C LEU G 52 -13.62 -40.55 28.12
N GLY G 53 -14.50 -40.91 29.06
CA GLY G 53 -14.07 -41.19 30.42
C GLY G 53 -13.44 -39.99 31.11
N LYS G 54 -14.10 -38.85 30.98
CA LYS G 54 -13.64 -37.63 31.63
C LYS G 54 -14.80 -36.93 32.31
N ILE G 55 -14.47 -36.19 33.36
CA ILE G 55 -15.44 -35.38 34.06
C ILE G 55 -15.02 -33.94 33.91
N PRO G 56 -15.98 -33.00 33.94
CA PRO G 56 -17.42 -33.18 34.15
C PRO G 56 -18.18 -33.74 32.96
N ALA G 57 -19.30 -34.38 33.26
CA ALA G 57 -20.31 -34.72 32.28
C ALA G 57 -21.65 -34.40 32.92
N LEU G 58 -22.59 -33.88 32.13
CA LEU G 58 -23.90 -33.48 32.66
C LEU G 58 -25.03 -34.29 32.02
N ARG G 59 -25.70 -35.10 32.84
CA ARG G 59 -26.85 -35.85 32.33
C ARG G 59 -28.12 -35.02 32.46
N LEU G 60 -28.78 -34.78 31.32
CA LEU G 60 -30.00 -33.98 31.28
C LEU G 60 -31.18 -34.85 31.68
N ASP G 61 -32.35 -34.23 31.78
CA ASP G 61 -33.54 -34.93 32.24
C ASP G 61 -33.94 -36.08 31.31
N ASN G 62 -33.73 -35.90 30.01
CA ASN G 62 -34.09 -36.92 29.03
C ASN G 62 -33.02 -38.02 28.85
N GLY G 63 -31.97 -37.95 29.65
CA GLY G 63 -30.93 -38.96 29.61
C GLY G 63 -29.81 -38.63 28.64
N GLN G 64 -29.98 -37.58 27.85
CA GLN G 64 -28.90 -37.12 26.99
C GLN G 64 -27.79 -36.57 27.86
N VAL G 65 -26.55 -36.65 27.38
CA VAL G 65 -25.41 -36.23 28.17
C VAL G 65 -24.60 -35.13 27.48
N LEU G 66 -24.27 -34.08 28.22
CA LEU G 66 -23.42 -33.02 27.68
C LEU G 66 -22.00 -33.12 28.25
N TYR G 67 -21.02 -32.79 27.41
CA TYR G 67 -19.61 -32.69 27.80
C TYR G 67 -18.94 -31.98 26.61
N ASP G 68 -17.73 -31.42 26.75
CA ASP G 68 -16.95 -31.32 27.97
C ASP G 68 -17.32 -30.08 28.79
N SER G 69 -16.41 -29.63 29.67
CA SER G 69 -16.73 -28.53 30.57
C SER G 69 -17.19 -27.26 29.85
N ARG G 70 -16.62 -26.93 28.69
CA ARG G 70 -17.06 -25.71 28.01
C ARG G 70 -18.51 -25.80 27.51
N VAL G 71 -18.91 -26.98 27.06
CA VAL G 71 -20.26 -27.20 26.57
C VAL G 71 -21.25 -27.11 27.74
N ILE G 72 -20.88 -27.75 28.85
CA ILE G 72 -21.68 -27.71 30.06
C ILE G 72 -21.84 -26.30 30.60
N LEU G 73 -20.75 -25.52 30.58
CA LEU G 73 -20.79 -24.14 31.06
C LEU G 73 -21.69 -23.28 30.18
N ASP G 74 -21.59 -23.45 28.88
CA ASP G 74 -22.44 -22.72 27.93
C ASP G 74 -23.90 -23.06 28.19
N TYR G 75 -24.20 -24.34 28.37
CA TYR G 75 -25.56 -24.77 28.67
C TYR G 75 -26.09 -24.14 29.94
N LEU G 76 -25.33 -24.24 31.02
CA LEU G 76 -25.80 -23.76 32.31
C LEU G 76 -25.95 -22.25 32.31
N ASP G 77 -25.10 -21.55 31.56
CA ASP G 77 -25.17 -20.10 31.53
C ASP G 77 -26.47 -19.61 30.89
N GLN G 78 -27.15 -20.50 30.17
CA GLN G 78 -28.43 -20.12 29.54
C GLN G 78 -29.65 -20.50 30.38
N GLN G 79 -29.42 -21.13 31.53
CA GLN G 79 -30.52 -21.64 32.35
C GLN G 79 -30.90 -20.72 33.52
N HIS G 80 -30.18 -19.61 33.65
CA HIS G 80 -30.49 -18.63 34.70
C HIS G 80 -30.92 -17.32 34.05
N VAL G 81 -31.45 -16.40 34.86
CA VAL G 81 -32.01 -15.17 34.35
C VAL G 81 -31.10 -13.98 34.69
N GLY G 82 -30.02 -14.27 35.40
CA GLY G 82 -29.05 -13.23 35.74
C GLY G 82 -28.29 -12.78 34.51
N ASN G 83 -27.33 -11.88 34.70
CA ASN G 83 -26.47 -11.47 33.61
C ASN G 83 -25.55 -12.61 33.21
N PRO G 84 -25.42 -12.86 31.89
CA PRO G 84 -24.66 -14.02 31.43
C PRO G 84 -23.17 -13.91 31.77
N LEU G 85 -22.56 -15.05 32.10
CA LEU G 85 -21.14 -15.09 32.41
C LEU G 85 -20.32 -15.30 31.14
N ILE G 86 -20.99 -15.65 30.06
CA ILE G 86 -20.39 -15.70 28.74
C ILE G 86 -21.09 -14.68 27.86
N PRO G 87 -20.34 -13.68 27.34
CA PRO G 87 -20.93 -12.67 26.46
C PRO G 87 -21.58 -13.33 25.25
N ARG G 88 -22.81 -12.93 24.94
CA ARG G 88 -23.56 -13.64 23.92
C ARG G 88 -23.17 -13.20 22.51
N ASP G 89 -22.56 -12.02 22.42
CA ASP G 89 -22.15 -11.48 21.12
C ASP G 89 -21.07 -10.40 21.26
N GLY G 90 -20.59 -9.91 20.12
CA GLY G 90 -19.65 -8.81 20.11
C GLY G 90 -18.22 -9.23 20.41
N SER G 91 -17.29 -8.27 20.29
CA SER G 91 -15.87 -8.56 20.45
C SER G 91 -15.53 -9.12 21.83
N ALA G 92 -16.34 -8.77 22.83
CA ALA G 92 -16.14 -9.25 24.19
C ALA G 92 -16.29 -10.76 24.26
N ARG G 93 -17.18 -11.32 23.43
CA ARG G 93 -17.41 -12.75 23.44
C ARG G 93 -16.13 -13.53 23.19
N TRP G 94 -15.42 -13.19 22.13
CA TRP G 94 -14.25 -13.96 21.75
C TRP G 94 -12.99 -13.54 22.51
N ARG G 95 -13.00 -12.34 23.08
CA ARG G 95 -11.91 -11.97 23.96
C ARG G 95 -12.01 -12.74 25.28
N ARG G 96 -13.23 -12.82 25.82
CA ARG G 96 -13.44 -13.56 27.07
C ARG G 96 -13.30 -15.07 26.85
N LEU G 97 -13.77 -15.55 25.71
CA LEU G 97 -13.65 -16.97 25.43
C LEU G 97 -12.19 -17.38 25.19
N THR G 98 -11.40 -16.46 24.62
CA THR G 98 -9.99 -16.74 24.36
C THR G 98 -9.22 -16.81 25.67
N LEU G 99 -9.51 -15.88 26.56
CA LEU G 99 -8.92 -15.94 27.91
C LEU G 99 -9.30 -17.23 28.62
N ALA G 100 -10.57 -17.62 28.50
CA ALA G 100 -11.01 -18.89 29.10
C ALA G 100 -10.22 -20.04 28.50
N ALA G 101 -9.98 -20.01 27.18
CA ALA G 101 -9.21 -21.07 26.52
C ALA G 101 -7.75 -21.08 26.98
N LEU G 102 -7.21 -19.89 27.24
CA LEU G 102 -5.85 -19.78 27.76
C LEU G 102 -5.79 -20.52 29.10
N ALA G 103 -6.76 -20.25 29.97
CA ALA G 103 -6.85 -20.94 31.26
C ALA G 103 -7.02 -22.45 31.11
N ASP G 104 -7.90 -22.87 30.20
CA ASP G 104 -8.06 -24.29 29.94
C ASP G 104 -6.76 -24.93 29.48
N GLY G 105 -5.97 -24.19 28.69
CA GLY G 105 -4.70 -24.70 28.23
C GLY G 105 -3.74 -24.92 29.39
N ILE G 106 -3.79 -24.02 30.36
CA ILE G 106 -2.99 -24.20 31.58
C ILE G 106 -3.44 -25.44 32.30
N MSE G 107 -4.75 -25.60 32.47
CA MSE G 107 -5.28 -26.80 33.10
C MSE G 107 -4.86 -28.06 32.35
O MSE G 107 -4.44 -29.04 32.99
CB MSE G 107 -6.81 -26.73 33.22
CG MSE G 107 -7.31 -25.86 34.35
SE MSE G 107 -9.27 -25.81 34.33
CE MSE G 107 -9.51 -23.97 33.70
N ASP G 108 -4.97 -28.04 31.03
CA ASP G 108 -4.64 -29.22 30.23
C ASP G 108 -3.19 -29.65 30.45
N ALA G 109 -2.28 -28.69 30.40
CA ALA G 109 -0.87 -28.98 30.59
C ALA G 109 -0.62 -29.45 32.03
N SER G 110 -1.22 -28.75 32.98
CA SER G 110 -1.11 -29.11 34.40
C SER G 110 -1.58 -30.54 34.68
N VAL G 111 -2.64 -30.97 34.01
CA VAL G 111 -3.18 -32.31 34.23
C VAL G 111 -2.25 -33.37 33.61
N LEU G 112 -1.72 -33.08 32.43
CA LEU G 112 -0.78 -34.00 31.80
C LEU G 112 0.46 -34.18 32.66
N VAL G 113 0.95 -33.08 33.23
CA VAL G 113 2.11 -33.15 34.11
C VAL G 113 1.76 -33.90 35.39
N ARG G 114 0.56 -33.66 35.93
CA ARG G 114 0.11 -34.38 37.11
C ARG G 114 0.09 -35.90 36.85
N TYR G 115 -0.45 -36.29 35.70
CA TYR G 115 -0.53 -37.72 35.41
C TYR G 115 0.86 -38.35 35.27
N GLU G 116 1.75 -37.64 34.61
CA GLU G 116 3.12 -38.11 34.44
C GLU G 116 3.81 -38.30 35.79
N LEU G 117 3.70 -37.30 36.66
CA LEU G 117 4.40 -37.34 37.94
C LEU G 117 3.75 -38.24 38.98
N ALA G 118 2.43 -38.36 38.93
CA ALA G 118 1.71 -39.09 39.98
C ALA G 118 1.39 -40.51 39.59
N LEU G 119 1.35 -40.79 38.29
CA LEU G 119 0.96 -42.12 37.83
C LEU G 119 2.04 -42.89 37.06
N ARG G 120 2.80 -42.19 36.21
CA ARG G 120 3.85 -42.85 35.42
C ARG G 120 5.09 -43.14 36.28
N ALA G 121 5.70 -44.31 36.07
CA ALA G 121 6.90 -44.68 36.79
C ALA G 121 7.98 -43.64 36.52
N PRO G 122 8.70 -43.19 37.58
CA PRO G 122 9.71 -42.13 37.39
C PRO G 122 10.80 -42.47 36.36
N GLU G 123 11.15 -43.75 36.23
CA GLU G 123 12.17 -44.11 35.24
C GLU G 123 11.67 -43.89 33.82
N LYS G 124 10.37 -43.64 33.66
CA LYS G 124 9.80 -43.36 32.35
C LYS G 124 9.42 -41.90 32.16
N HIS G 125 9.78 -41.06 33.12
CA HIS G 125 9.56 -39.62 32.96
C HIS G 125 10.42 -39.08 31.82
N TRP G 126 9.84 -38.18 31.04
CA TRP G 126 10.55 -37.55 29.94
C TRP G 126 10.71 -36.08 30.28
N GLU G 127 11.94 -35.68 30.64
CA GLU G 127 12.20 -34.33 31.12
C GLU G 127 11.85 -33.26 30.10
N GLN G 128 12.15 -33.51 28.83
CA GLN G 128 11.92 -32.52 27.77
C GLN G 128 10.43 -32.21 27.61
N TRP G 129 9.61 -33.26 27.64
CA TRP G 129 8.16 -33.14 27.56
C TRP G 129 7.60 -32.41 28.78
N LEU G 130 8.10 -32.78 29.96
CA LEU G 130 7.70 -32.12 31.21
C LEU G 130 7.98 -30.62 31.17
N ASP G 131 9.21 -30.26 30.81
CA ASP G 131 9.59 -28.86 30.69
C ASP G 131 8.80 -28.14 29.61
N GLY G 132 8.46 -28.84 28.54
CA GLY G 132 7.67 -28.27 27.47
C GLY G 132 6.28 -27.94 27.95
N GLN G 133 5.68 -28.85 28.71
CA GLN G 133 4.37 -28.62 29.31
C GLN G 133 4.46 -27.50 30.34
N ARG G 134 5.55 -27.49 31.10
CA ARG G 134 5.78 -26.43 32.09
C ARG G 134 6.01 -25.07 31.42
N ASP G 135 6.65 -25.08 30.26
CA ASP G 135 6.88 -23.86 29.50
C ASP G 135 5.57 -23.24 28.98
N LYS G 136 4.65 -24.10 28.53
CA LYS G 136 3.32 -23.65 28.12
C LYS G 136 2.67 -22.89 29.27
N ILE G 137 2.78 -23.49 30.45
CA ILE G 137 2.20 -22.90 31.65
C ILE G 137 2.84 -21.54 31.98
N ARG G 138 4.17 -21.48 31.97
CA ARG G 138 4.88 -20.24 32.29
C ARG G 138 4.57 -19.11 31.29
N ARG G 139 4.56 -19.44 30.00
CA ARG G 139 4.25 -18.44 28.98
C ARG G 139 2.82 -17.92 29.11
N ALA G 140 1.91 -18.83 29.46
CA ALA G 140 0.51 -18.47 29.64
C ALA G 140 0.33 -17.56 30.85
N LEU G 141 1.02 -17.87 31.95
CA LEU G 141 0.95 -17.06 33.17
C LEU G 141 1.47 -15.65 32.94
N ALA G 142 2.52 -15.53 32.11
CA ALA G 142 3.06 -14.22 31.77
C ALA G 142 1.99 -13.36 31.10
N VAL G 143 1.22 -13.97 30.19
CA VAL G 143 0.14 -13.28 29.51
C VAL G 143 -0.93 -12.86 30.51
N LEU G 144 -1.25 -13.74 31.44
CA LEU G 144 -2.27 -13.44 32.45
C LEU G 144 -1.86 -12.29 33.36
N GLU G 145 -0.57 -12.23 33.71
CA GLU G 145 -0.03 -11.13 34.52
C GLU G 145 -0.15 -9.81 33.77
N ALA G 146 0.29 -9.80 32.52
CA ALA G 146 0.18 -8.62 31.68
C ALA G 146 -1.27 -8.15 31.56
N GLU G 147 -2.20 -9.10 31.55
CA GLU G 147 -3.62 -8.81 31.47
C GLU G 147 -4.27 -8.52 32.82
N ALA G 148 -3.68 -9.06 33.90
CA ALA G 148 -4.23 -8.91 35.25
C ALA G 148 -4.20 -7.47 35.72
N ILE G 149 -3.41 -6.64 35.05
CA ILE G 149 -3.37 -5.22 35.29
C ILE G 149 -4.80 -4.66 35.27
N ALA G 150 -5.56 -5.09 34.27
CA ALA G 150 -6.93 -4.63 34.12
C ALA G 150 -7.84 -5.74 33.60
N GLU G 151 -7.57 -6.16 32.36
CA GLU G 151 -8.39 -7.10 31.60
C GLU G 151 -9.13 -8.17 32.41
N LEU G 152 -8.35 -8.99 33.11
CA LEU G 152 -8.87 -10.13 33.87
C LEU G 152 -9.71 -9.72 35.09
N ALA G 153 -9.55 -8.48 35.54
CA ALA G 153 -10.02 -8.08 36.88
C ALA G 153 -11.48 -7.61 37.01
N SER G 154 -12.12 -7.29 35.88
CA SER G 154 -13.38 -6.54 35.92
C SER G 154 -14.62 -7.33 36.30
N HIS G 155 -14.87 -8.43 35.60
CA HIS G 155 -16.11 -9.20 35.74
C HIS G 155 -15.73 -10.61 36.19
N PHE G 156 -16.44 -11.17 37.16
CA PHE G 156 -16.20 -12.57 37.50
C PHE G 156 -17.03 -13.44 36.56
N ASP G 157 -16.58 -13.51 35.30
CA ASP G 157 -17.31 -14.20 34.25
C ASP G 157 -16.65 -15.53 33.88
N ILE G 158 -16.93 -16.02 32.67
CA ILE G 158 -16.38 -17.29 32.20
C ILE G 158 -14.86 -17.33 32.25
N ALA G 159 -14.22 -16.23 31.86
CA ALA G 159 -12.75 -16.15 31.81
C ALA G 159 -12.13 -16.08 33.19
N ALA G 160 -12.68 -15.24 34.05
CA ALA G 160 -12.19 -15.11 35.40
C ALA G 160 -12.29 -16.44 36.14
N ILE G 161 -13.44 -17.10 36.00
CA ILE G 161 -13.69 -18.38 36.65
C ILE G 161 -12.68 -19.41 36.16
N SER G 162 -12.50 -19.49 34.84
CA SER G 162 -11.55 -20.43 34.25
C SER G 162 -10.13 -20.19 34.76
N VAL G 163 -9.68 -18.93 34.74
CA VAL G 163 -8.35 -18.60 35.21
C VAL G 163 -8.17 -18.93 36.70
N ALA G 164 -9.16 -18.58 37.51
CA ALA G 164 -9.13 -18.87 38.94
C ALA G 164 -9.02 -20.36 39.23
N CYS G 165 -9.73 -21.17 38.46
CA CYS G 165 -9.67 -22.62 38.67
C CYS G 165 -8.33 -23.21 38.24
N ALA G 166 -7.72 -22.62 37.20
CA ALA G 166 -6.40 -23.04 36.77
C ALA G 166 -5.34 -22.73 37.83
N LEU G 167 -5.41 -21.53 38.40
CA LEU G 167 -4.46 -21.14 39.43
C LEU G 167 -4.60 -22.01 40.68
N GLY G 168 -5.83 -22.25 41.10
CA GLY G 168 -6.09 -23.13 42.23
C GLY G 168 -5.58 -24.54 41.99
N TYR G 169 -5.62 -25.00 40.73
CA TYR G 169 -5.11 -26.32 40.43
C TYR G 169 -3.59 -26.38 40.50
N LEU G 170 -2.92 -25.30 40.08
CA LEU G 170 -1.46 -25.23 40.23
C LEU G 170 -1.06 -25.34 41.70
N ASP G 171 -1.78 -24.61 42.57
CA ASP G 171 -1.51 -24.65 44.01
C ASP G 171 -1.71 -26.06 44.55
N PHE G 172 -2.77 -26.71 44.07
CA PHE G 172 -3.18 -28.02 44.56
C PHE G 172 -2.25 -29.16 44.11
N ARG G 173 -1.94 -29.23 42.83
CA ARG G 173 -1.15 -30.35 42.31
C ARG G 173 0.32 -30.04 42.07
N HIS G 174 0.65 -28.77 41.87
CA HIS G 174 2.03 -28.38 41.56
C HIS G 174 2.55 -27.22 42.41
N PRO G 175 2.51 -27.36 43.75
CA PRO G 175 2.91 -26.27 44.65
C PRO G 175 4.37 -25.92 44.50
N ASP G 176 5.10 -26.80 43.82
CA ASP G 176 6.52 -26.58 43.53
C ASP G 176 6.72 -25.52 42.45
N LEU G 177 5.68 -25.25 41.66
CA LEU G 177 5.80 -24.30 40.57
C LEU G 177 6.11 -22.89 41.07
N GLU G 178 5.41 -22.49 42.14
CA GLU G 178 5.54 -21.15 42.69
C GLU G 178 5.40 -20.09 41.60
N TRP G 179 4.16 -19.81 41.22
CA TRP G 179 3.87 -18.91 40.11
C TRP G 179 3.69 -17.46 40.57
N ARG G 180 3.57 -17.26 41.88
CA ARG G 180 3.27 -15.95 42.45
C ARG G 180 4.41 -14.93 42.38
N GLN G 181 5.66 -15.39 42.42
CA GLN G 181 6.80 -14.49 42.42
C GLN G 181 6.85 -13.64 41.15
N ASP G 182 6.99 -14.30 40.01
CA ASP G 182 7.10 -13.61 38.73
C ASP G 182 5.78 -12.99 38.29
N HIS G 183 4.73 -13.24 39.06
CA HIS G 183 3.40 -12.80 38.66
C HIS G 183 2.61 -12.14 39.80
N PRO G 184 3.07 -10.96 40.28
CA PRO G 184 2.47 -10.34 41.45
C PRO G 184 1.04 -9.80 41.27
N GLN G 185 0.71 -9.21 40.12
CA GLN G 185 -0.64 -8.68 39.93
C GLN G 185 -1.65 -9.80 39.82
N LEU G 186 -1.26 -10.87 39.13
CA LEU G 186 -2.07 -12.08 39.05
C LEU G 186 -2.28 -12.65 40.45
N ALA G 187 -1.20 -12.69 41.24
CA ALA G 187 -1.27 -13.19 42.60
C ALA G 187 -2.22 -12.37 43.45
N ALA G 188 -2.13 -11.04 43.31
CA ALA G 188 -3.03 -10.13 44.02
C ALA G 188 -4.49 -10.36 43.64
N TRP G 189 -4.75 -10.46 42.34
CA TRP G 189 -6.10 -10.73 41.84
C TRP G 189 -6.62 -12.05 42.38
N TYR G 190 -5.79 -13.08 42.32
CA TYR G 190 -6.22 -14.41 42.77
C TYR G 190 -6.55 -14.42 44.25
N PHE G 191 -5.80 -13.64 45.03
CA PHE G 191 -6.04 -13.58 46.46
C PHE G 191 -7.42 -13.03 46.77
N GLU G 192 -7.83 -12.00 46.02
CA GLU G 192 -9.15 -11.41 46.23
C GLU G 192 -10.31 -12.34 45.84
N ILE G 193 -10.28 -12.89 44.62
CA ILE G 193 -11.39 -13.72 44.16
C ILE G 193 -11.48 -15.06 44.89
N SER G 194 -10.37 -15.49 45.50
CA SER G 194 -10.38 -16.69 46.34
C SER G 194 -11.31 -16.53 47.54
N GLN G 195 -11.57 -15.28 47.92
CA GLN G 195 -12.45 -15.01 49.05
C GLN G 195 -13.93 -14.99 48.65
N ARG G 196 -14.21 -15.16 47.36
CA ARG G 196 -15.59 -15.26 46.93
C ARG G 196 -16.18 -16.55 47.48
N PRO G 197 -17.43 -16.50 47.98
CA PRO G 197 -18.07 -17.71 48.51
C PRO G 197 -18.09 -18.87 47.52
N SER G 198 -18.16 -18.57 46.22
CA SER G 198 -18.13 -19.60 45.19
C SER G 198 -16.79 -20.34 45.15
N MSE G 199 -15.72 -19.61 45.40
CA MSE G 199 -14.38 -20.21 45.43
C MSE G 199 -14.13 -20.97 46.72
O MSE G 199 -13.59 -22.08 46.71
CB MSE G 199 -13.30 -19.13 45.23
CG MSE G 199 -13.30 -18.55 43.82
SE MSE G 199 -12.83 -19.81 42.40
CE MSE G 199 -10.93 -19.92 42.82
N LEU G 200 -14.50 -20.37 47.85
CA LEU G 200 -14.31 -21.00 49.14
C LEU G 200 -15.05 -22.34 49.23
N ALA G 201 -16.21 -22.42 48.59
CA ALA G 201 -17.06 -23.60 48.68
C ALA G 201 -16.63 -24.74 47.77
N THR G 202 -15.67 -24.47 46.89
CA THR G 202 -15.30 -25.42 45.85
C THR G 202 -13.81 -25.76 45.83
N ARG G 203 -13.13 -25.51 46.94
CA ARG G 203 -11.71 -25.80 47.04
C ARG G 203 -11.40 -27.29 46.99
N PRO G 204 -10.25 -27.64 46.39
CA PRO G 204 -9.86 -29.06 46.36
C PRO G 204 -9.46 -29.55 47.75
N PRO G 205 -9.54 -30.87 48.01
CA PRO G 205 -9.24 -31.45 49.34
C PRO G 205 -7.84 -31.11 49.84
N SER H 2 -3.20 41.37 -44.75
CA SER H 2 -2.00 40.63 -45.09
C SER H 2 -1.22 40.25 -43.84
N LEU H 3 -0.69 39.03 -43.82
CA LEU H 3 0.17 38.60 -42.72
C LEU H 3 1.63 38.81 -43.10
N THR H 4 2.42 39.25 -42.13
CA THR H 4 3.85 39.44 -42.35
C THR H 4 4.62 38.65 -41.30
N LEU H 5 5.53 37.79 -41.75
CA LEU H 5 6.44 37.11 -40.82
C LEU H 5 7.80 37.77 -40.83
N PHE H 6 8.21 38.27 -39.68
CA PHE H 6 9.56 38.78 -39.51
C PHE H 6 10.50 37.59 -39.43
N HIS H 7 11.50 37.62 -40.30
CA HIS H 7 12.14 36.43 -40.81
C HIS H 7 13.66 36.55 -40.69
N ASN H 8 14.32 35.41 -40.53
CA ASN H 8 15.77 35.26 -40.67
C ASN H 8 16.00 33.88 -41.27
N PRO H 9 16.85 33.79 -42.30
CA PRO H 9 17.01 32.53 -43.04
C PRO H 9 17.82 31.45 -42.29
N ALA H 10 18.55 31.84 -41.25
CA ALA H 10 19.39 30.89 -40.52
C ALA H 10 18.70 30.31 -39.29
N SER H 11 17.78 31.08 -38.72
CA SER H 11 17.14 30.71 -37.46
C SER H 11 16.33 29.42 -37.56
N PRO H 12 16.63 28.43 -36.69
CA PRO H 12 15.85 27.19 -36.74
C PRO H 12 14.44 27.38 -36.16
N TYR H 13 14.25 28.40 -35.34
CA TYR H 13 12.92 28.74 -34.83
C TYR H 13 12.03 29.32 -35.94
N VAL H 14 12.59 30.19 -36.77
CA VAL H 14 11.88 30.68 -37.96
C VAL H 14 11.60 29.50 -38.89
N ARG H 15 12.58 28.61 -39.03
CA ARG H 15 12.43 27.49 -39.95
C ARG H 15 11.21 26.63 -39.60
N LYS H 16 10.94 26.45 -38.31
CA LYS H 16 9.76 25.66 -37.92
C LYS H 16 8.50 26.26 -38.55
N VAL H 17 8.40 27.59 -38.47
CA VAL H 17 7.23 28.30 -38.98
C VAL H 17 7.13 28.18 -40.49
N MSE H 18 8.27 28.34 -41.17
CA MSE H 18 8.29 28.23 -42.63
C MSE H 18 7.90 26.83 -43.08
O MSE H 18 7.19 26.66 -44.06
CB MSE H 18 9.68 28.61 -43.16
CG MSE H 18 10.06 30.06 -42.90
SE MSE H 18 8.75 31.29 -43.69
CE MSE H 18 8.66 30.51 -45.49
N VAL H 19 8.40 25.82 -42.37
CA VAL H 19 8.08 24.44 -42.70
C VAL H 19 6.59 24.16 -42.51
N LEU H 20 6.01 24.66 -41.43
CA LEU H 20 4.57 24.48 -41.24
C LEU H 20 3.77 25.18 -42.34
N LEU H 21 4.18 26.39 -42.71
CA LEU H 21 3.50 27.13 -43.78
C LEU H 21 3.52 26.34 -45.08
N HIS H 22 4.67 25.75 -45.39
CA HIS H 22 4.83 24.98 -46.62
C HIS H 22 3.96 23.72 -46.57
N GLU H 23 4.08 22.98 -45.48
CA GLU H 23 3.32 21.75 -45.27
C GLU H 23 1.81 21.94 -45.33
N THR H 24 1.31 23.06 -44.82
CA THR H 24 -0.13 23.28 -44.70
C THR H 24 -0.72 24.10 -45.85
N GLY H 25 0.09 24.31 -46.88
CA GLY H 25 -0.34 25.03 -48.07
C GLY H 25 -0.70 26.49 -47.82
N GLN H 26 0.03 27.14 -46.93
CA GLN H 26 -0.25 28.52 -46.57
C GLN H 26 0.84 29.51 -46.99
N LEU H 27 1.72 29.08 -47.89
CA LEU H 27 2.82 29.93 -48.36
C LEU H 27 2.37 31.30 -48.87
N ASN H 28 1.23 31.34 -49.57
CA ASN H 28 0.72 32.58 -50.12
C ASN H 28 0.06 33.48 -49.07
N ARG H 29 -0.21 32.91 -47.91
CA ARG H 29 -0.90 33.65 -46.85
C ARG H 29 0.01 34.67 -46.15
N VAL H 30 1.32 34.44 -46.22
CA VAL H 30 2.25 35.17 -45.37
C VAL H 30 3.44 35.75 -46.14
N ALA H 31 3.61 37.07 -46.08
CA ALA H 31 4.77 37.72 -46.68
C ALA H 31 5.95 37.70 -45.71
N LEU H 32 7.16 37.55 -46.24
CA LEU H 32 8.34 37.40 -45.41
C LEU H 32 9.15 38.68 -45.37
N GLN H 33 9.43 39.20 -44.17
CA GLN H 33 10.17 40.45 -44.02
C GLN H 33 11.45 40.20 -43.24
N ALA H 34 12.57 40.48 -43.89
CA ALA H 34 13.88 40.09 -43.38
C ALA H 34 14.37 40.84 -42.16
N SER H 35 15.26 40.19 -41.42
N SER H 35 15.28 40.20 -41.42
CA SER H 35 16.03 40.77 -40.33
CA SER H 35 16.04 40.83 -40.36
C SER H 35 17.34 40.02 -40.15
C SER H 35 17.33 40.04 -40.14
N GLN H 36 18.38 40.73 -39.70
CA GLN H 36 19.70 40.11 -39.51
C GLN H 36 20.07 40.09 -38.03
N PRO H 51 10.23 45.86 -33.50
CA PRO H 51 9.97 46.60 -32.26
C PRO H 51 10.67 45.98 -31.07
N LEU H 52 10.17 44.85 -30.58
CA LEU H 52 10.85 44.10 -29.55
C LEU H 52 11.94 43.24 -30.18
N GLY H 53 11.95 43.20 -31.51
CA GLY H 53 12.97 42.44 -32.23
C GLY H 53 12.79 40.93 -32.13
N LYS H 54 11.55 40.48 -31.99
CA LYS H 54 11.28 39.05 -31.90
C LYS H 54 11.40 38.42 -33.28
N ILE H 55 12.07 37.28 -33.34
CA ILE H 55 12.29 36.57 -34.60
C ILE H 55 12.17 35.06 -34.36
N PRO H 56 11.15 34.41 -34.93
CA PRO H 56 10.06 34.96 -35.76
C PRO H 56 9.06 35.79 -34.98
N ALA H 57 8.34 36.66 -35.69
CA ALA H 57 7.20 37.40 -35.16
C ALA H 57 6.19 37.51 -36.30
N LEU H 58 4.91 37.40 -35.99
CA LEU H 58 3.89 37.39 -37.03
C LEU H 58 2.93 38.55 -36.86
N ARG H 59 2.95 39.47 -37.82
CA ARG H 59 2.04 40.62 -37.75
C ARG H 59 0.72 40.29 -38.44
N LEU H 60 -0.37 40.44 -37.71
CA LEU H 60 -1.70 40.11 -38.24
C LEU H 60 -2.24 41.24 -39.10
N ASP H 61 -3.34 40.97 -39.80
CA ASP H 61 -4.01 41.97 -40.63
C ASP H 61 -4.35 43.22 -39.80
N ASN H 62 -4.74 42.99 -38.55
CA ASN H 62 -5.19 44.08 -37.67
C ASN H 62 -4.06 44.84 -37.00
N GLY H 63 -2.82 44.41 -37.27
CA GLY H 63 -1.66 45.08 -36.70
C GLY H 63 -1.09 44.42 -35.45
N GLN H 64 -1.83 43.47 -34.89
CA GLN H 64 -1.34 42.74 -33.72
C GLN H 64 -0.18 41.85 -34.14
N VAL H 65 0.82 41.73 -33.26
CA VAL H 65 2.00 40.91 -33.53
C VAL H 65 2.09 39.74 -32.54
N LEU H 66 2.21 38.53 -33.08
CA LEU H 66 2.33 37.34 -32.23
C LEU H 66 3.78 36.84 -32.18
N TYR H 67 4.16 36.26 -31.05
CA TYR H 67 5.46 35.61 -30.87
C TYR H 67 5.32 34.80 -29.59
N ASP H 68 6.23 33.86 -29.27
CA ASP H 68 7.34 33.40 -30.09
C ASP H 68 6.90 32.31 -31.08
N SER H 69 7.85 31.54 -31.58
CA SER H 69 7.54 30.54 -32.62
C SER H 69 6.43 29.58 -32.19
N ARG H 70 6.38 29.19 -30.92
CA ARG H 70 5.35 28.25 -30.51
C ARG H 70 3.95 28.85 -30.58
N VAL H 71 3.85 30.13 -30.27
CA VAL H 71 2.57 30.82 -30.34
C VAL H 71 2.14 30.95 -31.80
N ILE H 72 3.10 31.34 -32.64
CA ILE H 72 2.88 31.50 -34.06
C ILE H 72 2.46 30.18 -34.72
N LEU H 73 3.14 29.09 -34.35
CA LEU H 73 2.81 27.79 -34.90
C LEU H 73 1.39 27.37 -34.53
N ASP H 74 0.98 27.66 -33.30
CA ASP H 74 -0.35 27.33 -32.80
C ASP H 74 -1.38 28.12 -33.61
N TYR H 75 -1.12 29.42 -33.80
CA TYR H 75 -2.03 30.28 -34.54
C TYR H 75 -2.20 29.79 -35.98
N LEU H 76 -1.09 29.47 -36.62
CA LEU H 76 -1.11 29.11 -38.02
C LEU H 76 -1.69 27.71 -38.26
N ASP H 77 -1.77 26.91 -37.20
CA ASP H 77 -2.32 25.57 -37.32
C ASP H 77 -3.86 25.58 -37.33
N GLN H 78 -4.45 26.76 -37.14
CA GLN H 78 -5.91 26.83 -36.97
C GLN H 78 -6.72 26.82 -38.26
N GLN H 79 -6.16 27.34 -39.34
CA GLN H 79 -6.92 27.46 -40.59
C GLN H 79 -6.19 26.98 -41.83
N HIS H 80 -6.07 25.67 -41.96
CA HIS H 80 -5.54 25.07 -43.18
C HIS H 80 -6.28 23.76 -43.47
N VAL H 81 -6.13 23.28 -44.70
CA VAL H 81 -6.73 22.02 -45.07
C VAL H 81 -5.99 20.88 -44.38
N GLY H 82 -6.65 19.74 -44.25
CA GLY H 82 -6.02 18.58 -43.64
C GLY H 82 -6.06 18.62 -42.12
N ASN H 83 -5.43 17.62 -41.51
CA ASN H 83 -5.41 17.49 -40.07
C ASN H 83 -4.56 18.55 -39.39
N PRO H 84 -4.90 18.88 -38.13
CA PRO H 84 -4.06 19.79 -37.37
C PRO H 84 -2.68 19.18 -37.15
N LEU H 85 -1.65 20.01 -37.12
CA LEU H 85 -0.30 19.54 -36.84
C LEU H 85 -0.02 19.60 -35.33
N ILE H 86 -0.95 20.19 -34.59
CA ILE H 86 -0.92 20.13 -33.14
C ILE H 86 -2.25 19.56 -32.68
N PRO H 87 -2.24 18.41 -32.01
CA PRO H 87 -3.53 17.84 -31.57
C PRO H 87 -4.26 18.80 -30.62
N ARG H 88 -5.57 18.95 -30.82
CA ARG H 88 -6.34 19.98 -30.13
C ARG H 88 -6.57 19.69 -28.66
N ASP H 89 -6.62 18.40 -28.33
CA ASP H 89 -6.85 17.97 -26.97
C ASP H 89 -6.36 16.55 -26.80
N GLY H 90 -6.49 16.00 -25.59
CA GLY H 90 -6.15 14.62 -25.36
C GLY H 90 -4.70 14.39 -25.03
N SER H 91 -4.37 13.18 -24.60
CA SER H 91 -3.01 12.80 -24.23
C SER H 91 -2.01 13.03 -25.35
N ALA H 92 -2.47 12.88 -26.58
CA ALA H 92 -1.62 13.11 -27.75
C ALA H 92 -1.11 14.54 -27.80
N ARG H 93 -1.96 15.48 -27.39
CA ARG H 93 -1.57 16.88 -27.40
C ARG H 93 -0.30 17.08 -26.55
N TRP H 94 -0.33 16.59 -25.32
CA TRP H 94 0.78 16.82 -24.39
C TRP H 94 2.04 16.08 -24.81
N ARG H 95 1.88 14.92 -25.41
CA ARG H 95 3.01 14.13 -25.88
C ARG H 95 3.71 14.85 -27.03
N ARG H 96 2.93 15.32 -27.99
CA ARG H 96 3.51 15.94 -29.18
C ARG H 96 4.16 17.26 -28.77
N LEU H 97 3.48 18.01 -27.90
CA LEU H 97 4.00 19.31 -27.46
C LEU H 97 5.27 19.15 -26.62
N THR H 98 5.35 18.07 -25.85
CA THR H 98 6.55 17.79 -25.08
C THR H 98 7.71 17.43 -26.00
N LEU H 99 7.44 16.61 -27.03
CA LEU H 99 8.48 16.29 -28.01
C LEU H 99 8.95 17.55 -28.74
N ALA H 100 8.00 18.44 -29.05
CA ALA H 100 8.34 19.73 -29.66
C ALA H 100 9.22 20.56 -28.72
N ALA H 101 8.89 20.55 -27.43
CA ALA H 101 9.68 21.27 -26.43
C ALA H 101 11.08 20.70 -26.31
N LEU H 102 11.19 19.38 -26.43
N LEU H 102 11.21 19.38 -26.43
CA LEU H 102 12.48 18.72 -26.42
CA LEU H 102 12.53 18.74 -26.41
C LEU H 102 13.35 19.27 -27.55
C LEU H 102 13.36 19.32 -27.54
N ALA H 103 12.77 19.39 -28.73
CA ALA H 103 13.46 19.94 -29.90
C ALA H 103 13.84 21.40 -29.68
N ASP H 104 12.94 22.18 -29.09
CA ASP H 104 13.26 23.58 -28.82
C ASP H 104 14.43 23.67 -27.86
N GLY H 105 14.48 22.76 -26.90
CA GLY H 105 15.61 22.71 -25.98
C GLY H 105 16.93 22.40 -26.66
N ILE H 106 16.89 21.51 -27.65
CA ILE H 106 18.09 21.24 -28.44
C ILE H 106 18.51 22.53 -29.15
N MSE H 107 17.55 23.23 -29.74
CA MSE H 107 17.85 24.48 -30.42
C MSE H 107 18.41 25.53 -29.48
O MSE H 107 19.40 26.19 -29.81
CB MSE H 107 16.61 25.05 -31.11
CG MSE H 107 16.18 24.25 -32.32
SE MSE H 107 14.55 25.00 -33.10
CE MSE H 107 13.36 23.49 -32.78
N ASP H 108 17.79 25.66 -28.31
CA ASP H 108 18.27 26.63 -27.32
C ASP H 108 19.73 26.39 -26.97
N ALA H 109 20.06 25.15 -26.63
CA ALA H 109 21.44 24.80 -26.30
C ALA H 109 22.37 25.04 -27.49
N SER H 110 21.92 24.66 -28.68
CA SER H 110 22.72 24.82 -29.90
C SER H 110 23.02 26.29 -30.21
N VAL H 111 22.02 27.14 -30.08
CA VAL H 111 22.20 28.57 -30.36
C VAL H 111 23.12 29.20 -29.32
N LEU H 112 22.98 28.79 -28.07
CA LEU H 112 23.85 29.30 -27.01
C LEU H 112 25.31 28.96 -27.32
N VAL H 113 25.58 27.71 -27.73
CA VAL H 113 26.95 27.30 -28.05
C VAL H 113 27.48 28.05 -29.27
N ARG H 114 26.65 28.16 -30.31
CA ARG H 114 27.03 28.91 -31.51
C ARG H 114 27.40 30.36 -31.19
N TYR H 115 26.55 31.03 -30.41
CA TYR H 115 26.84 32.42 -30.07
C TYR H 115 28.12 32.60 -29.26
N GLU H 116 28.37 31.72 -28.30
CA GLU H 116 29.62 31.81 -27.56
C GLU H 116 30.83 31.61 -28.47
N LEU H 117 30.84 30.51 -29.24
CA LEU H 117 31.98 30.20 -30.09
C LEU H 117 32.22 31.25 -31.19
N ALA H 118 31.14 31.75 -31.77
CA ALA H 118 31.25 32.66 -32.92
C ALA H 118 31.42 34.12 -32.54
N LEU H 119 30.90 34.51 -31.38
CA LEU H 119 30.87 35.93 -31.04
C LEU H 119 31.65 36.32 -29.77
N ARG H 120 31.72 35.43 -28.79
CA ARG H 120 32.49 35.74 -27.58
C ARG H 120 33.98 35.56 -27.86
N ALA H 121 34.80 36.50 -27.36
CA ALA H 121 36.25 36.37 -27.46
C ALA H 121 36.67 35.02 -26.91
N PRO H 122 37.55 34.31 -27.63
CA PRO H 122 37.96 32.98 -27.19
C PRO H 122 38.64 32.98 -25.82
N GLU H 123 39.25 34.11 -25.44
CA GLU H 123 39.80 34.29 -24.10
C GLU H 123 38.74 34.03 -23.03
N LYS H 124 37.49 34.31 -23.38
CA LYS H 124 36.38 34.26 -22.43
C LYS H 124 35.49 33.03 -22.56
N HIS H 125 35.87 32.08 -23.41
CA HIS H 125 35.11 30.84 -23.50
C HIS H 125 35.20 30.02 -22.23
N TRP H 126 34.12 29.34 -21.86
CA TRP H 126 34.10 28.49 -20.68
C TRP H 126 33.71 27.10 -21.12
N GLU H 127 34.69 26.21 -21.20
CA GLU H 127 34.49 24.90 -21.80
C GLU H 127 33.48 24.03 -21.05
N GLN H 128 33.51 24.10 -19.72
CA GLN H 128 32.57 23.31 -18.91
C GLN H 128 31.11 23.72 -19.16
N TRP H 129 30.88 25.01 -19.38
CA TRP H 129 29.56 25.53 -19.77
C TRP H 129 29.17 25.00 -21.14
N LEU H 130 30.10 25.10 -22.09
CA LEU H 130 29.83 24.68 -23.45
C LEU H 130 29.52 23.18 -23.50
N ASP H 131 30.29 22.40 -22.74
CA ASP H 131 30.05 20.96 -22.69
C ASP H 131 28.75 20.61 -21.99
N GLY H 132 28.39 21.39 -20.97
CA GLY H 132 27.12 21.19 -20.28
C GLY H 132 25.96 21.38 -21.24
N GLN H 133 26.06 22.38 -22.12
CA GLN H 133 25.05 22.57 -23.14
C GLN H 133 25.05 21.44 -24.17
N ARG H 134 26.24 20.99 -24.58
CA ARG H 134 26.34 19.88 -25.53
C ARG H 134 25.72 18.61 -24.95
N ASP H 135 25.88 18.41 -23.65
CA ASP H 135 25.31 17.23 -22.98
C ASP H 135 23.78 17.24 -22.96
N LYS H 136 23.18 18.43 -22.88
CA LYS H 136 21.73 18.54 -23.02
C LYS H 136 21.31 18.02 -24.38
N ILE H 137 22.06 18.42 -25.40
CA ILE H 137 21.79 17.99 -26.77
C ILE H 137 21.92 16.47 -26.91
N ARG H 138 23.02 15.91 -26.41
CA ARG H 138 23.23 14.47 -26.47
C ARG H 138 22.16 13.64 -25.74
N ARG H 139 21.80 14.05 -24.52
CA ARG H 139 20.76 13.33 -23.79
C ARG H 139 19.41 13.43 -24.51
N ALA H 140 19.13 14.61 -25.07
CA ALA H 140 17.90 14.80 -25.82
C ALA H 140 17.86 13.87 -27.03
N LEU H 141 18.99 13.80 -27.74
CA LEU H 141 19.11 12.91 -28.89
C LEU H 141 18.89 11.46 -28.49
N ALA H 142 19.47 11.05 -27.35
CA ALA H 142 19.32 9.67 -26.88
C ALA H 142 17.87 9.34 -26.55
N VAL H 143 17.15 10.29 -25.95
CA VAL H 143 15.73 10.10 -25.69
C VAL H 143 14.91 9.94 -26.96
N LEU H 144 15.18 10.77 -27.96
CA LEU H 144 14.48 10.64 -29.23
C LEU H 144 14.69 9.26 -29.83
N GLU H 145 15.94 8.81 -29.83
CA GLU H 145 16.29 7.52 -30.42
C GLU H 145 15.58 6.37 -29.70
N ALA H 146 15.55 6.44 -28.38
CA ALA H 146 15.01 5.35 -27.55
C ALA H 146 13.48 5.33 -27.46
N GLU H 147 12.88 6.52 -27.54
CA GLU H 147 11.49 6.67 -27.13
C GLU H 147 10.53 7.24 -28.18
N ALA H 148 11.07 7.92 -29.19
CA ALA H 148 10.21 8.79 -30.00
C ALA H 148 10.19 8.61 -31.52
N ILE H 149 11.11 7.82 -32.07
CA ILE H 149 11.29 7.77 -33.53
C ILE H 149 10.02 7.39 -34.30
N ALA H 150 9.40 6.27 -33.92
CA ALA H 150 8.16 5.86 -34.57
C ALA H 150 7.07 6.91 -34.47
N GLU H 151 6.99 7.58 -33.31
CA GLU H 151 6.03 8.67 -33.13
C GLU H 151 6.28 9.84 -34.09
N LEU H 152 7.55 10.20 -34.26
CA LEU H 152 7.91 11.29 -35.16
C LEU H 152 7.54 10.92 -36.59
N ALA H 153 7.81 9.67 -36.94
CA ALA H 153 7.60 9.18 -38.30
C ALA H 153 6.11 9.09 -38.64
N SER H 154 5.28 8.91 -37.60
CA SER H 154 3.85 8.65 -37.80
C SER H 154 3.09 9.85 -38.38
N HIS H 155 3.61 11.06 -38.17
CA HIS H 155 2.94 12.28 -38.59
C HIS H 155 3.94 13.42 -38.61
N PHE H 156 4.18 14.00 -39.78
CA PHE H 156 5.07 15.17 -39.85
C PHE H 156 4.33 16.41 -39.33
N ASP H 157 4.30 16.52 -38.01
CA ASP H 157 3.49 17.52 -37.31
C ASP H 157 4.38 18.43 -36.49
N ILE H 158 3.81 19.07 -35.48
CA ILE H 158 4.56 20.00 -34.63
C ILE H 158 5.83 19.39 -34.05
N ALA H 159 5.76 18.15 -33.57
CA ALA H 159 6.90 17.49 -32.97
C ALA H 159 7.94 17.17 -34.03
N ALA H 160 7.50 16.56 -35.14
CA ALA H 160 8.41 16.14 -36.18
C ALA H 160 9.08 17.35 -36.84
N ILE H 161 8.29 18.40 -37.07
CA ILE H 161 8.85 19.61 -37.68
C ILE H 161 9.90 20.23 -36.77
N SER H 162 9.60 20.31 -35.48
CA SER H 162 10.51 20.95 -34.54
C SER H 162 11.79 20.16 -34.44
N VAL H 163 11.68 18.83 -34.32
CA VAL H 163 12.88 18.00 -34.26
C VAL H 163 13.71 18.14 -35.54
N ALA H 164 13.04 18.10 -36.69
CA ALA H 164 13.72 18.22 -37.98
C ALA H 164 14.54 19.50 -38.06
N CYS H 165 13.94 20.60 -37.61
CA CYS H 165 14.63 21.89 -37.65
C CYS H 165 15.78 21.94 -36.65
N ALA H 166 15.63 21.28 -35.51
CA ALA H 166 16.75 21.17 -34.58
C ALA H 166 17.93 20.41 -35.18
N LEU H 167 17.66 19.29 -35.85
CA LEU H 167 18.72 18.49 -36.44
C LEU H 167 19.38 19.22 -37.61
N GLY H 168 18.58 19.91 -38.41
CA GLY H 168 19.12 20.75 -39.47
C GLY H 168 20.10 21.77 -38.93
N TYR H 169 19.76 22.36 -37.78
CA TYR H 169 20.63 23.37 -37.20
C TYR H 169 21.92 22.73 -36.65
N LEU H 170 21.83 21.50 -36.13
CA LEU H 170 23.04 20.79 -35.71
C LEU H 170 23.98 20.55 -36.89
N ASP H 171 23.44 20.15 -38.04
CA ASP H 171 24.26 20.02 -39.24
C ASP H 171 24.90 21.35 -39.63
N PHE H 172 24.13 22.43 -39.50
CA PHE H 172 24.55 23.75 -39.97
C PHE H 172 25.68 24.33 -39.12
N ARG H 173 25.56 24.22 -37.79
CA ARG H 173 26.50 24.87 -36.88
C ARG H 173 27.36 23.93 -36.04
N HIS H 174 26.91 22.70 -35.81
CA HIS H 174 27.61 21.81 -34.87
C HIS H 174 27.89 20.38 -35.35
N PRO H 175 28.55 20.24 -36.52
CA PRO H 175 28.77 18.89 -37.06
C PRO H 175 29.73 18.06 -36.19
N ASP H 176 30.46 18.74 -35.32
CA ASP H 176 31.39 18.07 -34.40
C ASP H 176 30.68 17.17 -33.37
N LEU H 177 29.40 17.41 -33.16
CA LEU H 177 28.64 16.61 -32.19
C LEU H 177 28.35 15.20 -32.69
N GLU H 178 28.53 14.97 -34.00
CA GLU H 178 28.32 13.66 -34.60
C GLU H 178 26.96 13.09 -34.21
N TRP H 179 25.91 13.89 -34.38
CA TRP H 179 24.62 13.53 -33.81
C TRP H 179 24.05 12.21 -34.34
N ARG H 180 24.42 11.84 -35.56
CA ARG H 180 23.87 10.64 -36.17
C ARG H 180 24.40 9.35 -35.53
N GLN H 181 25.62 9.40 -34.99
CA GLN H 181 26.35 8.20 -34.57
C GLN H 181 25.60 7.24 -33.64
N ASP H 182 25.16 7.71 -32.49
CA ASP H 182 24.52 6.84 -31.53
C ASP H 182 23.02 6.70 -31.80
N HIS H 183 22.56 7.27 -32.92
CA HIS H 183 21.14 7.38 -33.20
C HIS H 183 20.75 7.09 -34.65
N PRO H 184 20.81 5.79 -35.04
CA PRO H 184 20.59 5.39 -36.42
C PRO H 184 19.15 5.50 -36.91
N GLN H 185 18.18 5.29 -36.02
CA GLN H 185 16.77 5.39 -36.42
C GLN H 185 16.39 6.85 -36.66
N LEU H 186 16.88 7.73 -35.80
CA LEU H 186 16.68 9.17 -35.96
C LEU H 186 17.35 9.66 -37.24
N ALA H 187 18.56 9.16 -37.48
CA ALA H 187 19.32 9.51 -38.68
C ALA H 187 18.56 9.11 -39.93
N ALA H 188 18.03 7.90 -39.94
CA ALA H 188 17.31 7.42 -41.10
C ALA H 188 16.03 8.21 -41.33
N TRP H 189 15.29 8.46 -40.25
CA TRP H 189 14.10 9.29 -40.31
C TRP H 189 14.41 10.67 -40.89
N TYR H 190 15.46 11.31 -40.37
CA TYR H 190 15.82 12.65 -40.83
C TYR H 190 16.24 12.68 -42.29
N PHE H 191 16.94 11.65 -42.71
CA PHE H 191 17.40 11.58 -44.10
C PHE H 191 16.20 11.57 -45.02
N GLU H 192 15.19 10.82 -44.63
CA GLU H 192 13.94 10.75 -45.37
C GLU H 192 13.18 12.08 -45.40
N ILE H 193 12.90 12.64 -44.24
CA ILE H 193 12.06 13.84 -44.19
C ILE H 193 12.75 15.10 -44.72
N SER H 194 14.08 15.07 -44.78
CA SER H 194 14.82 16.21 -45.34
C SER H 194 14.61 16.32 -46.85
N GLN H 195 14.06 15.27 -47.44
CA GLN H 195 13.76 15.26 -48.88
C GLN H 195 12.40 15.91 -49.14
N ARG H 196 11.63 16.18 -48.09
CA ARG H 196 10.34 16.81 -48.28
C ARG H 196 10.54 18.22 -48.84
N PRO H 197 9.66 18.63 -49.77
CA PRO H 197 9.75 19.96 -50.37
C PRO H 197 9.79 21.07 -49.34
N SER H 198 9.08 20.92 -48.24
CA SER H 198 9.06 21.92 -47.18
C SER H 198 10.45 22.09 -46.54
N MSE H 199 11.21 21.01 -46.46
CA MSE H 199 12.54 21.08 -45.89
C MSE H 199 13.57 21.63 -46.88
O MSE H 199 14.36 22.50 -46.54
CB MSE H 199 12.96 19.71 -45.33
CG MSE H 199 12.19 19.29 -44.06
SE MSE H 199 12.51 20.28 -42.56
CE MSE H 199 14.17 19.75 -42.15
N LEU H 200 13.55 21.13 -48.12
CA LEU H 200 14.45 21.67 -49.14
C LEU H 200 14.29 23.17 -49.36
N ALA H 201 13.06 23.67 -49.29
CA ALA H 201 12.79 25.09 -49.53
C ALA H 201 13.17 26.02 -48.37
N THR H 202 13.55 25.43 -47.24
CA THR H 202 13.79 26.23 -46.02
C THR H 202 15.20 26.01 -45.48
N ARG H 203 16.06 25.44 -46.32
CA ARG H 203 17.46 25.18 -45.96
C ARG H 203 18.20 26.44 -45.55
N PRO H 204 19.23 26.28 -44.70
CA PRO H 204 20.07 27.40 -44.25
C PRO H 204 20.79 28.09 -45.42
N PRO H 205 21.22 29.34 -45.21
CA PRO H 205 21.83 30.13 -46.28
C PRO H 205 23.19 29.59 -46.72
N VAL H 206 23.56 29.87 -47.98
CA VAL H 206 24.93 29.69 -48.46
C VAL H 206 25.79 30.65 -47.65
N GLU H 207 26.92 30.16 -47.14
CA GLU H 207 27.73 30.94 -46.22
C GLU H 207 28.82 31.75 -46.91
N GLY H 208 29.27 31.26 -48.06
CA GLY H 208 30.39 31.91 -48.75
C GLY H 208 31.72 31.54 -48.12
N HIS H 209 32.79 31.77 -48.85
CA HIS H 209 34.13 31.33 -48.42
C HIS H 209 34.79 32.26 -47.41
O32 99T I . 4.51 25.96 12.72
C3 99T I . 5.07 24.99 13.29
O31 99T I . 4.85 24.73 14.50
CA3 99T I . 6.01 24.12 12.51
N3 99T I . 6.74 23.16 13.29
C2 99T I . 6.80 21.80 12.93
O2 99T I . 6.20 21.41 11.93
CA2 99T I . 7.59 20.87 13.80
CB2 99T I . 8.97 20.70 13.26
SG2 99T I . 10.10 19.96 14.37
N2 99T I . 6.84 19.65 13.83
CD1 99T I . 6.01 19.40 14.94
OE1 99T I . 5.94 20.21 15.86
CG1 99T I . 5.21 18.15 14.93
CB1 99T I . 4.39 17.86 16.14
CA1 99T I . 3.24 16.93 15.91
N1 99T I . 2.51 16.79 17.14
C1 99T I . 3.76 15.58 15.55
O01 99T I . 3.95 14.71 16.44
O02 99T I . 3.98 15.31 14.34
C08 99T I . 11.69 20.67 14.10
C09 99T I . 11.95 22.05 14.58
C10 99T I . 13.33 22.52 14.27
O11 99T I . 13.58 22.97 13.11
O12 99T I . 14.23 22.40 15.13
O32 99T J . -2.60 -25.75 -12.95
C3 99T J . -1.56 -25.13 -13.30
O31 99T J . -1.33 -24.86 -14.50
CA3 99T J . -0.58 -24.72 -12.25
N3 99T J . 0.62 -24.13 -12.77
C2 99T J . 1.08 -22.85 -12.34
O2 99T J . 0.42 -22.20 -11.51
CA2 99T J . 2.33 -22.35 -12.96
CB2 99T J . 3.50 -22.69 -12.09
SG2 99T J . 5.06 -22.53 -12.89
N2 99T J . 2.15 -20.95 -13.12
CD1 99T J . 1.75 -20.43 -14.37
OE1 99T J . 1.61 -21.17 -15.35
CG1 99T J . 1.51 -18.96 -14.47
CB1 99T J . 1.21 -18.42 -15.82
CA1 99T J . 0.55 -17.08 -15.89
N1 99T J . 0.23 -16.76 -17.27
C1 99T J . 1.46 -16.04 -15.32
O01 99T J . 2.18 -15.37 -16.08
O02 99T J . 1.47 -15.83 -14.09
C08 99T J . 6.14 -23.80 -12.28
C09 99T J . 5.91 -25.20 -12.69
C10 99T J . 6.85 -26.19 -12.08
O11 99T J . 7.88 -26.53 -12.69
O12 99T J . 6.62 -26.64 -10.92
O32 99T K . 2.23 -23.10 -32.03
C3 99T K . 1.18 -22.62 -31.52
O31 99T K . 0.93 -22.77 -30.30
CA3 99T K . 0.19 -21.89 -32.37
N3 99T K . -0.96 -21.39 -31.67
C2 99T K . -1.34 -20.01 -31.74
O2 99T K . -0.68 -19.20 -32.38
CA2 99T K . -2.53 -19.57 -30.98
CB2 99T K . -3.68 -19.36 -31.91
SG2 99T K . -5.25 -19.76 -31.23
N2 99T K . -2.22 -18.31 -30.43
CD1 99T K . -1.69 -18.21 -29.11
OE1 99T K . -1.51 -19.21 -28.42
CG1 99T K . -1.36 -16.85 -28.61
CB1 99T K . -1.19 -16.67 -27.15
CA1 99T K . -0.44 -15.46 -26.79
N1 99T K . -0.19 -15.52 -25.37
C1 99T K . -1.25 -14.26 -27.15
O01 99T K . -2.03 -13.80 -26.28
O02 99T K . -1.12 -13.68 -28.27
C08 99T K . -5.79 -21.12 -32.23
C09 99T K . -6.92 -21.99 -31.79
C10 99T K . -7.71 -22.69 -32.86
O11 99T K . -7.36 -22.57 -34.06
O12 99T K . -8.73 -23.41 -32.58
O32 99T L . 20.70 23.26 -16.70
C3 99T L . 19.82 24.15 -16.57
O31 99T L . 19.63 25.01 -17.47
CA3 99T L . 18.94 24.19 -15.36
N3 99T L . 18.13 25.36 -15.30
C2 99T L . 16.73 25.29 -15.06
O2 99T L . 16.17 24.20 -14.92
CA2 99T L . 15.96 26.56 -15.02
CB2 99T L . 15.79 27.01 -13.60
SG2 99T L . 15.29 28.69 -13.44
N2 99T L . 14.70 26.30 -15.66
CD1 99T L . 14.51 26.71 -17.01
OE1 99T L . 15.39 27.30 -17.62
CG1 99T L . 13.20 26.40 -17.67
CB1 99T L . 12.97 26.85 -19.06
CA1 99T L . 11.93 26.10 -19.81
N1 99T L . 11.88 26.59 -21.16
C1 99T L . 10.60 26.28 -19.14
O01 99T L . 9.85 27.23 -19.50
O02 99T L . 10.25 25.47 -18.24
C08 99T L . 16.09 29.40 -12.03
C09 99T L . 17.55 29.73 -12.05
C10 99T L . 18.10 30.27 -10.76
O11 99T L . 18.45 29.46 -9.85
O12 99T L . 18.22 31.50 -10.56
O32 99T M . 3.02 -28.01 21.91
C3 99T M . 2.05 -28.62 21.37
O31 99T M . 1.22 -29.26 22.09
CA3 99T M . 1.87 -28.58 19.89
N3 99T M . 0.75 -29.33 19.43
C2 99T M . -0.33 -28.73 18.72
O2 99T M . -0.34 -27.53 18.47
CA2 99T M . -1.46 -29.61 18.29
CB2 99T M . -1.22 -30.03 16.88
SG2 99T M . -2.09 -31.48 16.35
N2 99T M . -2.65 -28.83 18.41
CD1 99T M . -3.52 -28.91 19.54
OE1 99T M . -3.31 -29.68 20.48
CG1 99T M . -4.74 -28.04 19.58
CB1 99T M . -5.78 -28.32 20.61
CA1 99T M . -6.62 -27.14 20.96
N1 99T M . -7.47 -27.49 22.07
C1 99T M . -7.44 -26.72 19.80
O01 99T M . -8.56 -27.26 19.63
O02 99T M . -7.07 -25.80 19.02
C08 99T M . -1.17 -32.34 15.12
C09 99T M . -0.06 -33.26 15.50
C10 99T M . 0.53 -34.12 14.44
O11 99T M . 1.48 -33.72 13.70
O12 99T M . 0.08 -35.29 14.24
C BEZ N . -6.18 26.41 31.08
O1 BEZ N . -6.56 26.82 32.21
O2 BEZ N . -6.38 27.12 30.09
C1 BEZ N . -5.51 25.09 30.95
C2 BEZ N . -5.50 24.18 32.00
C3 BEZ N . -4.86 22.96 31.85
C4 BEZ N . -4.25 22.62 30.64
C5 BEZ N . -4.27 23.53 29.59
C6 BEZ N . -4.90 24.75 29.74
CA AKR O . -1.20 16.59 26.52
CB AKR O . -1.35 17.80 25.91
C AKR O . -2.23 15.53 26.41
O AKR O . -2.83 15.33 25.32
OXT AKR O . -2.48 14.80 27.41
O32 99T P . -9.09 -40.45 31.98
C3 99T P . -9.04 -39.22 32.22
O31 99T P . -8.41 -38.45 31.46
CA3 99T P . -9.76 -38.69 33.41
N3 99T P . -9.44 -37.32 33.67
C2 99T P . -10.47 -36.37 33.90
O2 99T P . -11.65 -36.70 33.88
CA2 99T P . -10.05 -34.97 34.16
CB2 99T P . -10.02 -34.71 35.63
SG2 99T P . -9.18 -33.25 36.09
N2 99T P . -11.00 -34.14 33.49
CD1 99T P . -10.62 -33.54 32.26
OE1 99T P . -9.49 -33.73 31.81
CG1 99T P . -11.61 -32.69 31.53
CB1 99T P . -11.18 -32.05 30.26
CA1 99T P . -12.27 -31.68 29.32
N1 99T P . -11.71 -31.17 28.09
C1 99T P . -13.10 -30.63 29.97
O01 99T P . -12.86 -29.42 29.76
O02 99T P . -14.06 -30.95 30.72
C08 99T P . -8.37 -33.54 37.62
C09 99T P . -7.21 -34.46 37.66
C10 99T P . -6.63 -34.63 39.02
O11 99T P . -7.15 -35.48 39.80
O12 99T P . -5.66 -33.93 39.38
C BEZ Q . 22.58 31.57 -36.50
O1 BEZ Q . 23.10 30.47 -36.19
O2 BEZ Q . 23.16 32.29 -37.32
C1 BEZ Q . 21.30 32.02 -35.88
C2 BEZ Q . 20.62 33.13 -36.37
C3 BEZ Q . 19.42 33.53 -35.79
C4 BEZ Q . 18.89 32.83 -34.70
C5 BEZ Q . 19.58 31.72 -34.21
C6 BEZ Q . 20.76 31.32 -34.80
CA AKR R . 12.50 31.88 -29.97
CB AKR R . 13.60 32.33 -30.67
C AKR R . 11.33 31.32 -30.71
O AKR R . 10.99 30.12 -30.52
OXT AKR R . 10.65 32.04 -31.48
#